data_5XDC
#
_entry.id   5XDC
#
_cell.length_a   100.830
_cell.length_b   100.830
_cell.length_c   424.490
_cell.angle_alpha   90.00
_cell.angle_beta   90.00
_cell.angle_gamma   90.00
#
_symmetry.space_group_name_H-M   'P 41 21 2'
#
loop_
_entity.id
_entity.type
_entity.pdbx_description
1 polymer 'Thermophilic dibenzothiophene desulfurization enzyme C'
2 non-polymer INDOLE
3 non-polymer 'SULFATE ION'
4 non-polymer GLYCEROL
5 water water
#
_entity_poly.entity_id   1
_entity_poly.type   'polypeptide(L)'
_entity_poly.pdbx_seq_one_letter_code
;MRTIHANSSAVREDHRALDVATELAKTFRVTVRERERAGGTPKAERDAIRRSGLLTLLISKERGGLGESWPTVYEAIAEI
ASADASLGHLFGYHFSNFAYVDLFASPEQKARWYPQAVRERWFLGNASSENNAHVLDWRVTATPLPDGSYEINGTKAFCS
GSADADRLLVFAVTSRDPNGDGRIVAALIPSDRAGVQVNGDWDSLGMRQTDSGSVTFSGVVVYPDELLGTPGQVTDAFAS
GSKPSLWTPITQLIFTHLYLGIARGALEEAAHYSRSHSRPFTLAGVEKATEDPYVLAIYGEFAAQLQVAEAGAREVALRV
QELWERNHVTPEQRGQLMVQVASAKIVATRLVIELTSRLYEAMGARAAASRQFGFDRFWRDARTHTLHDPVAYKIREVGN
WFLNHRFPTPSFYS
;
_entity_poly.pdbx_strand_id   A,B,C,D
#
# COMPACT_ATOMS: atom_id res chain seq x y z
N ASP A 14 24.55 -12.89 30.24
CA ASP A 14 25.12 -13.92 29.38
C ASP A 14 24.44 -13.92 28.01
N HIS A 15 25.26 -13.91 26.95
CA HIS A 15 24.79 -14.17 25.60
C HIS A 15 25.13 -15.59 25.15
N ARG A 16 25.33 -16.51 26.10
CA ARG A 16 25.69 -17.88 25.76
C ARG A 16 24.60 -18.56 24.94
N ALA A 17 23.35 -18.51 25.44
CA ALA A 17 22.24 -19.17 24.74
C ALA A 17 22.07 -18.64 23.33
N LEU A 18 22.17 -17.31 23.16
CA LEU A 18 21.98 -16.74 21.83
C LEU A 18 23.11 -17.13 20.89
N ASP A 19 24.34 -17.21 21.41
CA ASP A 19 25.43 -17.74 20.60
C ASP A 19 25.14 -19.16 20.16
N VAL A 20 24.65 -20.00 21.08
CA VAL A 20 24.29 -21.38 20.73
C VAL A 20 23.25 -21.37 19.62
N ALA A 21 22.23 -20.51 19.74
CA ALA A 21 21.18 -20.46 18.74
C ALA A 21 21.71 -20.00 17.39
N THR A 22 22.56 -18.98 17.40
CA THR A 22 23.18 -18.49 16.17
C THR A 22 23.98 -19.59 15.47
N GLU A 23 24.77 -20.36 16.23
CA GLU A 23 25.54 -21.45 15.63
C GLU A 23 24.61 -22.53 15.08
N LEU A 24 23.55 -22.88 15.80
CA LEU A 24 22.56 -23.81 15.25
C LEU A 24 22.02 -23.30 13.94
N ALA A 25 21.64 -22.01 13.90
CA ALA A 25 21.03 -21.46 12.70
C ALA A 25 21.96 -21.55 11.51
N LYS A 26 23.25 -21.22 11.72
N LYS A 26 23.24 -21.21 11.72
CA LYS A 26 24.22 -21.32 10.64
CA LYS A 26 24.24 -21.31 10.65
C LYS A 26 24.25 -22.72 10.05
C LYS A 26 24.27 -22.72 10.07
N THR A 27 24.28 -23.74 10.92
CA THR A 27 24.27 -25.12 10.45
C THR A 27 23.02 -25.41 9.62
N PHE A 28 21.86 -24.93 10.08
CA PHE A 28 20.62 -25.24 9.38
C PHE A 28 20.58 -24.62 7.99
N ARG A 29 21.19 -23.45 7.83
CA ARG A 29 21.17 -22.79 6.53
C ARG A 29 21.84 -23.64 5.45
N VAL A 30 22.85 -24.42 5.84
CA VAL A 30 23.63 -25.18 4.87
C VAL A 30 22.75 -26.14 4.10
N THR A 31 21.77 -26.75 4.76
CA THR A 31 21.01 -27.86 4.21
C THR A 31 19.53 -27.56 4.02
N VAL A 32 19.06 -26.38 4.39
CA VAL A 32 17.61 -26.15 4.39
C VAL A 32 17.02 -26.28 3.00
N ARG A 33 17.74 -25.87 1.96
N ARG A 33 17.76 -25.88 1.96
CA ARG A 33 17.18 -25.96 0.61
CA ARG A 33 17.24 -25.95 0.60
C ARG A 33 16.79 -27.40 0.28
C ARG A 33 16.83 -27.37 0.23
N GLU A 34 17.72 -28.34 0.45
CA GLU A 34 17.41 -29.73 0.11
C GLU A 34 16.41 -30.33 1.08
N ARG A 35 16.53 -30.02 2.36
CA ARG A 35 15.64 -30.63 3.34
C ARG A 35 14.20 -30.20 3.14
N GLU A 36 13.95 -28.90 2.94
CA GLU A 36 12.55 -28.49 2.90
C GLU A 36 11.87 -28.96 1.62
N ARG A 37 12.63 -29.16 0.54
CA ARG A 37 12.07 -29.76 -0.66
C ARG A 37 11.52 -31.15 -0.37
N ALA A 38 12.29 -31.97 0.36
CA ALA A 38 11.85 -33.32 0.69
C ALA A 38 10.66 -33.33 1.65
N GLY A 39 10.53 -32.30 2.49
CA GLY A 39 9.50 -32.36 3.49
C GLY A 39 9.85 -33.38 4.56
N GLY A 40 8.82 -33.98 5.12
CA GLY A 40 9.07 -34.96 6.18
C GLY A 40 9.68 -34.34 7.44
N THR A 41 10.30 -35.22 8.23
CA THR A 41 10.74 -34.87 9.57
C THR A 41 12.22 -34.53 9.57
N PRO A 42 12.63 -33.36 10.05
CA PRO A 42 14.05 -32.99 10.12
C PRO A 42 14.71 -33.57 11.37
N LYS A 43 14.77 -34.90 11.42
CA LYS A 43 15.20 -35.61 12.63
C LYS A 43 16.59 -35.19 13.07
N ALA A 44 17.54 -35.17 12.16
CA ALA A 44 18.90 -34.80 12.54
C ALA A 44 18.94 -33.41 13.15
N GLU A 45 18.13 -32.49 12.62
CA GLU A 45 18.17 -31.13 13.12
C GLU A 45 17.45 -31.02 14.46
N ARG A 46 16.39 -31.80 14.65
CA ARG A 46 15.71 -31.83 15.94
C ARG A 46 16.64 -32.39 17.01
N ASP A 47 17.41 -33.43 16.67
CA ASP A 47 18.40 -33.93 17.62
C ASP A 47 19.50 -32.91 17.90
N ALA A 48 19.94 -32.16 16.87
CA ALA A 48 20.86 -31.06 17.14
C ALA A 48 20.28 -30.05 18.14
N ILE A 49 19.00 -29.74 18.02
CA ILE A 49 18.39 -28.83 18.98
C ILE A 49 18.38 -29.45 20.38
N ARG A 50 18.12 -30.76 20.47
CA ARG A 50 18.21 -31.47 21.75
C ARG A 50 19.61 -31.36 22.35
N ARG A 51 20.65 -31.64 21.54
CA ARG A 51 22.01 -31.54 22.05
C ARG A 51 22.34 -30.14 22.54
N SER A 52 21.72 -29.11 21.96
CA SER A 52 22.08 -27.74 22.28
C SER A 52 21.70 -27.33 23.70
N GLY A 53 20.75 -28.01 24.33
CA GLY A 53 20.21 -27.60 25.60
C GLY A 53 19.14 -26.53 25.55
N LEU A 54 18.94 -25.87 24.41
CA LEU A 54 18.05 -24.72 24.38
C LEU A 54 16.59 -25.07 24.64
N LEU A 55 16.18 -26.32 24.45
CA LEU A 55 14.82 -26.70 24.79
C LEU A 55 14.53 -26.48 26.28
N THR A 56 15.58 -26.37 27.10
CA THR A 56 15.45 -26.22 28.55
C THR A 56 15.59 -24.77 28.99
N LEU A 57 15.47 -23.81 28.07
CA LEU A 57 15.77 -22.42 28.38
C LEU A 57 14.97 -21.91 29.57
N LEU A 58 13.72 -22.30 29.70
CA LEU A 58 12.86 -21.75 30.74
C LEU A 58 12.75 -22.63 31.97
N ILE A 59 13.45 -23.77 31.99
CA ILE A 59 13.48 -24.62 33.19
C ILE A 59 14.54 -24.07 34.14
N SER A 60 14.19 -24.01 35.43
CA SER A 60 15.10 -23.43 36.41
C SER A 60 16.40 -24.23 36.47
N LYS A 61 17.48 -23.54 36.84
CA LYS A 61 18.76 -24.21 37.00
C LYS A 61 18.65 -25.31 38.05
N GLU A 62 17.88 -25.07 39.11
N GLU A 62 17.85 -25.08 39.08
CA GLU A 62 17.68 -26.08 40.14
CA GLU A 62 17.66 -26.06 40.15
C GLU A 62 17.10 -27.37 39.56
C GLU A 62 17.00 -27.33 39.65
N ARG A 63 16.20 -27.25 38.59
CA ARG A 63 15.60 -28.41 37.95
C ARG A 63 16.43 -28.92 36.75
N GLY A 64 17.62 -28.36 36.52
CA GLY A 64 18.51 -28.81 35.47
C GLY A 64 18.51 -27.97 34.21
N GLY A 65 17.68 -26.93 34.14
CA GLY A 65 17.58 -26.10 32.95
C GLY A 65 18.56 -24.95 32.95
N LEU A 66 18.35 -24.03 32.01
CA LEU A 66 19.26 -22.90 31.83
C LEU A 66 18.85 -21.67 32.62
N GLY A 67 17.64 -21.65 33.17
CA GLY A 67 17.24 -20.50 33.98
C GLY A 67 17.16 -19.21 33.22
N GLU A 68 16.80 -19.27 31.94
CA GLU A 68 16.79 -18.10 31.07
C GLU A 68 15.40 -17.47 31.06
N SER A 69 15.24 -16.42 30.24
CA SER A 69 14.04 -15.60 30.24
C SER A 69 13.36 -15.60 28.87
N TRP A 70 12.14 -15.10 28.84
CA TRP A 70 11.39 -15.04 27.59
C TRP A 70 12.09 -14.18 26.53
N PRO A 71 12.68 -13.03 26.85
CA PRO A 71 13.36 -12.26 25.79
C PRO A 71 14.43 -13.06 25.06
N THR A 72 15.17 -13.88 25.81
CA THR A 72 16.14 -14.79 25.20
C THR A 72 15.45 -15.81 24.31
N VAL A 73 14.37 -16.41 24.79
CA VAL A 73 13.64 -17.40 23.99
C VAL A 73 13.18 -16.77 22.68
N TYR A 74 12.58 -15.58 22.76
CA TYR A 74 12.07 -14.94 21.55
C TYR A 74 13.17 -14.63 20.55
N GLU A 75 14.29 -14.10 21.02
N GLU A 75 14.32 -14.15 21.03
CA GLU A 75 15.41 -13.86 20.11
CA GLU A 75 15.42 -13.84 20.12
C GLU A 75 15.86 -15.16 19.47
C GLU A 75 16.03 -15.11 19.53
N ALA A 76 15.99 -16.22 20.27
CA ALA A 76 16.44 -17.51 19.71
C ALA A 76 15.46 -18.01 18.66
N ILE A 77 14.16 -17.88 18.90
CA ILE A 77 13.16 -18.30 17.92
C ILE A 77 13.37 -17.55 16.61
N ALA A 78 13.51 -16.23 16.69
CA ALA A 78 13.65 -15.42 15.47
C ALA A 78 14.94 -15.78 14.73
N GLU A 79 16.04 -15.99 15.47
CA GLU A 79 17.31 -16.34 14.85
C GLU A 79 17.20 -17.67 14.11
N ILE A 80 16.65 -18.70 14.76
CA ILE A 80 16.53 -20.00 14.11
C ILE A 80 15.57 -19.91 12.92
N ALA A 81 14.45 -19.20 13.07
CA ALA A 81 13.48 -19.07 11.99
C ALA A 81 14.09 -18.38 10.78
N SER A 82 15.04 -17.48 11.01
CA SER A 82 15.65 -16.77 9.89
C SER A 82 16.43 -17.72 9.01
N ALA A 83 16.91 -18.83 9.56
CA ALA A 83 17.70 -19.83 8.85
C ALA A 83 16.83 -20.94 8.28
N ASP A 84 15.81 -21.36 9.03
CA ASP A 84 14.96 -22.48 8.64
C ASP A 84 13.63 -22.26 9.34
N ALA A 85 12.61 -21.85 8.59
CA ALA A 85 11.35 -21.49 9.22
C ALA A 85 10.69 -22.68 9.88
N SER A 86 10.83 -23.88 9.31
CA SER A 86 10.20 -25.05 9.92
C SER A 86 10.85 -25.36 11.26
N LEU A 87 12.17 -25.28 11.34
CA LEU A 87 12.83 -25.50 12.63
C LEU A 87 12.52 -24.36 13.59
N GLY A 88 12.41 -23.12 13.10
CA GLY A 88 12.01 -22.03 13.97
C GLY A 88 10.61 -22.24 14.52
N HIS A 89 9.70 -22.71 13.67
CA HIS A 89 8.33 -23.02 14.08
C HIS A 89 8.30 -24.12 15.12
N LEU A 90 9.03 -25.21 14.88
CA LEU A 90 9.03 -26.32 15.82
C LEU A 90 9.58 -25.90 17.17
N PHE A 91 10.70 -25.20 17.14
CA PHE A 91 11.35 -24.66 18.33
C PHE A 91 10.41 -23.69 19.05
N GLY A 92 9.79 -22.76 18.31
CA GLY A 92 8.84 -21.86 18.92
C GLY A 92 7.64 -22.56 19.54
N TYR A 93 7.04 -23.49 18.81
CA TYR A 93 5.87 -24.21 19.32
C TYR A 93 6.21 -25.01 20.57
N HIS A 94 7.43 -25.56 20.62
CA HIS A 94 7.87 -26.23 21.85
C HIS A 94 7.69 -25.31 23.05
N PHE A 95 8.05 -24.02 22.90
CA PHE A 95 7.92 -23.10 24.02
C PHE A 95 6.48 -22.67 24.27
N SER A 96 5.64 -22.61 23.22
CA SER A 96 4.21 -22.45 23.48
C SER A 96 3.67 -23.62 24.29
N ASN A 97 4.06 -24.84 23.92
CA ASN A 97 3.64 -26.03 24.64
C ASN A 97 4.18 -26.02 26.06
N PHE A 98 5.45 -25.63 26.21
CA PHE A 98 6.05 -25.56 27.53
C PHE A 98 5.34 -24.53 28.39
N ALA A 99 5.03 -23.37 27.81
CA ALA A 99 4.32 -22.34 28.56
C ALA A 99 3.00 -22.88 29.11
N TYR A 100 2.23 -23.57 28.27
CA TYR A 100 0.97 -24.16 28.73
C TYR A 100 1.21 -25.11 29.90
N VAL A 101 2.13 -26.06 29.72
CA VAL A 101 2.50 -26.98 30.79
C VAL A 101 2.84 -26.21 32.06
N ASP A 102 3.72 -25.22 31.94
CA ASP A 102 4.20 -24.53 33.13
C ASP A 102 3.10 -23.73 33.81
N LEU A 103 2.13 -23.22 33.04
CA LEU A 103 1.04 -22.45 33.63
C LEU A 103 0.01 -23.31 34.35
N PHE A 104 -0.04 -24.63 34.08
CA PHE A 104 -1.04 -25.50 34.68
C PHE A 104 -0.47 -26.64 35.51
N ALA A 105 0.82 -26.94 35.38
CA ALA A 105 1.37 -28.10 36.06
C ALA A 105 1.44 -27.88 37.57
N SER A 106 1.20 -28.96 38.31
CA SER A 106 1.35 -28.94 39.75
C SER A 106 2.83 -28.93 40.16
N PRO A 107 3.12 -28.54 41.39
CA PRO A 107 4.51 -28.66 41.88
C PRO A 107 5.06 -30.06 41.74
N GLU A 108 4.23 -31.08 41.96
CA GLU A 108 4.65 -32.46 41.80
C GLU A 108 5.01 -32.74 40.34
N GLN A 109 4.17 -32.30 39.41
CA GLN A 109 4.45 -32.51 38.00
C GLN A 109 5.73 -31.81 37.56
N LYS A 110 5.97 -30.59 38.04
CA LYS A 110 7.19 -29.88 37.66
C LYS A 110 8.43 -30.59 38.21
N ALA A 111 8.33 -31.11 39.44
CA ALA A 111 9.47 -31.77 40.05
C ALA A 111 9.82 -33.07 39.33
N ARG A 112 8.81 -33.74 38.79
CA ARG A 112 8.99 -34.97 38.03
C ARG A 112 9.39 -34.65 36.59
N TRP A 113 8.59 -33.83 35.92
CA TRP A 113 8.75 -33.65 34.47
C TRP A 113 9.98 -32.84 34.11
N TYR A 114 10.34 -31.82 34.89
CA TYR A 114 11.29 -30.89 34.33
C TYR A 114 12.68 -31.53 34.34
N PRO A 115 13.11 -32.20 35.42
CA PRO A 115 14.38 -32.94 35.32
C PRO A 115 14.35 -34.03 34.25
N GLN A 116 13.22 -34.70 34.09
CA GLN A 116 13.08 -35.70 33.04
C GLN A 116 13.18 -35.06 31.66
N ALA A 117 12.64 -33.85 31.50
CA ALA A 117 12.74 -33.17 30.21
C ALA A 117 14.17 -32.78 29.88
N VAL A 118 14.97 -32.49 30.90
CA VAL A 118 16.38 -32.18 30.71
C VAL A 118 17.14 -33.44 30.31
N ARG A 119 16.88 -34.53 31.01
CA ARG A 119 17.63 -35.77 30.84
C ARG A 119 17.23 -36.49 29.55
N GLU A 120 15.94 -36.55 29.27
CA GLU A 120 15.44 -37.18 28.07
C GLU A 120 15.40 -36.23 26.88
N ARG A 121 15.70 -34.96 27.11
CA ARG A 121 15.75 -33.91 26.06
C ARG A 121 14.43 -33.83 25.30
N TRP A 122 13.36 -33.62 26.05
CA TRP A 122 12.02 -33.50 25.49
C TRP A 122 11.92 -32.37 24.48
N PHE A 123 11.37 -32.70 23.33
CA PHE A 123 10.98 -31.75 22.29
C PHE A 123 9.47 -31.89 22.22
N LEU A 124 8.73 -30.87 22.69
CA LEU A 124 7.30 -31.02 22.91
C LEU A 124 6.52 -30.75 21.63
N GLY A 125 5.54 -31.60 21.37
CA GLY A 125 4.63 -31.45 20.25
C GLY A 125 3.23 -31.15 20.72
N ASN A 126 2.36 -30.87 19.76
CA ASN A 126 1.06 -30.27 20.01
C ASN A 126 -0.01 -31.04 19.25
N ALA A 127 -1.04 -31.48 19.95
CA ALA A 127 -2.14 -32.19 19.30
C ALA A 127 -3.44 -32.14 20.08
N SER A 128 -4.12 -30.99 20.11
CA SER A 128 -3.70 -29.77 19.45
C SER A 128 -4.43 -28.60 20.08
N SER A 129 -3.74 -27.47 20.23
CA SER A 129 -4.32 -26.27 20.83
C SER A 129 -4.94 -25.33 19.80
N GLU A 130 -5.11 -25.79 18.56
CA GLU A 130 -5.55 -24.96 17.43
C GLU A 130 -6.79 -25.62 16.83
N ASN A 131 -7.90 -25.51 17.56
N ASN A 131 -7.94 -25.42 17.48
CA ASN A 131 -9.19 -26.05 17.16
CA ASN A 131 -9.13 -26.16 17.05
C ASN A 131 -10.04 -24.88 16.69
C ASN A 131 -9.86 -25.47 15.90
N ASN A 132 -10.19 -24.76 15.37
N ASN A 132 -10.18 -24.19 16.06
CA ASN A 132 -11.01 -23.69 14.80
CA ASN A 132 -10.97 -23.44 15.07
C ASN A 132 -12.49 -24.04 14.94
C ASN A 132 -12.41 -23.97 14.99
N ALA A 133 -12.96 -24.32 16.15
CA ALA A 133 -14.33 -24.78 16.29
C ALA A 133 -14.77 -24.58 17.73
N HIS A 134 -16.08 -24.42 17.92
CA HIS A 134 -16.65 -24.27 19.25
C HIS A 134 -16.43 -25.54 20.07
N VAL A 135 -16.26 -25.37 21.39
CA VAL A 135 -15.82 -26.45 22.25
C VAL A 135 -16.68 -27.71 22.05
N LEU A 136 -18.00 -27.54 21.97
CA LEU A 136 -18.88 -28.68 21.78
C LEU A 136 -18.62 -29.39 20.45
N ASP A 137 -18.07 -28.69 19.47
CA ASP A 137 -17.82 -29.27 18.15
C ASP A 137 -16.40 -29.82 18.01
N TRP A 138 -15.66 -29.98 19.10
CA TRP A 138 -14.27 -30.40 19.00
C TRP A 138 -14.17 -31.85 18.53
N ARG A 139 -13.10 -32.12 17.78
CA ARG A 139 -12.93 -33.43 17.15
C ARG A 139 -12.70 -34.55 18.16
N VAL A 140 -12.15 -34.25 19.34
CA VAL A 140 -11.59 -35.26 20.22
C VAL A 140 -12.29 -35.21 21.57
N THR A 141 -12.77 -36.35 22.04
CA THR A 141 -13.50 -36.41 23.29
C THR A 141 -12.73 -37.17 24.36
N ALA A 142 -13.02 -36.83 25.62
CA ALA A 142 -12.42 -37.48 26.77
C ALA A 142 -13.54 -38.08 27.60
N THR A 143 -13.52 -39.40 27.74
CA THR A 143 -14.58 -40.09 28.48
C THR A 143 -13.99 -40.65 29.76
N PRO A 144 -14.66 -40.47 30.90
CA PRO A 144 -14.05 -40.90 32.18
C PRO A 144 -13.79 -42.39 32.21
N LEU A 145 -12.70 -42.75 32.88
CA LEU A 145 -12.38 -44.13 33.23
C LEU A 145 -12.24 -44.24 34.73
N PRO A 146 -12.28 -45.46 35.27
CA PRO A 146 -12.10 -45.62 36.72
C PRO A 146 -10.79 -45.02 37.20
N ASP A 147 -10.79 -44.68 38.50
CA ASP A 147 -9.61 -44.21 39.21
C ASP A 147 -9.10 -42.86 38.71
N GLY A 148 -9.97 -42.08 38.06
CA GLY A 148 -9.63 -40.74 37.68
C GLY A 148 -9.01 -40.59 36.30
N SER A 149 -8.89 -41.67 35.54
CA SER A 149 -8.34 -41.61 34.20
C SER A 149 -9.40 -41.17 33.20
N TYR A 150 -8.93 -40.81 32.01
CA TYR A 150 -9.80 -40.48 30.89
C TYR A 150 -9.34 -41.28 29.68
N GLU A 151 -10.27 -41.55 28.78
CA GLU A 151 -10.00 -42.17 27.50
C GLU A 151 -10.20 -41.13 26.40
N ILE A 152 -9.20 -40.97 25.54
CA ILE A 152 -9.25 -39.99 24.46
C ILE A 152 -9.53 -40.71 23.14
N ASN A 153 -10.48 -40.18 22.36
CA ASN A 153 -10.83 -40.71 21.04
C ASN A 153 -11.08 -39.57 20.07
N GLY A 154 -10.56 -39.72 18.85
CA GLY A 154 -10.83 -38.78 17.78
C GLY A 154 -9.62 -38.41 16.95
N THR A 155 -9.83 -37.68 15.86
CA THR A 155 -8.75 -37.21 14.99
C THR A 155 -8.74 -35.70 14.97
N LYS A 156 -7.57 -35.11 15.21
CA LYS A 156 -7.39 -33.67 15.04
C LYS A 156 -6.34 -33.41 13.95
N ALA A 157 -6.59 -32.38 13.14
CA ALA A 157 -5.63 -31.95 12.14
C ALA A 157 -4.72 -30.85 12.68
N PHE A 158 -3.73 -30.49 11.88
CA PHE A 158 -2.79 -29.40 12.20
C PHE A 158 -2.13 -29.62 13.56
N CYS A 159 -1.65 -30.84 13.78
CA CYS A 159 -0.98 -31.15 15.04
C CYS A 159 0.48 -30.79 14.88
N SER A 160 0.80 -29.53 15.18
CA SER A 160 2.12 -28.99 14.90
C SER A 160 3.20 -29.76 15.64
N GLY A 161 4.24 -30.14 14.91
CA GLY A 161 5.38 -30.79 15.51
C GLY A 161 5.04 -32.11 16.17
N SER A 162 4.08 -32.86 15.60
CA SER A 162 3.62 -34.09 16.23
C SER A 162 4.52 -35.28 15.95
N ALA A 163 5.48 -35.18 15.03
CA ALA A 163 6.40 -36.26 14.75
C ALA A 163 7.68 -36.08 15.56
N ASP A 164 8.26 -37.20 16.00
CA ASP A 164 9.49 -37.16 16.81
C ASP A 164 9.28 -36.30 18.05
N ALA A 165 8.05 -36.26 18.56
CA ALA A 165 7.74 -35.51 19.78
C ALA A 165 7.81 -36.45 20.97
N ASP A 166 8.54 -36.05 22.00
CA ASP A 166 8.71 -36.92 23.16
C ASP A 166 7.48 -36.93 24.03
N ARG A 167 6.80 -35.79 24.14
CA ARG A 167 5.51 -35.70 24.77
C ARG A 167 4.62 -34.87 23.86
N LEU A 168 3.33 -35.21 23.84
CA LEU A 168 2.32 -34.44 23.14
C LEU A 168 1.43 -33.73 24.17
N LEU A 169 1.22 -32.44 23.95
CA LEU A 169 0.18 -31.71 24.66
C LEU A 169 -1.14 -31.93 23.94
N VAL A 170 -2.08 -32.59 24.60
CA VAL A 170 -3.33 -32.97 23.95
C VAL A 170 -4.49 -32.32 24.67
N PHE A 171 -5.53 -31.99 23.88
CA PHE A 171 -6.75 -31.36 24.35
C PHE A 171 -7.93 -32.19 23.91
N ALA A 172 -8.90 -32.37 24.80
CA ALA A 172 -10.12 -33.07 24.46
C ALA A 172 -11.27 -32.45 25.24
N VAL A 173 -12.49 -32.79 24.83
N VAL A 173 -12.49 -32.81 24.85
CA VAL A 173 -13.71 -32.32 25.48
CA VAL A 173 -13.70 -32.30 25.49
C VAL A 173 -14.36 -33.50 26.19
C VAL A 173 -14.41 -33.47 26.16
N THR A 174 -14.75 -33.29 27.45
CA THR A 174 -15.36 -34.37 28.21
C THR A 174 -16.73 -34.76 27.64
N SER A 175 -17.04 -36.05 27.75
CA SER A 175 -18.34 -36.58 27.38
C SER A 175 -18.62 -37.80 28.24
N ARG A 176 -19.91 -38.10 28.39
CA ARG A 176 -20.32 -39.18 29.30
C ARG A 176 -19.68 -38.98 30.66
N ASP A 177 -19.63 -37.72 31.10
CA ASP A 177 -18.88 -37.33 32.28
C ASP A 177 -19.83 -36.84 33.37
N PRO A 178 -20.09 -37.62 34.42
CA PRO A 178 -21.04 -37.17 35.45
C PRO A 178 -20.64 -35.86 36.11
N ASN A 179 -19.38 -35.44 36.00
CA ASN A 179 -18.90 -34.19 36.58
C ASN A 179 -18.98 -33.02 35.61
N GLY A 180 -19.56 -33.21 34.43
CA GLY A 180 -19.78 -32.14 33.48
C GLY A 180 -19.26 -32.45 32.10
N ASP A 181 -20.15 -32.45 31.12
CA ASP A 181 -19.76 -32.59 29.73
C ASP A 181 -19.32 -31.25 29.17
N GLY A 182 -18.61 -31.29 28.05
CA GLY A 182 -18.20 -30.07 27.39
C GLY A 182 -17.02 -29.36 28.03
N ARG A 183 -16.32 -29.99 28.96
CA ARG A 183 -15.20 -29.37 29.65
C ARG A 183 -13.88 -29.75 28.98
N ILE A 184 -12.97 -28.79 28.88
CA ILE A 184 -11.71 -28.99 28.19
C ILE A 184 -10.73 -29.68 29.13
N VAL A 185 -10.27 -30.87 28.75
CA VAL A 185 -9.18 -31.52 29.46
C VAL A 185 -7.92 -31.31 28.64
N ALA A 186 -6.82 -31.04 29.33
CA ALA A 186 -5.51 -30.94 28.70
C ALA A 186 -4.58 -31.89 29.42
N ALA A 187 -3.70 -32.53 28.68
CA ALA A 187 -2.81 -33.53 29.27
C ALA A 187 -1.50 -33.56 28.51
N LEU A 188 -0.46 -34.04 29.19
CA LEU A 188 0.85 -34.22 28.58
C LEU A 188 1.14 -35.71 28.57
N ILE A 189 1.12 -36.32 27.38
CA ILE A 189 1.25 -37.78 27.32
C ILE A 189 2.41 -38.21 26.42
N PRO A 190 2.98 -39.39 26.63
CA PRO A 190 4.00 -39.88 25.70
C PRO A 190 3.41 -40.10 24.32
N SER A 191 4.21 -39.76 23.29
CA SER A 191 3.75 -39.92 21.91
C SER A 191 3.63 -41.38 21.53
N ASP A 192 4.29 -42.28 22.26
CA ASP A 192 4.21 -43.72 22.01
C ASP A 192 3.20 -44.42 22.91
N ARG A 193 2.34 -43.66 23.60
CA ARG A 193 1.22 -44.25 24.33
C ARG A 193 0.33 -45.02 23.35
N ALA A 194 -0.11 -46.21 23.76
CA ALA A 194 -0.93 -47.05 22.90
C ALA A 194 -2.17 -46.31 22.45
N GLY A 195 -2.47 -46.39 21.15
CA GLY A 195 -3.63 -45.75 20.58
C GLY A 195 -3.36 -44.41 19.94
N VAL A 196 -2.16 -43.86 20.10
CA VAL A 196 -1.78 -42.61 19.44
C VAL A 196 -1.20 -42.96 18.07
N GLN A 197 -1.82 -42.45 17.02
CA GLN A 197 -1.35 -42.64 15.65
C GLN A 197 -1.09 -41.27 15.03
N VAL A 198 0.18 -40.94 14.83
CA VAL A 198 0.58 -39.80 14.02
C VAL A 198 0.51 -40.21 12.55
N ASN A 199 -0.31 -39.52 11.76
CA ASN A 199 -0.67 -40.02 10.43
C ASN A 199 0.29 -39.64 9.32
N GLY A 200 1.14 -38.64 9.51
CA GLY A 200 2.15 -38.34 8.52
C GLY A 200 1.64 -37.77 7.21
N ASP A 201 0.55 -37.00 7.25
CA ASP A 201 -0.10 -36.50 6.04
C ASP A 201 0.15 -35.01 5.81
N TRP A 202 1.31 -34.51 6.22
CA TRP A 202 1.63 -33.09 6.06
C TRP A 202 2.42 -32.90 4.76
N ASP A 203 1.81 -32.18 3.82
CA ASP A 203 2.42 -31.93 2.51
C ASP A 203 1.98 -30.55 2.04
N SER A 204 2.75 -29.55 2.44
CA SER A 204 2.29 -28.16 2.44
C SER A 204 3.09 -27.29 1.47
N LEU A 205 2.56 -26.09 1.22
CA LEU A 205 3.26 -25.12 0.40
C LEU A 205 4.58 -24.71 1.04
N GLY A 206 4.53 -24.29 2.31
CA GLY A 206 5.68 -23.92 3.09
C GLY A 206 5.58 -24.53 4.47
N MET A 207 6.51 -24.20 5.36
CA MET A 207 6.57 -24.85 6.67
C MET A 207 6.56 -26.37 6.48
N ARG A 208 7.31 -26.83 5.47
CA ARG A 208 7.16 -28.18 4.97
C ARG A 208 7.73 -29.23 5.90
N GLN A 209 8.59 -28.86 6.84
CA GLN A 209 9.17 -29.82 7.76
C GLN A 209 8.67 -29.64 9.19
N THR A 210 7.46 -29.11 9.37
CA THR A 210 6.89 -28.95 10.71
C THR A 210 6.01 -30.11 11.13
N ASP A 211 5.79 -31.12 10.29
CA ASP A 211 4.98 -32.27 10.64
C ASP A 211 3.69 -31.84 11.33
N SER A 212 2.93 -30.98 10.64
CA SER A 212 1.69 -30.42 11.20
C SER A 212 0.46 -31.13 10.66
N GLY A 213 0.54 -32.45 10.46
CA GLY A 213 -0.58 -33.22 9.98
C GLY A 213 -1.51 -33.67 11.09
N SER A 214 -2.31 -34.68 10.78
CA SER A 214 -3.34 -35.14 11.70
C SER A 214 -2.80 -36.22 12.64
N VAL A 215 -3.45 -36.34 13.80
CA VAL A 215 -3.16 -37.37 14.78
C VAL A 215 -4.48 -38.02 15.16
N THR A 216 -4.50 -39.35 15.20
CA THR A 216 -5.70 -40.11 15.53
C THR A 216 -5.51 -40.78 16.88
N PHE A 217 -6.47 -40.55 17.80
CA PHE A 217 -6.46 -41.16 19.12
C PHE A 217 -7.50 -42.27 19.15
N SER A 218 -7.06 -43.50 19.46
CA SER A 218 -7.93 -44.68 19.53
C SER A 218 -7.82 -45.26 20.93
N GLY A 219 -8.83 -45.02 21.75
CA GLY A 219 -8.87 -45.57 23.11
C GLY A 219 -7.66 -45.22 23.95
N VAL A 220 -7.15 -43.99 23.83
CA VAL A 220 -5.90 -43.60 24.47
C VAL A 220 -6.17 -43.25 25.93
N VAL A 221 -5.42 -43.87 26.82
CA VAL A 221 -5.60 -43.67 28.25
C VAL A 221 -4.77 -42.47 28.71
N VAL A 222 -5.39 -41.59 29.49
CA VAL A 222 -4.72 -40.47 30.12
C VAL A 222 -4.84 -40.65 31.63
N TYR A 223 -3.72 -40.70 32.32
CA TYR A 223 -3.74 -40.91 33.76
C TYR A 223 -3.85 -39.58 34.49
N PRO A 224 -4.31 -39.62 35.75
CA PRO A 224 -4.48 -38.37 36.50
C PRO A 224 -3.20 -37.58 36.66
N ASP A 225 -2.04 -38.23 36.78
CA ASP A 225 -0.79 -37.50 36.94
C ASP A 225 -0.28 -36.93 35.62
N GLU A 226 -1.02 -37.12 34.54
CA GLU A 226 -0.73 -36.48 33.25
C GLU A 226 -1.68 -35.33 32.95
N LEU A 227 -2.73 -35.13 33.76
CA LEU A 227 -3.69 -34.08 33.51
C LEU A 227 -3.12 -32.72 33.92
N LEU A 228 -3.37 -31.73 33.07
CA LEU A 228 -2.91 -30.37 33.31
C LEU A 228 -4.09 -29.60 33.90
N GLY A 229 -4.17 -29.63 35.23
CA GLY A 229 -5.32 -29.08 35.92
C GLY A 229 -6.52 -30.00 35.83
N THR A 230 -7.61 -29.56 36.43
CA THR A 230 -8.84 -30.31 36.34
C THR A 230 -9.57 -29.97 35.05
N PRO A 231 -10.47 -30.83 34.60
CA PRO A 231 -11.21 -30.51 33.37
C PRO A 231 -11.97 -29.21 33.51
N GLY A 232 -11.87 -28.38 32.46
CA GLY A 232 -12.51 -27.08 32.49
C GLY A 232 -11.67 -25.98 33.11
N GLN A 233 -10.57 -26.33 33.77
CA GLN A 233 -9.77 -25.32 34.46
C GLN A 233 -9.24 -24.27 33.49
N VAL A 234 -8.89 -24.66 32.26
CA VAL A 234 -8.37 -23.68 31.30
C VAL A 234 -9.44 -22.63 30.98
N THR A 235 -10.69 -23.07 30.83
CA THR A 235 -11.76 -22.13 30.50
C THR A 235 -11.98 -21.16 31.66
N ASP A 236 -11.95 -21.67 32.89
CA ASP A 236 -12.04 -20.82 34.06
C ASP A 236 -10.87 -19.85 34.13
N ALA A 237 -9.66 -20.32 33.84
CA ALA A 237 -8.49 -19.46 33.93
C ALA A 237 -8.52 -18.36 32.88
N PHE A 238 -8.93 -18.69 31.65
CA PHE A 238 -9.02 -17.70 30.60
C PHE A 238 -10.11 -16.67 30.91
N ALA A 239 -11.30 -17.15 31.29
CA ALA A 239 -12.40 -16.25 31.57
C ALA A 239 -12.12 -15.35 32.76
N SER A 240 -11.33 -15.83 33.73
N SER A 240 -11.33 -15.82 33.72
CA SER A 240 -11.01 -15.08 34.93
CA SER A 240 -11.04 -15.05 34.93
C SER A 240 -9.83 -14.14 34.77
C SER A 240 -9.81 -14.16 34.78
N GLY A 241 -9.00 -14.36 33.74
CA GLY A 241 -7.76 -13.63 33.64
C GLY A 241 -6.70 -14.05 34.64
N SER A 242 -6.76 -15.27 35.14
CA SER A 242 -5.66 -15.72 35.97
C SER A 242 -4.40 -15.85 35.10
N LYS A 243 -3.30 -16.23 35.74
CA LYS A 243 -2.01 -16.24 35.05
C LYS A 243 -2.01 -17.05 33.76
N PRO A 244 -2.68 -18.21 33.67
CA PRO A 244 -2.68 -18.97 32.42
C PRO A 244 -3.22 -18.19 31.23
N SER A 245 -3.99 -17.12 31.44
CA SER A 245 -4.45 -16.28 30.34
C SER A 245 -3.30 -15.61 29.60
N LEU A 246 -2.08 -15.68 30.13
CA LEU A 246 -0.93 -15.22 29.37
C LEU A 246 -0.55 -16.15 28.22
N TRP A 247 -1.12 -17.35 28.17
CA TRP A 247 -0.67 -18.30 27.17
C TRP A 247 -0.86 -17.76 25.75
N THR A 248 -2.00 -17.12 25.49
CA THR A 248 -2.26 -16.69 24.12
C THR A 248 -1.35 -15.55 23.69
N PRO A 249 -1.16 -14.48 24.47
CA PRO A 249 -0.22 -13.45 24.02
C PRO A 249 1.19 -14.00 23.89
N ILE A 250 1.61 -14.90 24.79
CA ILE A 250 2.94 -15.50 24.65
C ILE A 250 3.06 -16.21 23.31
N THR A 251 2.05 -16.98 22.98
CA THR A 251 2.10 -17.82 21.78
C THR A 251 1.95 -16.98 20.52
N GLN A 252 1.07 -15.98 20.53
CA GLN A 252 0.95 -15.11 19.36
C GLN A 252 2.20 -14.28 19.16
N LEU A 253 2.94 -13.99 20.23
CA LEU A 253 4.21 -13.30 20.06
C LEU A 253 5.29 -14.25 19.56
N ILE A 254 5.18 -15.54 19.88
CA ILE A 254 6.04 -16.55 19.24
C ILE A 254 5.84 -16.51 17.73
N PHE A 255 4.59 -16.53 17.28
CA PHE A 255 4.33 -16.48 15.84
C PHE A 255 4.90 -15.20 15.24
N THR A 256 4.72 -14.07 15.93
CA THR A 256 5.28 -12.80 15.47
C THR A 256 6.77 -12.91 15.23
N HIS A 257 7.50 -13.60 16.13
CA HIS A 257 8.94 -13.72 15.98
C HIS A 257 9.32 -14.67 14.84
N LEU A 258 8.49 -15.67 14.54
CA LEU A 258 8.70 -16.46 13.32
C LEU A 258 8.66 -15.55 12.10
N TYR A 259 7.67 -14.64 12.06
CA TYR A 259 7.50 -13.81 10.87
C TYR A 259 8.62 -12.79 10.74
N LEU A 260 9.04 -12.17 11.85
CA LEU A 260 10.17 -11.26 11.81
C LEU A 260 11.47 -11.98 11.48
N GLY A 261 11.63 -13.21 11.97
CA GLY A 261 12.80 -13.99 11.62
C GLY A 261 12.85 -14.32 10.14
N ILE A 262 11.74 -14.79 9.59
CA ILE A 262 11.66 -15.04 8.14
C ILE A 262 11.96 -13.77 7.38
N ALA A 263 11.38 -12.63 7.81
CA ALA A 263 11.60 -11.36 7.13
C ALA A 263 13.08 -11.01 7.12
N ARG A 264 13.74 -11.10 8.26
CA ARG A 264 15.17 -10.77 8.33
C ARG A 264 16.00 -11.74 7.49
N GLY A 265 15.69 -13.03 7.58
CA GLY A 265 16.43 -14.00 6.77
C GLY A 265 16.30 -13.71 5.29
N ALA A 266 15.09 -13.38 4.84
CA ALA A 266 14.86 -13.09 3.43
C ALA A 266 15.61 -11.82 3.01
N LEU A 267 15.54 -10.77 3.83
CA LEU A 267 16.22 -9.53 3.50
C LEU A 267 17.73 -9.73 3.44
N GLU A 268 18.30 -10.48 4.39
CA GLU A 268 19.74 -10.71 4.38
C GLU A 268 20.16 -11.59 3.21
N GLU A 269 19.37 -12.61 2.88
CA GLU A 269 19.69 -13.46 1.74
C GLU A 269 19.61 -12.68 0.44
N ALA A 270 18.60 -11.81 0.30
CA ALA A 270 18.51 -10.99 -0.91
C ALA A 270 19.72 -10.07 -1.03
N ALA A 271 20.10 -9.43 0.08
CA ALA A 271 21.24 -8.52 0.06
C ALA A 271 22.52 -9.23 -0.33
N HIS A 272 22.72 -10.46 0.16
N HIS A 272 22.73 -10.44 0.20
CA HIS A 272 23.91 -11.19 -0.26
CA HIS A 272 23.87 -11.27 -0.22
C HIS A 272 23.87 -11.49 -1.75
C HIS A 272 23.85 -11.46 -1.74
N TYR A 273 22.71 -11.89 -2.27
CA TYR A 273 22.59 -12.10 -3.71
C TYR A 273 22.93 -10.82 -4.46
N SER A 274 22.32 -9.70 -4.07
CA SER A 274 22.56 -8.43 -4.74
C SER A 274 24.04 -8.08 -4.76
N ARG A 275 24.72 -8.28 -3.63
CA ARG A 275 26.14 -7.94 -3.56
C ARG A 275 27.00 -8.83 -4.44
N SER A 276 26.62 -10.09 -4.62
CA SER A 276 27.43 -11.02 -5.40
C SER A 276 26.96 -11.15 -6.83
N HIS A 277 25.79 -10.60 -7.17
CA HIS A 277 25.25 -10.54 -8.54
C HIS A 277 24.82 -9.12 -8.85
N SER A 278 25.77 -8.19 -8.78
CA SER A 278 25.43 -6.77 -8.88
C SER A 278 25.35 -6.32 -10.33
N ARG A 279 24.70 -7.12 -11.17
CA ARG A 279 24.51 -6.77 -12.58
C ARG A 279 23.51 -5.63 -12.68
N PRO A 280 23.92 -4.42 -13.06
CA PRO A 280 22.94 -3.34 -13.21
C PRO A 280 22.06 -3.57 -14.43
N PHE A 281 20.84 -3.02 -14.36
CA PHE A 281 19.97 -3.07 -15.53
C PHE A 281 20.64 -2.33 -16.69
N THR A 282 20.65 -2.97 -17.86
CA THR A 282 21.43 -2.47 -18.99
C THR A 282 21.25 -0.97 -19.20
N LEU A 283 20.01 -0.50 -19.14
CA LEU A 283 19.69 0.89 -19.40
C LEU A 283 19.53 1.71 -18.11
N ALA A 284 20.00 1.19 -16.98
CA ALA A 284 19.87 1.92 -15.72
C ALA A 284 20.78 3.13 -15.67
N GLY A 285 21.91 3.09 -16.37
CA GLY A 285 22.89 4.14 -16.28
C GLY A 285 23.72 4.12 -15.01
N VAL A 286 23.67 3.02 -14.26
CA VAL A 286 24.48 2.86 -13.05
C VAL A 286 25.51 1.77 -13.31
N GLU A 287 26.66 1.89 -12.64
CA GLU A 287 27.72 0.90 -12.84
C GLU A 287 27.39 -0.43 -12.18
N LYS A 288 26.62 -0.42 -11.10
CA LYS A 288 26.36 -1.63 -10.33
C LYS A 288 24.99 -1.53 -9.66
N ALA A 289 24.32 -2.67 -9.55
CA ALA A 289 22.97 -2.71 -9.00
C ALA A 289 22.94 -2.22 -7.55
N THR A 290 24.06 -2.39 -6.83
CA THR A 290 24.07 -1.95 -5.44
C THR A 290 24.10 -0.43 -5.31
N GLU A 291 24.26 0.29 -6.41
CA GLU A 291 24.17 1.73 -6.43
C GLU A 291 22.88 2.22 -7.09
N ASP A 292 22.04 1.33 -7.51
CA ASP A 292 20.82 1.74 -8.20
C ASP A 292 19.86 2.43 -7.21
N PRO A 293 19.27 3.58 -7.56
CA PRO A 293 18.39 4.28 -6.60
C PRO A 293 17.16 3.48 -6.20
N TYR A 294 16.63 2.67 -7.11
CA TYR A 294 15.41 1.94 -6.83
C TYR A 294 15.70 0.64 -6.10
N VAL A 295 16.84 0.00 -6.40
CA VAL A 295 17.30 -1.11 -5.57
C VAL A 295 17.50 -0.65 -4.14
N LEU A 296 18.19 0.48 -3.96
CA LEU A 296 18.45 0.99 -2.62
C LEU A 296 17.14 1.36 -1.91
N ALA A 297 16.16 1.87 -2.66
CA ALA A 297 14.88 2.21 -2.04
C ALA A 297 14.13 0.96 -1.56
N ILE A 298 14.19 -0.14 -2.31
CA ILE A 298 13.52 -1.36 -1.86
C ILE A 298 14.15 -1.85 -0.56
N TYR A 299 15.48 -1.95 -0.53
CA TYR A 299 16.14 -2.42 0.69
C TYR A 299 15.88 -1.46 1.85
N GLY A 300 15.87 -0.16 1.57
CA GLY A 300 15.69 0.82 2.63
C GLY A 300 14.30 0.76 3.23
N GLU A 301 13.27 0.65 2.38
CA GLU A 301 11.90 0.62 2.86
C GLU A 301 11.65 -0.59 3.75
N PHE A 302 12.11 -1.76 3.32
CA PHE A 302 11.87 -2.97 4.08
C PHE A 302 12.81 -3.09 5.26
N ALA A 303 14.07 -2.69 5.13
CA ALA A 303 14.96 -2.69 6.28
C ALA A 303 14.45 -1.74 7.36
N ALA A 304 13.94 -0.58 6.97
CA ALA A 304 13.41 0.36 7.95
C ALA A 304 12.23 -0.23 8.71
N GLN A 305 11.28 -0.80 7.98
CA GLN A 305 10.13 -1.40 8.65
C GLN A 305 10.57 -2.52 9.57
N LEU A 306 11.54 -3.31 9.12
CA LEU A 306 12.05 -4.39 9.96
C LEU A 306 12.69 -3.86 11.24
N GLN A 307 13.50 -2.80 11.15
CA GLN A 307 14.14 -2.24 12.36
C GLN A 307 13.09 -1.84 13.38
N VAL A 308 12.06 -1.14 12.92
CA VAL A 308 11.04 -0.67 13.85
C VAL A 308 10.27 -1.84 14.44
N ALA A 309 9.88 -2.81 13.61
CA ALA A 309 9.11 -3.96 14.09
C ALA A 309 9.94 -4.79 15.08
N GLU A 310 11.22 -5.00 14.79
CA GLU A 310 12.07 -5.76 15.71
C GLU A 310 12.25 -5.04 17.03
N ALA A 311 12.45 -3.72 16.99
CA ALA A 311 12.58 -2.94 18.22
C ALA A 311 11.30 -2.98 19.02
N GLY A 312 10.15 -2.83 18.36
CA GLY A 312 8.88 -2.96 19.06
C GLY A 312 8.68 -4.34 19.65
N ALA A 313 9.14 -5.38 18.95
CA ALA A 313 8.96 -6.74 19.42
C ALA A 313 9.80 -7.01 20.65
N ARG A 314 11.01 -6.46 20.70
CA ARG A 314 11.82 -6.58 21.90
C ARG A 314 11.12 -5.96 23.10
N GLU A 315 10.46 -4.80 22.92
CA GLU A 315 9.78 -4.17 24.06
C GLU A 315 8.65 -5.05 24.56
N VAL A 316 7.86 -5.63 23.64
CA VAL A 316 6.74 -6.44 24.05
C VAL A 316 7.23 -7.72 24.71
N ALA A 317 8.35 -8.27 24.24
CA ALA A 317 8.92 -9.46 24.90
C ALA A 317 9.32 -9.15 26.33
N LEU A 318 9.86 -7.95 26.58
CA LEU A 318 10.21 -7.58 27.95
C LEU A 318 8.97 -7.49 28.82
N ARG A 319 7.85 -7.04 28.25
CA ARG A 319 6.60 -6.99 29.01
C ARG A 319 6.06 -8.39 29.29
N VAL A 320 6.20 -9.31 28.34
CA VAL A 320 5.85 -10.70 28.61
C VAL A 320 6.59 -11.19 29.84
N GLN A 321 7.90 -10.95 29.90
CA GLN A 321 8.69 -11.43 31.02
C GLN A 321 8.22 -10.79 32.32
N GLU A 322 7.94 -9.49 32.28
CA GLU A 322 7.50 -8.77 33.48
C GLU A 322 6.23 -9.38 34.05
N LEU A 323 5.22 -9.63 33.20
CA LEU A 323 3.98 -10.22 33.70
C LEU A 323 4.14 -11.70 34.02
N TRP A 324 5.02 -12.39 33.30
CA TRP A 324 5.29 -13.78 33.61
C TRP A 324 5.73 -13.95 35.06
N GLU A 325 6.49 -12.99 35.58
CA GLU A 325 7.03 -13.07 36.93
C GLU A 325 6.04 -12.61 37.99
N ARG A 326 4.97 -11.91 37.60
CA ARG A 326 4.00 -11.45 38.58
C ARG A 326 3.22 -12.63 39.15
N ASN A 327 2.75 -12.45 40.38
N ASN A 327 2.73 -12.47 40.38
CA ASN A 327 1.88 -13.45 40.97
CA ASN A 327 1.86 -13.50 40.92
C ASN A 327 0.48 -13.39 40.37
C ASN A 327 0.47 -13.40 40.31
N HIS A 328 0.01 -12.19 40.07
CA HIS A 328 -1.30 -11.94 39.51
C HIS A 328 -1.20 -10.92 38.39
N VAL A 329 -1.96 -11.14 37.33
CA VAL A 329 -2.08 -10.20 36.21
C VAL A 329 -3.53 -9.77 36.10
N THR A 330 -3.77 -8.46 36.05
CA THR A 330 -5.14 -7.97 35.95
C THR A 330 -5.67 -8.16 34.53
N PRO A 331 -6.99 -8.11 34.34
CA PRO A 331 -7.52 -8.20 32.97
C PRO A 331 -7.06 -7.06 32.10
N GLU A 332 -6.78 -5.90 32.69
CA GLU A 332 -6.27 -4.77 31.91
C GLU A 332 -4.82 -5.02 31.50
N GLN A 333 -4.00 -5.53 32.42
CA GLN A 333 -2.62 -5.85 32.07
C GLN A 333 -2.58 -6.91 30.97
N ARG A 334 -3.40 -7.96 31.08
CA ARG A 334 -3.42 -9.01 30.08
C ARG A 334 -3.97 -8.47 28.75
N GLY A 335 -5.05 -7.68 28.82
CA GLY A 335 -5.63 -7.12 27.61
C GLY A 335 -4.68 -6.18 26.90
N GLN A 336 -3.99 -5.33 27.65
CA GLN A 336 -3.04 -4.43 27.01
C GLN A 336 -1.91 -5.21 26.35
N LEU A 337 -1.39 -6.23 27.03
CA LEU A 337 -0.38 -7.08 26.42
C LEU A 337 -0.90 -7.73 25.14
N MET A 338 -2.11 -8.29 25.19
CA MET A 338 -2.64 -8.96 24.01
C MET A 338 -2.81 -7.99 22.85
N VAL A 339 -3.24 -6.75 23.14
CA VAL A 339 -3.33 -5.73 22.11
C VAL A 339 -1.95 -5.44 21.52
N GLN A 340 -0.94 -5.30 22.36
CA GLN A 340 0.41 -5.04 21.87
C GLN A 340 0.91 -6.20 21.03
N VAL A 341 0.61 -7.42 21.47
CA VAL A 341 1.05 -8.60 20.71
C VAL A 341 0.32 -8.69 19.38
N ALA A 342 -0.99 -8.48 19.40
CA ALA A 342 -1.76 -8.52 18.16
C ALA A 342 -1.25 -7.48 17.17
N SER A 343 -0.96 -6.28 17.68
CA SER A 343 -0.42 -5.21 16.85
C SER A 343 0.90 -5.64 16.21
N ALA A 344 1.78 -6.26 17.00
CA ALA A 344 3.07 -6.71 16.48
C ALA A 344 2.86 -7.79 15.42
N LYS A 345 1.90 -8.70 15.66
CA LYS A 345 1.67 -9.77 14.71
C LYS A 345 1.10 -9.23 13.41
N ILE A 346 0.22 -8.23 13.49
CA ILE A 346 -0.35 -7.64 12.28
C ILE A 346 0.74 -7.01 11.43
N VAL A 347 1.58 -6.20 12.06
CA VAL A 347 2.64 -5.49 11.35
C VAL A 347 3.64 -6.48 10.77
N ALA A 348 3.99 -7.52 11.54
CA ALA A 348 4.96 -8.51 11.07
C ALA A 348 4.38 -9.33 9.92
N THR A 349 3.08 -9.64 9.97
CA THR A 349 2.42 -10.37 8.89
C THR A 349 2.47 -9.58 7.59
N ARG A 350 2.06 -8.31 7.63
CA ARG A 350 2.08 -7.49 6.42
C ARG A 350 3.50 -7.36 5.90
N LEU A 351 4.45 -7.11 6.79
CA LEU A 351 5.82 -6.89 6.39
C LEU A 351 6.40 -8.13 5.71
N VAL A 352 6.27 -9.31 6.34
CA VAL A 352 6.94 -10.48 5.80
C VAL A 352 6.32 -10.91 4.47
N ILE A 353 4.99 -10.78 4.35
CA ILE A 353 4.34 -11.19 3.11
C ILE A 353 4.74 -10.27 1.97
N GLU A 354 4.83 -8.97 2.22
CA GLU A 354 5.24 -8.03 1.18
C GLU A 354 6.72 -8.19 0.83
N LEU A 355 7.58 -8.24 1.85
CA LEU A 355 9.02 -8.29 1.65
C LEU A 355 9.44 -9.53 0.87
N THR A 356 8.91 -10.70 1.23
CA THR A 356 9.41 -11.92 0.64
C THR A 356 9.06 -12.03 -0.82
N SER A 357 8.02 -11.33 -1.26
CA SER A 357 7.66 -11.26 -2.67
C SER A 357 8.37 -10.13 -3.40
N ARG A 358 8.38 -8.92 -2.83
CA ARG A 358 8.89 -7.78 -3.56
C ARG A 358 10.41 -7.73 -3.64
N LEU A 359 11.15 -8.43 -2.79
CA LEU A 359 12.60 -8.36 -2.87
C LEU A 359 13.14 -8.93 -4.16
N TYR A 360 12.37 -9.76 -4.88
CA TYR A 360 12.79 -10.19 -6.20
C TYR A 360 13.06 -8.99 -7.10
N GLU A 361 12.31 -7.90 -6.92
CA GLU A 361 12.46 -6.73 -7.77
C GLU A 361 13.82 -6.06 -7.58
N ALA A 362 14.41 -6.21 -6.39
CA ALA A 362 15.78 -5.75 -6.17
C ALA A 362 16.83 -6.69 -6.75
N MET A 363 16.56 -7.99 -6.80
CA MET A 363 17.55 -8.97 -7.20
C MET A 363 17.63 -9.16 -8.71
N GLY A 364 16.49 -9.12 -9.39
CA GLY A 364 16.47 -9.29 -10.84
C GLY A 364 15.98 -10.65 -11.29
N ALA A 365 15.88 -10.78 -12.61
CA ALA A 365 15.24 -11.95 -13.24
C ALA A 365 15.96 -13.25 -12.92
N ARG A 366 17.29 -13.22 -12.84
CA ARG A 366 18.02 -14.45 -12.65
C ARG A 366 17.73 -15.10 -11.29
N ALA A 367 17.27 -14.32 -10.31
CA ALA A 367 16.90 -14.90 -9.03
C ALA A 367 15.70 -15.83 -9.15
N ALA A 368 14.83 -15.61 -10.13
CA ALA A 368 13.70 -16.49 -10.38
C ALA A 368 13.94 -17.48 -11.50
N ALA A 369 14.83 -17.14 -12.44
CA ALA A 369 15.08 -18.02 -13.58
C ALA A 369 15.74 -19.33 -13.17
N SER A 370 16.48 -19.34 -12.06
CA SER A 370 17.08 -20.55 -11.52
C SER A 370 16.31 -20.94 -10.26
N ARG A 371 15.39 -21.88 -10.41
CA ARG A 371 14.60 -22.36 -9.27
C ARG A 371 15.50 -22.78 -8.11
N GLN A 372 16.69 -23.31 -8.42
N GLN A 372 16.68 -23.34 -8.41
CA GLN A 372 17.58 -23.85 -7.40
CA GLN A 372 17.54 -23.87 -7.35
C GLN A 372 17.99 -22.80 -6.38
C GLN A 372 18.01 -22.79 -6.37
N PHE A 373 18.01 -21.52 -6.77
CA PHE A 373 18.34 -20.47 -5.82
C PHE A 373 17.44 -20.55 -4.59
N GLY A 374 16.18 -20.90 -4.79
CA GLY A 374 15.32 -21.27 -3.67
C GLY A 374 14.81 -20.13 -2.82
N PHE A 375 14.88 -18.89 -3.30
CA PHE A 375 14.50 -17.75 -2.48
C PHE A 375 13.01 -17.76 -2.15
N ASP A 376 12.19 -18.39 -3.00
CA ASP A 376 10.76 -18.45 -2.79
C ASP A 376 10.38 -19.18 -1.51
N ARG A 377 11.31 -19.93 -0.92
CA ARG A 377 11.04 -20.60 0.36
C ARG A 377 10.57 -19.63 1.44
N PHE A 378 11.15 -18.43 1.48
CA PHE A 378 10.75 -17.44 2.48
C PHE A 378 9.29 -17.06 2.32
N TRP A 379 8.88 -16.72 1.10
CA TRP A 379 7.46 -16.40 0.85
C TRP A 379 6.58 -17.60 1.14
N ARG A 380 6.99 -18.80 0.71
CA ARG A 380 6.13 -19.95 0.91
C ARG A 380 5.94 -20.23 2.39
N ASP A 381 7.01 -20.15 3.17
CA ASP A 381 6.93 -20.39 4.61
C ASP A 381 6.06 -19.34 5.29
N ALA A 382 6.31 -18.07 5.00
CA ALA A 382 5.53 -17.00 5.60
C ALA A 382 4.08 -17.04 5.14
N ARG A 383 3.87 -17.28 3.84
CA ARG A 383 2.51 -17.31 3.31
C ARG A 383 1.70 -18.40 3.95
N THR A 384 2.34 -19.52 4.29
CA THR A 384 1.63 -20.63 4.93
C THR A 384 1.26 -20.28 6.36
N HIS A 385 2.23 -19.92 7.19
CA HIS A 385 1.92 -19.84 8.60
C HIS A 385 1.13 -18.58 8.97
N THR A 386 1.26 -17.49 8.21
CA THR A 386 0.46 -16.30 8.53
C THR A 386 -1.03 -16.55 8.42
N LEU A 387 -1.45 -17.65 7.82
CA LEU A 387 -2.85 -18.01 7.74
C LEU A 387 -3.32 -18.78 8.97
N HIS A 388 -2.44 -19.03 9.95
CA HIS A 388 -2.77 -19.81 11.14
C HIS A 388 -4.08 -19.35 11.75
N ASP A 389 -4.21 -18.05 11.95
CA ASP A 389 -5.47 -17.44 12.29
C ASP A 389 -5.55 -16.12 11.54
N PRO A 390 -6.75 -15.72 11.12
CA PRO A 390 -6.84 -14.63 10.14
C PRO A 390 -6.43 -13.29 10.70
N VAL A 391 -5.49 -12.65 10.00
CA VAL A 391 -5.01 -11.34 10.45
C VAL A 391 -6.15 -10.32 10.44
N ALA A 392 -7.16 -10.50 9.59
CA ALA A 392 -8.30 -9.58 9.57
C ALA A 392 -8.97 -9.50 10.94
N TYR A 393 -9.02 -10.61 11.67
CA TYR A 393 -9.64 -10.58 13.00
C TYR A 393 -8.70 -10.10 14.09
N LYS A 394 -7.38 -10.24 13.92
CA LYS A 394 -6.48 -9.53 14.82
C LYS A 394 -6.65 -8.03 14.63
N ILE A 395 -6.79 -7.59 13.38
CA ILE A 395 -7.05 -6.18 13.09
C ILE A 395 -8.36 -5.73 13.74
N ARG A 396 -9.41 -6.53 13.61
CA ARG A 396 -10.69 -6.18 14.22
C ARG A 396 -10.56 -6.07 15.73
N GLU A 397 -9.80 -6.99 16.35
CA GLU A 397 -9.62 -6.94 17.80
C GLU A 397 -8.91 -5.66 18.24
N VAL A 398 -7.88 -5.25 17.52
CA VAL A 398 -7.19 -4.03 17.88
C VAL A 398 -8.12 -2.85 17.65
N GLY A 399 -8.92 -2.89 16.58
CA GLY A 399 -9.85 -1.79 16.32
C GLY A 399 -10.95 -1.71 17.35
N ASN A 400 -11.46 -2.85 17.78
CA ASN A 400 -12.49 -2.90 18.82
C ASN A 400 -11.95 -2.37 20.15
N TRP A 401 -10.69 -2.67 20.47
CA TRP A 401 -10.05 -2.07 21.63
C TRP A 401 -9.91 -0.56 21.48
N PHE A 402 -9.36 -0.10 20.37
CA PHE A 402 -9.06 1.32 20.28
C PHE A 402 -10.33 2.16 20.23
N LEU A 403 -11.30 1.72 19.44
CA LEU A 403 -12.50 2.52 19.24
C LEU A 403 -13.51 2.32 20.37
N ASN A 404 -13.69 1.08 20.82
CA ASN A 404 -14.76 0.78 21.77
C ASN A 404 -14.24 0.40 23.16
N HIS A 405 -12.94 0.49 23.39
CA HIS A 405 -12.35 0.22 24.70
C HIS A 405 -12.60 -1.22 25.16
N ARG A 406 -12.78 -2.14 24.23
CA ARG A 406 -13.03 -3.54 24.57
C ARG A 406 -11.76 -4.34 24.35
N PHE A 407 -11.24 -4.95 25.41
CA PHE A 407 -10.12 -5.87 25.27
C PHE A 407 -10.60 -7.16 24.62
N PRO A 408 -9.72 -7.86 23.90
CA PRO A 408 -10.16 -9.13 23.29
C PRO A 408 -10.53 -10.14 24.36
N THR A 409 -11.51 -10.96 24.02
CA THR A 409 -11.96 -12.03 24.88
C THR A 409 -10.92 -13.13 24.91
N PRO A 410 -10.38 -13.49 26.07
CA PRO A 410 -9.36 -14.55 26.12
C PRO A 410 -9.89 -15.85 25.56
N SER A 411 -9.09 -16.45 24.68
CA SER A 411 -9.44 -17.69 24.00
C SER A 411 -8.11 -18.34 23.59
N PHE A 412 -8.19 -19.39 22.77
CA PHE A 412 -6.96 -19.97 22.25
C PHE A 412 -6.39 -19.17 21.09
N TYR A 413 -7.10 -18.14 20.63
CA TYR A 413 -6.64 -17.30 19.52
C TYR A 413 -6.57 -15.82 19.86
N SER A 414 -7.09 -15.39 21.01
CA SER A 414 -7.12 -13.98 21.36
C SER A 414 -7.07 -13.80 22.89
N GLU B 13 -17.28 -7.64 -35.04
CA GLU B 13 -17.62 -8.43 -33.86
C GLU B 13 -17.52 -9.92 -34.15
N ASP B 14 -16.52 -10.31 -34.93
CA ASP B 14 -16.26 -11.72 -35.22
C ASP B 14 -15.53 -12.35 -34.03
N HIS B 15 -16.21 -13.25 -33.33
CA HIS B 15 -15.69 -13.85 -32.11
C HIS B 15 -15.09 -15.24 -32.32
N ARG B 16 -14.90 -15.67 -33.57
CA ARG B 16 -14.46 -17.04 -33.81
C ARG B 16 -13.08 -17.29 -33.22
N ALA B 17 -12.12 -16.42 -33.53
CA ALA B 17 -10.77 -16.63 -33.03
C ALA B 17 -10.74 -16.68 -31.51
N LEU B 18 -11.46 -15.78 -30.85
CA LEU B 18 -11.47 -15.77 -29.40
C LEU B 18 -12.15 -17.01 -28.83
N ASP B 19 -13.17 -17.53 -29.51
CA ASP B 19 -13.75 -18.81 -29.09
C ASP B 19 -12.71 -19.93 -29.16
N VAL B 20 -11.92 -19.95 -30.23
CA VAL B 20 -10.90 -20.99 -30.37
C VAL B 20 -9.90 -20.89 -29.23
N ALA B 21 -9.47 -19.67 -28.91
CA ALA B 21 -8.52 -19.49 -27.81
C ALA B 21 -9.12 -19.92 -26.48
N THR B 22 -10.40 -19.57 -26.27
CA THR B 22 -11.07 -19.97 -25.04
C THR B 22 -11.13 -21.49 -24.90
N GLU B 23 -11.44 -22.19 -25.99
N GLU B 23 -11.40 -22.20 -25.99
CA GLU B 23 -11.47 -23.65 -25.93
CA GLU B 23 -11.46 -23.65 -25.90
C GLU B 23 -10.08 -24.22 -25.70
C GLU B 23 -10.07 -24.25 -25.72
N LEU B 24 -9.06 -23.66 -26.35
CA LEU B 24 -7.68 -24.10 -26.08
C LEU B 24 -7.36 -23.94 -24.59
N ALA B 25 -7.67 -22.76 -24.03
CA ALA B 25 -7.38 -22.49 -22.62
C ALA B 25 -8.10 -23.48 -21.70
N LYS B 26 -9.36 -23.78 -22.02
CA LYS B 26 -10.10 -24.80 -21.29
C LYS B 26 -9.34 -26.11 -21.21
N THR B 27 -8.83 -26.59 -22.35
CA THR B 27 -8.10 -27.85 -22.34
C THR B 27 -6.80 -27.73 -21.55
N PHE B 28 -6.14 -26.57 -21.62
CA PHE B 28 -4.86 -26.41 -20.93
C PHE B 28 -5.05 -26.44 -19.42
N ARG B 29 -6.16 -25.91 -18.91
CA ARG B 29 -6.38 -25.88 -17.46
C ARG B 29 -6.44 -27.28 -16.86
N VAL B 30 -6.87 -28.26 -17.65
CA VAL B 30 -7.03 -29.62 -17.14
C VAL B 30 -5.69 -30.20 -16.70
N THR B 31 -4.62 -29.89 -17.43
CA THR B 31 -3.34 -30.55 -17.24
C THR B 31 -2.22 -29.66 -16.75
N VAL B 32 -2.45 -28.34 -16.59
CA VAL B 32 -1.35 -27.43 -16.33
C VAL B 32 -0.66 -27.75 -15.00
N ARG B 33 -1.43 -28.13 -13.97
CA ARG B 33 -0.84 -28.38 -12.67
C ARG B 33 0.23 -29.47 -12.75
N GLU B 34 -0.09 -30.59 -13.40
CA GLU B 34 0.90 -31.65 -13.53
C GLU B 34 2.00 -31.31 -14.53
N ARG B 35 1.64 -30.66 -15.64
CA ARG B 35 2.63 -30.35 -16.67
C ARG B 35 3.69 -29.36 -16.17
N GLU B 36 3.27 -28.31 -15.47
CA GLU B 36 4.26 -27.29 -15.15
C GLU B 36 5.24 -27.77 -14.09
N ARG B 37 4.83 -28.73 -13.24
CA ARG B 37 5.78 -29.33 -12.30
C ARG B 37 6.97 -29.93 -13.03
N ALA B 38 6.70 -30.64 -14.13
CA ALA B 38 7.75 -31.33 -14.86
C ALA B 38 8.67 -30.38 -15.62
N GLY B 39 8.19 -29.18 -15.97
CA GLY B 39 8.98 -28.30 -16.78
C GLY B 39 9.08 -28.87 -18.18
N GLY B 40 10.13 -28.49 -18.89
CA GLY B 40 10.30 -29.07 -20.21
C GLY B 40 9.34 -28.49 -21.24
N THR B 41 9.23 -29.20 -22.36
CA THR B 41 8.57 -28.66 -23.54
C THR B 41 7.15 -29.18 -23.64
N PRO B 42 6.14 -28.32 -23.65
CA PRO B 42 4.75 -28.78 -23.76
C PRO B 42 4.36 -29.02 -25.22
N LYS B 43 4.96 -30.07 -25.78
CA LYS B 43 4.87 -30.31 -27.22
C LYS B 43 3.42 -30.52 -27.65
N ALA B 44 2.67 -31.33 -26.90
CA ALA B 44 1.29 -31.62 -27.30
C ALA B 44 0.47 -30.33 -27.38
N GLU B 45 0.67 -29.45 -26.40
CA GLU B 45 -0.10 -28.21 -26.34
C GLU B 45 0.34 -27.25 -27.43
N ARG B 46 1.65 -27.19 -27.70
CA ARG B 46 2.13 -26.39 -28.81
C ARG B 46 1.52 -26.89 -30.13
N ASP B 47 1.39 -28.21 -30.29
CA ASP B 47 0.78 -28.73 -31.51
C ASP B 47 -0.72 -28.41 -31.57
N ALA B 48 -1.41 -28.42 -30.43
CA ALA B 48 -2.80 -27.98 -30.43
C ALA B 48 -2.93 -26.53 -30.89
N ILE B 49 -1.99 -25.68 -30.47
CA ILE B 49 -2.00 -24.30 -30.94
C ILE B 49 -1.74 -24.26 -32.44
N ARG B 50 -0.82 -25.11 -32.93
CA ARG B 50 -0.55 -25.18 -34.36
C ARG B 50 -1.82 -25.54 -35.13
N ARG B 51 -2.55 -26.56 -34.68
CA ARG B 51 -3.76 -27.01 -35.38
C ARG B 51 -4.87 -25.97 -35.34
N SER B 52 -4.85 -25.06 -34.37
CA SER B 52 -5.93 -24.11 -34.16
C SER B 52 -5.95 -23.02 -35.22
N GLY B 53 -4.83 -22.77 -35.90
CA GLY B 53 -4.71 -21.67 -36.84
C GLY B 53 -4.37 -20.33 -36.21
N LEU B 54 -4.44 -20.19 -34.88
CA LEU B 54 -4.27 -18.87 -34.28
C LEU B 54 -2.86 -18.30 -34.44
N LEU B 55 -1.83 -19.12 -34.69
CA LEU B 55 -0.51 -18.55 -34.93
C LEU B 55 -0.50 -17.65 -36.16
N THR B 56 -1.49 -17.78 -37.04
CA THR B 56 -1.59 -16.97 -38.24
C THR B 56 -2.50 -15.76 -38.06
N LEU B 57 -2.84 -15.40 -36.81
CA LEU B 57 -3.82 -14.33 -36.56
C LEU B 57 -3.51 -13.06 -37.32
N LEU B 58 -2.24 -12.65 -37.39
CA LEU B 58 -1.88 -11.36 -37.94
C LEU B 58 -1.43 -11.43 -39.40
N ILE B 59 -1.31 -12.62 -39.97
CA ILE B 59 -0.99 -12.74 -41.39
C ILE B 59 -2.26 -12.40 -42.17
N SER B 60 -2.12 -11.58 -43.21
CA SER B 60 -3.27 -11.17 -44.01
C SER B 60 -3.97 -12.37 -44.63
N LYS B 61 -5.27 -12.22 -44.90
CA LYS B 61 -6.00 -13.26 -45.59
C LYS B 61 -5.41 -13.54 -46.97
N GLU B 62 -4.92 -12.49 -47.64
CA GLU B 62 -4.30 -12.66 -48.96
C GLU B 62 -3.15 -13.65 -48.90
N ARG B 63 -2.42 -13.70 -47.79
CA ARG B 63 -1.30 -14.62 -47.63
C ARG B 63 -1.65 -15.88 -46.88
N GLY B 64 -2.95 -16.13 -46.66
CA GLY B 64 -3.41 -17.37 -46.07
C GLY B 64 -3.69 -17.28 -44.59
N GLY B 65 -3.48 -16.12 -43.97
CA GLY B 65 -3.72 -15.95 -42.55
C GLY B 65 -5.15 -15.58 -42.23
N LEU B 66 -5.38 -15.22 -40.97
CA LEU B 66 -6.72 -14.90 -40.50
C LEU B 66 -7.09 -13.43 -40.67
N GLY B 67 -6.13 -12.56 -40.96
CA GLY B 67 -6.41 -11.14 -41.13
C GLY B 67 -7.02 -10.48 -39.93
N GLU B 68 -6.63 -10.91 -38.74
CA GLU B 68 -7.18 -10.38 -37.50
C GLU B 68 -6.31 -9.22 -37.00
N SER B 69 -6.70 -8.64 -35.86
CA SER B 69 -6.11 -7.43 -35.34
C SER B 69 -5.38 -7.69 -34.03
N TRP B 70 -4.54 -6.72 -33.65
CA TRP B 70 -3.86 -6.80 -32.37
C TRP B 70 -4.81 -6.89 -31.18
N PRO B 71 -5.92 -6.13 -31.12
CA PRO B 71 -6.88 -6.36 -30.03
C PRO B 71 -7.29 -7.82 -29.84
N THR B 72 -7.56 -8.54 -30.94
CA THR B 72 -7.89 -9.96 -30.85
C THR B 72 -6.70 -10.77 -30.33
N VAL B 73 -5.51 -10.52 -30.86
CA VAL B 73 -4.31 -11.21 -30.39
C VAL B 73 -4.12 -11.02 -28.90
N TYR B 74 -4.17 -9.77 -28.44
CA TYR B 74 -3.95 -9.49 -27.03
C TYR B 74 -4.99 -10.19 -26.15
N GLU B 75 -6.26 -10.18 -26.55
CA GLU B 75 -7.29 -10.84 -25.76
C GLU B 75 -7.05 -12.34 -25.70
N ALA B 76 -6.62 -12.93 -26.83
CA ALA B 76 -6.32 -14.35 -26.87
C ALA B 76 -5.12 -14.69 -25.99
N ILE B 77 -4.10 -13.84 -25.99
CA ILE B 77 -2.94 -14.04 -25.11
C ILE B 77 -3.37 -14.08 -23.66
N ALA B 78 -4.16 -13.09 -23.24
CA ALA B 78 -4.61 -13.04 -21.85
C ALA B 78 -5.45 -14.26 -21.50
N GLU B 79 -6.30 -14.70 -22.43
CA GLU B 79 -7.17 -15.83 -22.15
C GLU B 79 -6.32 -17.10 -21.95
N ILE B 80 -5.38 -17.33 -22.86
CA ILE B 80 -4.55 -18.52 -22.72
C ILE B 80 -3.70 -18.42 -21.47
N ALA B 81 -3.12 -17.25 -21.21
CA ALA B 81 -2.27 -17.09 -20.05
C ALA B 81 -3.02 -17.36 -18.75
N SER B 82 -4.31 -17.02 -18.71
CA SER B 82 -5.11 -17.26 -17.51
C SER B 82 -5.23 -18.74 -17.19
N ALA B 83 -5.10 -19.61 -18.19
CA ALA B 83 -5.15 -21.05 -18.02
C ALA B 83 -3.78 -21.65 -17.77
N ASP B 84 -2.78 -21.18 -18.52
CA ASP B 84 -1.43 -21.75 -18.47
C ASP B 84 -0.50 -20.60 -18.85
N ALA B 85 0.23 -20.06 -17.87
CA ALA B 85 1.04 -18.89 -18.12
C ALA B 85 2.19 -19.17 -19.08
N SER B 86 2.75 -20.39 -19.05
CA SER B 86 3.82 -20.72 -19.99
C SER B 86 3.30 -20.76 -21.41
N LEU B 87 2.14 -21.38 -21.62
CA LEU B 87 1.57 -21.41 -22.96
C LEU B 87 1.14 -20.02 -23.42
N GLY B 88 0.59 -19.21 -22.51
CA GLY B 88 0.32 -17.82 -22.87
C GLY B 88 1.59 -17.08 -23.26
N HIS B 89 2.67 -17.26 -22.49
CA HIS B 89 3.96 -16.67 -22.81
C HIS B 89 4.46 -17.14 -24.18
N LEU B 90 4.43 -18.45 -24.43
CA LEU B 90 4.94 -18.95 -25.70
C LEU B 90 4.12 -18.38 -26.85
N PHE B 91 2.81 -18.40 -26.71
CA PHE B 91 1.90 -17.85 -27.71
C PHE B 91 2.14 -16.35 -27.91
N GLY B 92 2.23 -15.59 -26.81
CA GLY B 92 2.49 -14.16 -26.91
C GLY B 92 3.83 -13.85 -27.56
N TYR B 93 4.89 -14.57 -27.17
CA TYR B 93 6.21 -14.31 -27.72
C TYR B 93 6.27 -14.62 -29.21
N HIS B 94 5.50 -15.61 -29.65
CA HIS B 94 5.38 -15.87 -31.08
C HIS B 94 4.97 -14.60 -31.82
N PHE B 95 3.99 -13.86 -31.27
CA PHE B 95 3.57 -12.63 -31.93
C PHE B 95 4.58 -11.50 -31.78
N SER B 96 5.35 -11.46 -30.68
CA SER B 96 6.46 -10.52 -30.62
C SER B 96 7.48 -10.81 -31.72
N ASN B 97 7.81 -12.09 -31.90
CA ASN B 97 8.74 -12.49 -32.95
C ASN B 97 8.16 -12.14 -34.32
N PHE B 98 6.89 -12.45 -34.53
CA PHE B 98 6.22 -12.13 -35.78
C PHE B 98 6.24 -10.63 -36.04
N ALA B 99 5.95 -9.83 -35.02
CA ALA B 99 5.96 -8.39 -35.20
C ALA B 99 7.33 -7.90 -35.67
N TYR B 100 8.41 -8.42 -35.09
CA TYR B 100 9.73 -8.01 -35.53
C TYR B 100 9.93 -8.34 -37.00
N VAL B 101 9.56 -9.55 -37.39
CA VAL B 101 9.69 -9.94 -38.80
C VAL B 101 8.88 -9.01 -39.69
N ASP B 102 7.63 -8.75 -39.30
CA ASP B 102 6.77 -7.92 -40.13
C ASP B 102 7.30 -6.51 -40.27
N LEU B 103 7.95 -5.98 -39.23
CA LEU B 103 8.40 -4.60 -39.24
C LEU B 103 9.72 -4.40 -39.98
N PHE B 104 10.50 -5.46 -40.18
CA PHE B 104 11.81 -5.36 -40.80
C PHE B 104 11.97 -6.15 -42.08
N ALA B 105 11.13 -7.15 -42.33
CA ALA B 105 11.26 -7.98 -43.51
C ALA B 105 10.84 -7.19 -44.76
N SER B 106 11.43 -7.55 -45.89
CA SER B 106 11.03 -6.98 -47.16
C SER B 106 9.68 -7.54 -47.60
N PRO B 107 8.96 -6.84 -48.48
CA PRO B 107 7.75 -7.44 -49.06
C PRO B 107 8.03 -8.78 -49.73
N GLU B 108 9.17 -8.92 -50.40
CA GLU B 108 9.48 -10.19 -51.04
C GLU B 108 9.65 -11.31 -50.02
N GLN B 109 10.37 -11.02 -48.93
CA GLN B 109 10.54 -12.01 -47.86
C GLN B 109 9.18 -12.44 -47.30
N LYS B 110 8.31 -11.47 -47.03
CA LYS B 110 7.01 -11.80 -46.45
C LYS B 110 6.18 -12.61 -47.41
N ALA B 111 6.26 -12.29 -48.71
CA ALA B 111 5.49 -13.02 -49.70
C ALA B 111 5.87 -14.49 -49.71
N ARG B 112 7.12 -14.81 -49.39
CA ARG B 112 7.56 -16.18 -49.27
C ARG B 112 7.27 -16.76 -47.90
N TRP B 113 7.64 -16.03 -46.85
CA TRP B 113 7.61 -16.58 -45.49
C TRP B 113 6.19 -16.79 -44.98
N TYR B 114 5.27 -15.87 -45.27
CA TYR B 114 4.00 -15.96 -44.57
C TYR B 114 3.15 -17.12 -45.09
N PRO B 115 3.08 -17.35 -46.41
CA PRO B 115 2.37 -18.57 -46.85
C PRO B 115 3.00 -19.83 -46.31
N GLN B 116 4.34 -19.83 -46.20
CA GLN B 116 5.05 -20.97 -45.64
C GLN B 116 4.67 -21.17 -44.18
N ALA B 117 4.62 -20.07 -43.42
CA ALA B 117 4.26 -20.14 -42.01
C ALA B 117 2.84 -20.68 -41.82
N VAL B 118 1.93 -20.33 -42.74
CA VAL B 118 0.58 -20.89 -42.69
C VAL B 118 0.58 -22.37 -43.01
N ARG B 119 1.23 -22.74 -44.12
CA ARG B 119 1.21 -24.13 -44.59
C ARG B 119 1.89 -25.07 -43.60
N GLU B 120 3.02 -24.65 -43.05
CA GLU B 120 3.82 -25.48 -42.17
C GLU B 120 3.50 -25.26 -40.69
N ARG B 121 2.52 -24.40 -40.40
CA ARG B 121 2.06 -24.17 -39.02
CA ARG B 121 2.06 -24.18 -39.02
C ARG B 121 3.20 -23.74 -38.11
N TRP B 122 3.91 -22.70 -38.53
CA TRP B 122 5.09 -22.22 -37.80
C TRP B 122 4.73 -21.65 -36.44
N PHE B 123 5.48 -22.07 -35.43
CA PHE B 123 5.47 -21.53 -34.08
C PHE B 123 6.87 -20.93 -33.90
N LEU B 124 6.96 -19.60 -33.81
CA LEU B 124 8.24 -18.90 -33.83
C LEU B 124 8.87 -18.86 -32.45
N GLY B 125 10.20 -19.04 -32.41
CA GLY B 125 10.97 -18.93 -31.19
C GLY B 125 11.99 -17.79 -31.26
N ASN B 126 12.60 -17.52 -30.10
CA ASN B 126 13.39 -16.31 -29.91
C ASN B 126 14.77 -16.67 -29.39
N ALA B 127 15.81 -16.14 -30.04
CA ALA B 127 17.20 -16.38 -29.61
C ALA B 127 18.16 -15.31 -30.07
N SER B 128 18.12 -14.12 -29.50
CA SER B 128 17.22 -13.72 -28.43
C SER B 128 17.15 -12.20 -28.49
N SER B 129 15.97 -11.63 -28.27
CA SER B 129 15.85 -10.17 -28.23
C SER B 129 15.93 -9.63 -26.81
N GLU B 130 16.31 -10.47 -25.86
CA GLU B 130 16.38 -10.13 -24.44
C GLU B 130 17.83 -10.25 -23.99
N ASN B 131 18.62 -9.23 -24.31
CA ASN B 131 20.05 -9.26 -24.02
C ASN B 131 20.40 -8.68 -22.65
N ASN B 132 19.91 -7.47 -22.37
CA ASN B 132 20.23 -6.78 -21.11
C ASN B 132 21.74 -6.49 -21.04
N ALA B 133 22.23 -5.80 -22.07
CA ALA B 133 23.65 -5.49 -22.15
C ALA B 133 23.88 -4.55 -23.32
N HIS B 134 24.93 -3.74 -23.21
CA HIS B 134 25.38 -2.91 -24.31
C HIS B 134 25.84 -3.78 -25.47
N VAL B 135 25.65 -3.28 -26.69
CA VAL B 135 25.90 -4.08 -27.89
C VAL B 135 27.31 -4.67 -27.87
N LEU B 136 28.28 -3.92 -27.36
CA LEU B 136 29.64 -4.41 -27.29
C LEU B 136 29.77 -5.62 -26.37
N ASP B 137 28.83 -5.80 -25.43
CA ASP B 137 28.89 -6.88 -24.46
C ASP B 137 28.09 -8.12 -24.89
N TRP B 138 27.58 -8.15 -26.13
CA TRP B 138 26.80 -9.30 -26.56
C TRP B 138 27.72 -10.49 -26.77
N ARG B 139 27.25 -11.67 -26.34
CA ARG B 139 28.04 -12.88 -26.46
C ARG B 139 28.02 -13.47 -27.86
N VAL B 140 27.05 -13.11 -28.68
CA VAL B 140 26.83 -13.79 -29.96
C VAL B 140 27.25 -12.85 -31.07
N THR B 141 28.23 -13.28 -31.86
CA THR B 141 28.81 -12.46 -32.90
C THR B 141 28.41 -12.96 -34.28
N ALA B 142 28.42 -12.04 -35.23
CA ALA B 142 28.13 -12.31 -36.63
C ALA B 142 29.33 -11.89 -37.46
N THR B 143 30.04 -12.86 -38.04
CA THR B 143 31.22 -12.58 -38.85
C THR B 143 30.82 -12.61 -40.32
N PRO B 144 31.06 -11.56 -41.11
CA PRO B 144 30.60 -11.58 -42.50
C PRO B 144 31.38 -12.56 -43.35
N LEU B 145 30.66 -13.26 -44.22
CA LEU B 145 31.22 -14.14 -45.23
C LEU B 145 31.16 -13.47 -46.60
N PRO B 146 32.01 -13.90 -47.54
CA PRO B 146 32.14 -13.18 -48.82
C PRO B 146 30.85 -13.02 -49.62
N ASP B 147 29.89 -13.93 -49.50
CA ASP B 147 28.66 -13.90 -50.26
C ASP B 147 27.59 -13.00 -49.65
N GLY B 148 27.84 -12.41 -48.48
CA GLY B 148 26.82 -11.66 -47.77
C GLY B 148 26.16 -12.42 -46.65
N SER B 149 26.46 -13.71 -46.50
CA SER B 149 26.01 -14.45 -45.33
C SER B 149 26.80 -14.01 -44.11
N TYR B 150 26.33 -14.45 -42.94
CA TYR B 150 27.05 -14.21 -41.69
C TYR B 150 27.23 -15.53 -40.96
N GLU B 151 28.37 -15.68 -40.31
CA GLU B 151 28.63 -16.83 -39.47
C GLU B 151 28.39 -16.41 -38.03
N ILE B 152 27.51 -17.14 -37.34
CA ILE B 152 27.07 -16.82 -35.99
C ILE B 152 27.78 -17.74 -35.01
N ASN B 153 28.34 -17.16 -33.94
CA ASN B 153 29.03 -17.91 -32.91
C ASN B 153 28.69 -17.36 -31.53
N GLY B 154 28.43 -18.26 -30.59
CA GLY B 154 28.25 -17.90 -29.19
C GLY B 154 27.03 -18.56 -28.60
N THR B 155 26.91 -18.42 -27.28
CA THR B 155 25.79 -18.97 -26.53
C THR B 155 24.92 -17.81 -26.06
N LYS B 156 23.64 -17.86 -26.43
CA LYS B 156 22.65 -16.85 -26.13
C LYS B 156 21.80 -17.33 -24.96
N ALA B 157 21.65 -16.49 -23.93
CA ALA B 157 20.77 -16.83 -22.82
C ALA B 157 19.36 -16.28 -23.04
N PHE B 158 18.41 -16.83 -22.28
CA PHE B 158 17.02 -16.40 -22.27
C PHE B 158 16.44 -16.39 -23.68
N CYS B 159 16.40 -17.58 -24.25
CA CYS B 159 15.89 -17.80 -25.60
C CYS B 159 14.47 -18.38 -25.53
N SER B 160 13.52 -17.52 -25.17
CA SER B 160 12.16 -17.99 -24.92
C SER B 160 11.59 -18.74 -26.12
N GLY B 161 10.93 -19.85 -25.84
CA GLY B 161 10.29 -20.62 -26.88
C GLY B 161 11.26 -21.22 -27.88
N SER B 162 12.50 -21.45 -27.47
CA SER B 162 13.50 -21.90 -28.42
C SER B 162 13.41 -23.39 -28.73
N ALA B 163 12.64 -24.16 -27.97
CA ALA B 163 12.47 -25.58 -28.25
C ALA B 163 11.25 -25.78 -29.12
N ASP B 164 11.32 -26.76 -30.01
CA ASP B 164 10.19 -27.08 -30.89
C ASP B 164 9.78 -25.86 -31.73
N ALA B 165 10.72 -24.99 -32.05
CA ALA B 165 10.46 -23.79 -32.84
C ALA B 165 10.70 -24.07 -34.32
N ASP B 166 9.73 -23.74 -35.16
CA ASP B 166 9.93 -23.92 -36.60
C ASP B 166 10.96 -22.96 -37.16
N ARG B 167 11.02 -21.74 -36.63
CA ARG B 167 12.03 -20.76 -36.97
C ARG B 167 12.42 -20.04 -35.68
N LEU B 168 13.68 -19.63 -35.62
CA LEU B 168 14.21 -18.80 -34.54
C LEU B 168 14.51 -17.40 -35.06
N LEU B 169 14.02 -16.39 -34.34
CA LEU B 169 14.45 -15.03 -34.54
C LEU B 169 15.76 -14.81 -33.78
N VAL B 170 16.85 -14.60 -34.51
CA VAL B 170 18.20 -14.59 -33.94
C VAL B 170 18.78 -13.19 -34.05
N PHE B 171 19.53 -12.79 -33.02
CA PHE B 171 20.23 -11.51 -32.98
C PHE B 171 21.70 -11.73 -32.71
N ALA B 172 22.55 -10.96 -33.38
CA ALA B 172 24.00 -11.05 -33.19
C ALA B 172 24.61 -9.69 -33.49
N VAL B 173 25.85 -9.50 -33.04
CA VAL B 173 26.59 -8.27 -33.29
C VAL B 173 27.73 -8.55 -34.25
N THR B 174 27.89 -7.67 -35.23
CA THR B 174 28.92 -7.89 -36.23
C THR B 174 30.31 -7.84 -35.60
N SER B 175 31.19 -8.69 -36.12
CA SER B 175 32.56 -8.83 -35.66
C SER B 175 33.45 -9.11 -36.87
N ARG B 176 34.69 -8.62 -36.81
CA ARG B 176 35.62 -8.76 -37.93
C ARG B 176 34.96 -8.30 -39.23
N ASP B 177 34.25 -7.17 -39.15
CA ASP B 177 33.39 -6.70 -40.23
C ASP B 177 33.98 -5.43 -40.84
N PRO B 178 34.41 -5.46 -42.10
CA PRO B 178 35.01 -4.24 -42.68
C PRO B 178 34.03 -3.09 -42.78
N ASN B 179 32.73 -3.37 -42.73
CA ASN B 179 31.71 -2.34 -42.82
C ASN B 179 31.23 -1.86 -41.45
N GLY B 180 31.89 -2.28 -40.39
CA GLY B 180 31.61 -1.80 -39.05
C GLY B 180 31.28 -2.91 -38.07
N ASP B 181 32.06 -3.02 -37.00
CA ASP B 181 31.77 -3.97 -35.93
C ASP B 181 30.72 -3.39 -34.98
N GLY B 182 30.11 -4.28 -34.20
CA GLY B 182 29.15 -3.88 -33.19
C GLY B 182 27.78 -3.50 -33.71
N ARG B 183 27.47 -3.82 -34.95
CA ARG B 183 26.16 -3.55 -35.52
C ARG B 183 25.26 -4.76 -35.31
N ILE B 184 24.02 -4.53 -34.94
CA ILE B 184 23.12 -5.64 -34.65
C ILE B 184 22.58 -6.18 -35.97
N VAL B 185 22.69 -7.49 -36.15
N VAL B 185 22.70 -7.50 -36.13
CA VAL B 185 22.01 -8.16 -37.25
CA VAL B 185 22.09 -8.26 -37.22
C VAL B 185 20.97 -9.09 -36.68
C VAL B 185 20.95 -9.08 -36.63
N ALA B 186 19.86 -9.21 -37.41
CA ALA B 186 18.75 -10.05 -37.05
C ALA B 186 18.43 -10.94 -38.23
N ALA B 187 17.95 -12.14 -37.95
CA ALA B 187 17.62 -13.09 -39.00
C ALA B 187 16.57 -14.05 -38.49
N LEU B 188 15.90 -14.71 -39.43
CA LEU B 188 14.90 -15.73 -39.12
C LEU B 188 15.37 -17.03 -39.78
N ILE B 189 15.74 -18.02 -38.97
CA ILE B 189 16.43 -19.20 -39.49
C ILE B 189 15.77 -20.46 -38.94
N PRO B 190 15.91 -21.58 -39.66
CA PRO B 190 15.45 -22.87 -39.11
C PRO B 190 16.19 -23.22 -37.84
N SER B 191 15.48 -23.85 -36.90
CA SER B 191 16.10 -24.24 -35.64
C SER B 191 17.03 -25.44 -35.80
N ASP B 192 16.92 -26.18 -36.91
CA ASP B 192 17.84 -27.28 -37.17
C ASP B 192 18.93 -26.91 -38.19
N ARG B 193 19.13 -25.62 -38.44
CA ARG B 193 20.31 -25.18 -39.20
C ARG B 193 21.56 -25.74 -38.54
N ALA B 194 22.49 -26.22 -39.36
CA ALA B 194 23.72 -26.80 -38.84
C ALA B 194 24.41 -25.83 -37.88
N GLY B 195 24.79 -26.35 -36.71
CA GLY B 195 25.48 -25.55 -35.72
C GLY B 195 24.60 -24.99 -34.63
N VAL B 196 23.27 -25.07 -34.78
CA VAL B 196 22.35 -24.59 -33.77
C VAL B 196 22.11 -25.70 -32.76
N GLN B 197 22.35 -25.41 -31.48
CA GLN B 197 22.06 -26.37 -30.42
C GLN B 197 21.17 -25.69 -29.39
N VAL B 198 19.93 -26.15 -29.29
CA VAL B 198 19.00 -25.71 -28.26
C VAL B 198 19.34 -26.50 -27.00
N ASN B 199 19.71 -25.80 -25.93
CA ASN B 199 20.34 -26.50 -24.81
C ASN B 199 19.39 -27.08 -23.77
N GLY B 200 18.13 -26.64 -23.71
CA GLY B 200 17.21 -27.23 -22.76
C GLY B 200 17.53 -26.98 -21.29
N ASP B 201 18.30 -25.95 -20.99
CA ASP B 201 18.76 -25.66 -19.63
C ASP B 201 17.87 -24.62 -18.95
N TRP B 202 16.64 -25.03 -18.69
CA TRP B 202 15.63 -24.15 -18.10
C TRP B 202 14.94 -24.88 -16.97
N ASP B 203 15.16 -24.40 -15.75
CA ASP B 203 14.57 -24.98 -14.56
C ASP B 203 14.28 -23.81 -13.61
N SER B 204 13.08 -23.25 -13.73
CA SER B 204 12.78 -21.92 -13.20
C SER B 204 11.70 -21.97 -12.12
N LEU B 205 11.61 -20.88 -11.35
CA LEU B 205 10.55 -20.75 -10.34
C LEU B 205 9.17 -20.88 -10.97
N GLY B 206 8.90 -20.01 -11.96
CA GLY B 206 7.68 -20.05 -12.73
C GLY B 206 7.99 -19.92 -14.21
N MET B 207 6.93 -19.83 -15.01
CA MET B 207 7.08 -19.91 -16.47
C MET B 207 7.90 -21.15 -16.85
N ARG B 208 7.58 -22.27 -16.20
CA ARG B 208 8.46 -23.43 -16.22
C ARG B 208 8.46 -24.18 -17.54
N GLN B 209 7.45 -23.98 -18.41
CA GLN B 209 7.38 -24.66 -19.70
C GLN B 209 7.60 -23.72 -20.89
N THR B 210 8.33 -22.62 -20.68
CA THR B 210 8.59 -21.68 -21.75
C THR B 210 9.92 -21.94 -22.46
N ASP B 211 10.67 -22.96 -22.04
CA ASP B 211 11.97 -23.29 -22.63
C ASP B 211 12.81 -22.03 -22.91
N SER B 212 13.04 -21.27 -21.84
CA SER B 212 13.75 -20.01 -21.91
C SER B 212 15.22 -20.15 -21.53
N GLY B 213 15.77 -21.33 -21.75
CA GLY B 213 17.18 -21.55 -21.60
C GLY B 213 18.01 -20.99 -22.73
N SER B 214 19.20 -21.56 -22.95
CA SER B 214 20.16 -20.99 -23.87
C SER B 214 20.16 -21.74 -25.20
N VAL B 215 20.73 -21.08 -26.21
CA VAL B 215 20.96 -21.65 -27.52
C VAL B 215 22.41 -21.37 -27.88
N THR B 216 23.12 -22.39 -28.31
CA THR B 216 24.52 -22.27 -28.66
C THR B 216 24.64 -22.32 -30.17
N PHE B 217 25.30 -21.31 -30.74
CA PHE B 217 25.56 -21.22 -32.17
C PHE B 217 27.02 -21.57 -32.41
N SER B 218 27.26 -22.67 -33.13
CA SER B 218 28.62 -23.08 -33.50
C SER B 218 28.79 -22.98 -35.01
N GLY B 219 29.38 -21.89 -35.47
CA GLY B 219 29.62 -21.72 -36.90
C GLY B 219 28.34 -21.75 -37.72
N VAL B 220 27.27 -21.16 -37.20
CA VAL B 220 25.97 -21.20 -37.85
C VAL B 220 25.96 -20.19 -39.00
N VAL B 221 25.69 -20.65 -40.21
CA VAL B 221 25.62 -19.76 -41.37
C VAL B 221 24.18 -19.29 -41.52
N VAL B 222 23.97 -17.96 -41.55
CA VAL B 222 22.68 -17.42 -41.94
C VAL B 222 22.83 -16.71 -43.28
N TYR B 223 21.95 -17.05 -44.18
CA TYR B 223 22.06 -16.70 -45.58
C TYR B 223 21.40 -15.37 -45.86
N PRO B 224 21.75 -14.72 -46.97
CA PRO B 224 21.33 -13.33 -47.14
C PRO B 224 19.83 -13.17 -47.22
N ASP B 225 19.11 -14.18 -47.68
CA ASP B 225 17.66 -14.06 -47.79
C ASP B 225 16.97 -14.27 -46.45
N GLU B 226 17.74 -14.56 -45.39
CA GLU B 226 17.19 -14.72 -44.04
C GLU B 226 17.41 -13.51 -43.16
N LEU B 227 18.27 -12.58 -43.58
CA LEU B 227 18.56 -11.38 -42.82
C LEU B 227 17.37 -10.43 -42.82
N LEU B 228 17.15 -9.80 -41.67
CA LEU B 228 16.05 -8.86 -41.48
C LEU B 228 16.66 -7.47 -41.48
N GLY B 229 16.50 -6.76 -42.59
CA GLY B 229 17.12 -5.46 -42.76
C GLY B 229 18.63 -5.57 -42.88
N THR B 230 19.26 -4.43 -42.74
CA THR B 230 20.70 -4.32 -42.84
C THR B 230 21.30 -4.25 -41.45
N PRO B 231 22.61 -4.49 -41.31
CA PRO B 231 23.21 -4.45 -39.97
C PRO B 231 23.06 -3.08 -39.34
N GLY B 232 22.65 -3.08 -38.07
CA GLY B 232 22.42 -1.84 -37.37
C GLY B 232 21.10 -1.14 -37.69
N GLN B 233 20.29 -1.68 -38.60
CA GLN B 233 19.05 -1.01 -38.95
C GLN B 233 18.10 -0.91 -37.77
N VAL B 234 18.10 -1.90 -36.88
CA VAL B 234 17.21 -1.82 -35.73
C VAL B 234 17.64 -0.68 -34.82
N THR B 235 18.94 -0.50 -34.64
CA THR B 235 19.44 0.63 -33.87
C THR B 235 19.05 1.95 -34.50
N ASP B 236 19.13 2.04 -35.84
CA ASP B 236 18.73 3.26 -36.52
C ASP B 236 17.23 3.51 -36.34
N ALA B 237 16.41 2.46 -36.43
CA ALA B 237 14.97 2.63 -36.25
C ALA B 237 14.65 3.09 -34.84
N PHE B 238 15.35 2.53 -33.84
CA PHE B 238 15.16 2.99 -32.47
C PHE B 238 15.50 4.47 -32.35
N ALA B 239 16.66 4.87 -32.87
CA ALA B 239 17.09 6.26 -32.75
C ALA B 239 16.12 7.21 -33.43
N SER B 240 15.47 6.76 -34.50
CA SER B 240 14.52 7.58 -35.24
C SER B 240 13.13 7.57 -34.64
N GLY B 241 12.83 6.64 -33.73
CA GLY B 241 11.46 6.48 -33.28
C GLY B 241 10.51 6.15 -34.40
N SER B 242 10.98 5.50 -35.46
CA SER B 242 10.17 5.19 -36.63
C SER B 242 9.35 3.92 -36.42
N LYS B 243 8.57 3.57 -37.45
CA LYS B 243 7.61 2.48 -37.29
C LYS B 243 8.23 1.18 -36.77
N PRO B 244 9.41 0.73 -37.22
CA PRO B 244 9.93 -0.54 -36.69
C PRO B 244 10.17 -0.50 -35.19
N SER B 245 10.42 0.68 -34.62
CA SER B 245 10.55 0.78 -33.17
C SER B 245 9.23 0.53 -32.44
N LEU B 246 8.12 0.35 -33.15
CA LEU B 246 6.89 -0.12 -32.50
C LEU B 246 7.06 -1.49 -31.89
N TRP B 247 8.11 -2.22 -32.25
CA TRP B 247 8.29 -3.57 -31.72
C TRP B 247 8.25 -3.57 -30.20
N THR B 248 8.88 -2.58 -29.57
CA THR B 248 8.98 -2.59 -28.11
C THR B 248 7.62 -2.33 -27.45
N PRO B 249 6.87 -1.27 -27.77
CA PRO B 249 5.55 -1.14 -27.15
C PRO B 249 4.65 -2.33 -27.42
N ILE B 250 4.67 -2.87 -28.64
CA ILE B 250 3.87 -4.06 -28.94
C ILE B 250 4.22 -5.18 -27.97
N THR B 251 5.52 -5.41 -27.79
CA THR B 251 5.97 -6.55 -27.00
C THR B 251 5.72 -6.30 -25.52
N GLN B 252 5.95 -5.07 -25.06
CA GLN B 252 5.68 -4.76 -23.65
C GLN B 252 4.20 -4.85 -23.35
N LEU B 253 3.33 -4.61 -24.33
CA LEU B 253 1.90 -4.81 -24.10
C LEU B 253 1.51 -6.29 -24.16
N ILE B 254 2.26 -7.13 -24.90
CA ILE B 254 2.10 -8.57 -24.79
C ILE B 254 2.34 -9.01 -23.34
N PHE B 255 3.46 -8.55 -22.76
CA PHE B 255 3.76 -8.91 -21.37
C PHE B 255 2.64 -8.46 -20.45
N THR B 256 2.13 -7.24 -20.67
CA THR B 256 1.04 -6.71 -19.86
C THR B 256 -0.15 -7.64 -19.85
N HIS B 257 -0.50 -8.19 -21.02
CA HIS B 257 -1.62 -9.11 -21.09
C HIS B 257 -1.32 -10.48 -20.48
N LEU B 258 -0.05 -10.91 -20.44
CA LEU B 258 0.28 -12.08 -19.64
C LEU B 258 -0.06 -11.83 -18.18
N TYR B 259 0.30 -10.65 -17.67
CA TYR B 259 0.08 -10.34 -16.25
C TYR B 259 -1.41 -10.19 -15.95
N LEU B 260 -2.16 -9.53 -16.84
CA LEU B 260 -3.61 -9.45 -16.63
C LEU B 260 -4.27 -10.82 -16.72
N GLY B 261 -3.79 -11.68 -17.62
CA GLY B 261 -4.36 -13.01 -17.71
C GLY B 261 -4.08 -13.84 -16.47
N ILE B 262 -2.85 -13.81 -15.97
CA ILE B 262 -2.52 -14.53 -14.74
C ILE B 262 -3.39 -14.03 -13.60
N ALA B 263 -3.55 -12.70 -13.51
CA ALA B 263 -4.34 -12.10 -12.45
C ALA B 263 -5.78 -12.59 -12.50
N ARG B 264 -6.38 -12.60 -13.70
CA ARG B 264 -7.76 -13.06 -13.83
C ARG B 264 -7.87 -14.55 -13.50
N GLY B 265 -6.94 -15.35 -13.99
CA GLY B 265 -6.98 -16.77 -13.66
C GLY B 265 -6.84 -17.04 -12.18
N ALA B 266 -5.94 -16.32 -11.53
CA ALA B 266 -5.75 -16.46 -10.08
C ALA B 266 -7.01 -16.08 -9.33
N LEU B 267 -7.62 -14.96 -9.69
CA LEU B 267 -8.80 -14.50 -8.97
C LEU B 267 -9.96 -15.50 -9.12
N GLU B 268 -10.18 -16.00 -10.34
N GLU B 268 -10.16 -16.03 -10.32
CA GLU B 268 -11.25 -16.98 -10.56
CA GLU B 268 -11.24 -16.96 -10.58
C GLU B 268 -10.96 -18.28 -9.82
C GLU B 268 -10.97 -18.32 -9.91
N GLU B 269 -9.71 -18.75 -9.86
CA GLU B 269 -9.38 -20.00 -9.16
C GLU B 269 -9.57 -19.83 -7.66
N ALA B 270 -9.15 -18.69 -7.11
CA ALA B 270 -9.37 -18.43 -5.70
C ALA B 270 -10.86 -18.44 -5.38
N ALA B 271 -11.66 -17.72 -6.19
CA ALA B 271 -13.09 -17.65 -5.93
C ALA B 271 -13.70 -19.05 -5.91
N HIS B 272 -13.30 -19.88 -6.85
CA HIS B 272 -13.78 -21.27 -6.89
C HIS B 272 -13.44 -22.01 -5.60
N TYR B 273 -12.21 -21.85 -5.11
CA TYR B 273 -11.82 -22.47 -3.85
C TYR B 273 -12.64 -21.94 -2.69
N SER B 274 -12.81 -20.63 -2.62
CA SER B 274 -13.56 -20.03 -1.53
C SER B 274 -14.99 -20.57 -1.50
N ARG B 275 -15.64 -20.67 -2.65
CA ARG B 275 -17.02 -21.14 -2.69
C ARG B 275 -17.14 -22.58 -2.23
N SER B 276 -16.14 -23.41 -2.48
CA SER B 276 -16.26 -24.84 -2.20
C SER B 276 -15.54 -25.25 -0.94
N HIS B 277 -14.79 -24.35 -0.31
CA HIS B 277 -14.19 -24.56 1.01
C HIS B 277 -14.45 -23.31 1.84
N SER B 278 -15.72 -23.10 2.20
CA SER B 278 -16.15 -21.83 2.81
C SER B 278 -16.24 -21.91 4.34
N ARG B 279 -15.28 -22.60 4.98
CA ARG B 279 -15.28 -22.72 6.44
C ARG B 279 -14.97 -21.37 7.10
N PRO B 280 -15.90 -20.76 7.82
CA PRO B 280 -15.63 -19.46 8.44
C PRO B 280 -14.76 -19.60 9.68
N PHE B 281 -14.18 -18.48 10.08
CA PHE B 281 -13.40 -18.44 11.32
C PHE B 281 -14.34 -18.49 12.52
N THR B 282 -13.91 -19.23 13.56
CA THR B 282 -14.79 -19.50 14.69
C THR B 282 -15.26 -18.21 15.36
N LEU B 283 -14.31 -17.41 15.84
CA LEU B 283 -14.62 -16.16 16.52
C LEU B 283 -15.22 -15.11 15.60
N ALA B 284 -15.36 -15.39 14.31
CA ALA B 284 -15.76 -14.35 13.36
C ALA B 284 -17.27 -14.12 13.31
N GLY B 285 -18.06 -14.99 13.91
CA GLY B 285 -19.51 -14.81 13.86
C GLY B 285 -20.08 -14.89 12.46
N VAL B 286 -19.42 -15.61 11.56
CA VAL B 286 -19.91 -15.82 10.21
C VAL B 286 -20.37 -17.26 10.10
N GLU B 287 -21.45 -17.48 9.35
CA GLU B 287 -21.83 -18.84 9.01
C GLU B 287 -21.07 -19.34 7.78
N LYS B 288 -20.69 -18.43 6.86
CA LYS B 288 -20.02 -18.83 5.63
C LYS B 288 -18.90 -17.85 5.30
N ALA B 289 -17.74 -18.39 4.89
CA ALA B 289 -16.63 -17.54 4.49
C ALA B 289 -17.00 -16.63 3.34
N THR B 290 -17.92 -17.05 2.48
CA THR B 290 -18.31 -16.25 1.33
C THR B 290 -19.16 -15.04 1.73
N GLU B 291 -19.55 -14.93 3.00
CA GLU B 291 -20.23 -13.76 3.54
C GLU B 291 -19.35 -12.96 4.49
N ASP B 292 -18.12 -13.38 4.70
CA ASP B 292 -17.22 -12.68 5.60
C ASP B 292 -16.89 -11.31 5.02
N PRO B 293 -17.00 -10.24 5.79
CA PRO B 293 -16.77 -8.91 5.19
C PRO B 293 -15.37 -8.71 4.70
N TYR B 294 -14.38 -9.36 5.33
CA TYR B 294 -12.99 -9.16 4.98
C TYR B 294 -12.61 -10.02 3.77
N VAL B 295 -13.19 -11.22 3.66
CA VAL B 295 -13.05 -12.02 2.44
C VAL B 295 -13.63 -11.25 1.25
N LEU B 296 -14.84 -10.71 1.42
CA LEU B 296 -15.48 -9.97 0.34
C LEU B 296 -14.65 -8.76 -0.06
N ALA B 297 -14.03 -8.08 0.92
CA ALA B 297 -13.23 -6.90 0.62
C ALA B 297 -12.00 -7.25 -0.22
N ILE B 298 -11.38 -8.39 0.04
CA ILE B 298 -10.23 -8.80 -0.75
C ILE B 298 -10.65 -9.04 -2.18
N TYR B 299 -11.71 -9.83 -2.39
CA TYR B 299 -12.17 -10.07 -3.75
C TYR B 299 -12.59 -8.78 -4.43
N GLY B 300 -13.25 -7.88 -3.70
CA GLY B 300 -13.72 -6.65 -4.31
C GLY B 300 -12.58 -5.74 -4.72
N GLU B 301 -11.59 -5.57 -3.84
CA GLU B 301 -10.46 -4.70 -4.16
C GLU B 301 -9.76 -5.17 -5.42
N PHE B 302 -9.45 -6.46 -5.49
CA PHE B 302 -8.68 -6.97 -6.62
C PHE B 302 -9.53 -7.08 -7.88
N ALA B 303 -10.79 -7.51 -7.77
CA ALA B 303 -11.66 -7.54 -8.95
C ALA B 303 -11.85 -6.15 -9.54
N ALA B 304 -12.02 -5.14 -8.69
CA ALA B 304 -12.18 -3.77 -9.19
C ALA B 304 -10.95 -3.31 -9.94
N GLN B 305 -9.77 -3.46 -9.33
CA GLN B 305 -8.54 -3.08 -10.01
C GLN B 305 -8.38 -3.85 -11.32
N LEU B 306 -8.71 -5.15 -11.32
CA LEU B 306 -8.61 -5.93 -12.56
C LEU B 306 -9.52 -5.38 -13.66
N GLN B 307 -10.77 -5.04 -13.32
CA GLN B 307 -11.69 -4.50 -14.32
C GLN B 307 -11.09 -3.25 -14.96
N VAL B 308 -10.59 -2.34 -14.14
CA VAL B 308 -10.10 -1.08 -14.67
C VAL B 308 -8.85 -1.32 -15.50
N ALA B 309 -7.93 -2.16 -15.01
CA ALA B 309 -6.70 -2.43 -15.76
C ALA B 309 -7.01 -3.08 -17.11
N GLU B 310 -7.97 -4.01 -17.13
CA GLU B 310 -8.33 -4.66 -18.39
C GLU B 310 -8.96 -3.67 -19.36
N ALA B 311 -9.90 -2.87 -18.86
CA ALA B 311 -10.56 -1.89 -19.71
C ALA B 311 -9.56 -0.92 -20.29
N GLY B 312 -8.57 -0.50 -19.47
CA GLY B 312 -7.52 0.36 -19.97
C GLY B 312 -6.64 -0.30 -21.00
N ALA B 313 -6.32 -1.58 -20.80
CA ALA B 313 -5.47 -2.28 -21.75
C ALA B 313 -6.12 -2.37 -23.12
N ARG B 314 -7.45 -2.57 -23.15
CA ARG B 314 -8.14 -2.64 -24.43
C ARG B 314 -7.93 -1.36 -25.23
N GLU B 315 -7.93 -0.22 -24.55
CA GLU B 315 -7.74 1.04 -25.28
C GLU B 315 -6.35 1.13 -25.89
N VAL B 316 -5.33 0.71 -25.15
CA VAL B 316 -3.97 0.78 -25.69
C VAL B 316 -3.82 -0.18 -26.86
N ALA B 317 -4.50 -1.34 -26.79
CA ALA B 317 -4.43 -2.32 -27.86
C ALA B 317 -5.01 -1.77 -29.17
N LEU B 318 -6.11 -1.01 -29.08
CA LEU B 318 -6.66 -0.37 -30.27
C LEU B 318 -5.67 0.60 -30.89
N ARG B 319 -4.90 1.31 -30.06
CA ARG B 319 -3.91 2.23 -30.58
C ARG B 319 -2.74 1.50 -31.23
N VAL B 320 -2.32 0.36 -30.67
CA VAL B 320 -1.32 -0.46 -31.34
C VAL B 320 -1.78 -0.78 -32.76
N GLN B 321 -3.03 -1.22 -32.91
CA GLN B 321 -3.54 -1.59 -34.22
C GLN B 321 -3.55 -0.39 -35.15
N GLU B 322 -3.95 0.78 -34.66
CA GLU B 322 -3.99 1.96 -35.52
C GLU B 322 -2.60 2.27 -36.08
N LEU B 323 -1.57 2.27 -35.23
CA LEU B 323 -0.24 2.60 -35.70
C LEU B 323 0.39 1.47 -36.52
N TRP B 324 0.01 0.23 -36.24
CA TRP B 324 0.45 -0.91 -37.02
C TRP B 324 0.01 -0.81 -38.48
N GLU B 325 -1.14 -0.19 -38.72
CA GLU B 325 -1.67 -0.05 -40.08
C GLU B 325 -1.10 1.16 -40.81
N ARG B 326 -0.36 2.04 -40.13
CA ARG B 326 0.17 3.23 -40.78
C ARG B 326 1.40 2.89 -41.60
N ASN B 327 1.60 3.63 -42.69
CA ASN B 327 2.82 3.48 -43.47
C ASN B 327 4.01 4.13 -42.76
N HIS B 328 3.78 5.22 -42.06
CA HIS B 328 4.84 5.89 -41.31
C HIS B 328 4.33 6.22 -39.92
N VAL B 329 5.27 6.20 -38.98
CA VAL B 329 4.98 6.50 -37.58
C VAL B 329 6.03 7.48 -37.11
N THR B 330 5.60 8.54 -36.42
CA THR B 330 6.50 9.54 -35.90
C THR B 330 6.97 9.18 -34.50
N PRO B 331 8.12 9.73 -34.09
CA PRO B 331 8.59 9.48 -32.72
C PRO B 331 7.58 9.91 -31.66
N GLU B 332 6.79 10.94 -31.96
CA GLU B 332 5.77 11.37 -31.01
C GLU B 332 4.66 10.35 -30.87
N GLN B 333 4.20 9.78 -32.00
CA GLN B 333 3.21 8.71 -31.95
C GLN B 333 3.76 7.49 -31.22
N ARG B 334 4.99 7.09 -31.55
CA ARG B 334 5.59 5.94 -30.92
C ARG B 334 5.81 6.18 -29.44
N GLY B 335 6.28 7.39 -29.09
CA GLY B 335 6.57 7.69 -27.69
C GLY B 335 5.33 7.74 -26.83
N GLN B 336 4.26 8.37 -27.32
CA GLN B 336 3.00 8.35 -26.60
C GLN B 336 2.49 6.93 -26.41
N LEU B 337 2.61 6.10 -27.45
CA LEU B 337 2.17 4.73 -27.31
C LEU B 337 2.99 4.01 -26.25
N MET B 338 4.31 4.18 -26.28
CA MET B 338 5.16 3.50 -25.31
C MET B 338 4.82 3.95 -23.88
N VAL B 339 4.53 5.23 -23.69
CA VAL B 339 4.12 5.69 -22.35
C VAL B 339 2.83 5.02 -21.94
N GLN B 340 1.85 4.93 -22.84
CA GLN B 340 0.59 4.29 -22.51
C GLN B 340 0.77 2.80 -22.18
N VAL B 341 1.65 2.13 -22.94
CA VAL B 341 1.93 0.72 -22.68
C VAL B 341 2.64 0.56 -21.34
N ALA B 342 3.65 1.39 -21.10
CA ALA B 342 4.37 1.33 -19.84
C ALA B 342 3.42 1.51 -18.66
N SER B 343 2.49 2.45 -18.79
CA SER B 343 1.52 2.69 -17.72
C SER B 343 0.68 1.45 -17.47
N ALA B 344 0.16 0.84 -18.54
CA ALA B 344 -0.61 -0.38 -18.38
C ALA B 344 0.21 -1.49 -17.75
N LYS B 345 1.49 -1.62 -18.16
CA LYS B 345 2.33 -2.66 -17.61
C LYS B 345 2.59 -2.44 -16.12
N ILE B 346 2.82 -1.18 -15.72
CA ILE B 346 3.07 -0.87 -14.31
C ILE B 346 1.88 -1.30 -13.45
N VAL B 347 0.68 -0.90 -13.85
CA VAL B 347 -0.52 -1.25 -13.09
C VAL B 347 -0.73 -2.76 -13.07
N ALA B 348 -0.56 -3.42 -14.22
CA ALA B 348 -0.75 -4.87 -14.27
C ALA B 348 0.28 -5.62 -13.43
N THR B 349 1.52 -5.11 -13.39
CA THR B 349 2.57 -5.73 -12.59
C THR B 349 2.23 -5.66 -11.11
N ARG B 350 1.95 -4.46 -10.61
CA ARG B 350 1.61 -4.33 -9.19
C ARG B 350 0.40 -5.17 -8.84
N LEU B 351 -0.60 -5.18 -9.72
CA LEU B 351 -1.82 -5.91 -9.45
C LEU B 351 -1.56 -7.41 -9.33
N VAL B 352 -0.88 -7.99 -10.32
CA VAL B 352 -0.76 -9.45 -10.32
C VAL B 352 0.14 -9.90 -9.18
N ILE B 353 1.18 -9.14 -8.84
CA ILE B 353 2.08 -9.55 -7.78
C ILE B 353 1.38 -9.48 -6.41
N GLU B 354 0.57 -8.45 -6.19
CA GLU B 354 -0.18 -8.33 -4.93
C GLU B 354 -1.25 -9.41 -4.82
N LEU B 355 -2.03 -9.57 -5.89
CA LEU B 355 -3.21 -10.44 -5.88
C LEU B 355 -2.83 -11.91 -5.70
N THR B 356 -1.80 -12.37 -6.40
CA THR B 356 -1.48 -13.79 -6.36
C THR B 356 -0.97 -14.22 -5.00
N SER B 357 -0.47 -13.27 -4.20
CA SER B 357 -0.02 -13.54 -2.85
C SER B 357 -1.13 -13.32 -1.83
N ARG B 358 -1.84 -12.19 -1.94
CA ARG B 358 -2.79 -11.82 -0.89
C ARG B 358 -4.09 -12.62 -0.95
N LEU B 359 -4.43 -13.23 -2.09
N LEU B 359 -4.42 -13.24 -2.08
CA LEU B 359 -5.66 -14.00 -2.14
CA LEU B 359 -5.67 -14.00 -2.14
C LEU B 359 -5.65 -15.18 -1.17
C LEU B 359 -5.65 -15.20 -1.19
N TYR B 360 -4.47 -15.65 -0.74
CA TYR B 360 -4.43 -16.69 0.27
C TYR B 360 -5.16 -16.23 1.53
N GLU B 361 -5.10 -14.92 1.84
N GLU B 361 -5.08 -14.93 1.85
CA GLU B 361 -5.71 -14.41 3.05
CA GLU B 361 -5.71 -14.40 3.05
C GLU B 361 -7.23 -14.44 2.98
C GLU B 361 -7.23 -14.58 2.98
N ALA B 362 -7.80 -14.55 1.78
CA ALA B 362 -9.22 -14.77 1.61
C ALA B 362 -9.58 -16.24 1.65
N MET B 363 -8.68 -17.12 1.23
CA MET B 363 -8.97 -18.55 1.12
C MET B 363 -8.76 -19.30 2.42
N GLY B 364 -7.78 -18.91 3.22
CA GLY B 364 -7.52 -19.50 4.52
C GLY B 364 -6.41 -20.54 4.49
N ALA B 365 -6.14 -21.09 5.68
CA ALA B 365 -4.94 -21.86 5.91
C ALA B 365 -4.87 -23.12 5.04
N ARG B 366 -6.02 -23.77 4.81
CA ARG B 366 -5.98 -25.03 4.08
C ARG B 366 -5.54 -24.85 2.64
N ALA B 367 -5.71 -23.66 2.08
CA ALA B 367 -5.24 -23.42 0.72
C ALA B 367 -3.72 -23.56 0.61
N ALA B 368 -3.00 -23.25 1.69
CA ALA B 368 -1.54 -23.39 1.73
C ALA B 368 -1.09 -24.71 2.34
N ALA B 369 -1.88 -25.26 3.28
CA ALA B 369 -1.53 -26.53 3.90
C ALA B 369 -1.52 -27.67 2.90
N SER B 370 -2.32 -27.56 1.85
CA SER B 370 -2.41 -28.57 0.80
C SER B 370 -1.56 -28.12 -0.40
N ARG B 371 -0.32 -28.59 -0.47
CA ARG B 371 0.56 -28.21 -1.58
C ARG B 371 -0.09 -28.54 -2.91
N GLN B 372 -0.84 -29.66 -2.97
CA GLN B 372 -1.41 -30.14 -4.21
C GLN B 372 -2.41 -29.16 -4.82
N PHE B 373 -3.05 -28.32 -4.01
CA PHE B 373 -3.92 -27.30 -4.57
C PHE B 373 -3.19 -26.52 -5.68
N GLY B 374 -1.93 -26.17 -5.42
CA GLY B 374 -1.09 -25.63 -6.48
C GLY B 374 -1.36 -24.19 -6.83
N PHE B 375 -2.01 -23.43 -5.96
CA PHE B 375 -2.38 -22.06 -6.30
C PHE B 375 -1.17 -21.17 -6.42
N ASP B 376 -0.07 -21.52 -5.76
CA ASP B 376 1.15 -20.73 -5.82
C ASP B 376 1.72 -20.64 -7.23
N ARG B 377 1.26 -21.48 -8.15
CA ARG B 377 1.70 -21.37 -9.54
C ARG B 377 1.48 -19.97 -10.10
N PHE B 378 0.35 -19.34 -9.75
CA PHE B 378 0.07 -18.01 -10.29
C PHE B 378 1.11 -16.99 -9.82
N TRP B 379 1.40 -16.96 -8.52
CA TRP B 379 2.44 -16.08 -8.02
C TRP B 379 3.80 -16.45 -8.63
N ARG B 380 4.11 -17.74 -8.71
CA ARG B 380 5.41 -18.12 -9.25
C ARG B 380 5.56 -17.64 -10.71
N ASP B 381 4.52 -17.83 -11.51
CA ASP B 381 4.58 -17.43 -12.92
C ASP B 381 4.72 -15.92 -13.04
N ALA B 382 3.87 -15.18 -12.33
CA ALA B 382 3.91 -13.73 -12.39
C ALA B 382 5.21 -13.20 -11.79
N ARG B 383 5.62 -13.72 -10.63
CA ARG B 383 6.82 -13.21 -9.98
C ARG B 383 8.04 -13.39 -10.88
N THR B 384 8.08 -14.50 -11.63
CA THR B 384 9.19 -14.74 -12.55
C THR B 384 9.18 -13.75 -13.72
N HIS B 385 8.09 -13.69 -14.48
CA HIS B 385 8.18 -12.93 -15.71
C HIS B 385 8.14 -11.42 -15.49
N THR B 386 7.50 -10.93 -14.43
CA THR B 386 7.47 -9.48 -14.20
C THR B 386 8.87 -8.90 -14.04
N LEU B 387 9.88 -9.74 -13.79
CA LEU B 387 11.26 -9.32 -13.66
C LEU B 387 11.97 -9.18 -14.99
N HIS B 388 11.28 -9.47 -16.10
CA HIS B 388 11.90 -9.39 -17.42
C HIS B 388 12.71 -8.10 -17.58
N ASP B 389 12.11 -6.97 -17.22
CA ASP B 389 12.80 -5.71 -17.15
C ASP B 389 12.19 -4.94 -15.99
N PRO B 390 12.97 -4.10 -15.31
CA PRO B 390 12.55 -3.60 -14.00
C PRO B 390 11.40 -2.60 -14.11
N VAL B 391 10.33 -2.88 -13.37
CA VAL B 391 9.19 -1.99 -13.39
C VAL B 391 9.57 -0.62 -12.86
N ALA B 392 10.60 -0.54 -12.00
CA ALA B 392 11.03 0.77 -11.52
C ALA B 392 11.43 1.69 -12.67
N TYR B 393 12.02 1.16 -13.74
CA TYR B 393 12.40 2.04 -14.85
C TYR B 393 11.24 2.32 -15.80
N LYS B 394 10.23 1.45 -15.86
CA LYS B 394 8.99 1.82 -16.54
C LYS B 394 8.34 2.98 -15.82
N ILE B 395 8.36 2.96 -14.48
CA ILE B 395 7.82 4.06 -13.69
C ILE B 395 8.60 5.34 -13.96
N ARG B 396 9.94 5.26 -13.94
CA ARG B 396 10.76 6.43 -14.25
C ARG B 396 10.46 6.97 -15.64
N GLU B 397 10.26 6.08 -16.61
CA GLU B 397 9.98 6.52 -17.97
C GLU B 397 8.66 7.26 -18.06
N VAL B 398 7.62 6.77 -17.40
CA VAL B 398 6.36 7.49 -17.40
C VAL B 398 6.51 8.82 -16.68
N GLY B 399 7.26 8.85 -15.56
CA GLY B 399 7.43 10.11 -14.85
C GLY B 399 8.23 11.13 -15.64
N ASN B 400 9.26 10.67 -16.34
CA ASN B 400 10.08 11.56 -17.16
C ASN B 400 9.26 12.17 -18.28
N TRP B 401 8.34 11.39 -18.85
CA TRP B 401 7.41 11.94 -19.83
C TRP B 401 6.45 12.94 -19.19
N PHE B 402 5.80 12.56 -18.09
CA PHE B 402 4.78 13.44 -17.54
C PHE B 402 5.38 14.75 -17.05
N LEU B 403 6.51 14.67 -16.35
CA LEU B 403 7.11 15.86 -15.73
C LEU B 403 7.94 16.66 -16.73
N ASN B 404 8.74 15.99 -17.56
CA ASN B 404 9.70 16.67 -18.41
C ASN B 404 9.36 16.62 -19.90
N HIS B 405 8.26 15.99 -20.27
CA HIS B 405 7.86 15.88 -21.68
C HIS B 405 8.92 15.13 -22.51
N ARG B 406 9.65 14.22 -21.87
CA ARG B 406 10.64 13.41 -22.57
C ARG B 406 10.07 12.02 -22.84
N PHE B 407 10.04 11.63 -24.10
CA PHE B 407 9.60 10.28 -24.40
C PHE B 407 10.71 9.28 -24.08
N PRO B 408 10.37 8.03 -23.78
CA PRO B 408 11.41 7.05 -23.47
C PRO B 408 12.36 6.89 -24.67
N THR B 409 13.62 6.64 -24.37
CA THR B 409 14.58 6.35 -25.43
C THR B 409 14.30 4.96 -25.99
N PRO B 410 13.95 4.82 -27.26
CA PRO B 410 13.62 3.49 -27.78
C PRO B 410 14.79 2.53 -27.64
N SER B 411 14.46 1.29 -27.29
CA SER B 411 15.45 0.25 -27.05
C SER B 411 14.71 -1.08 -27.07
N PHE B 412 15.41 -2.15 -26.71
CA PHE B 412 14.74 -3.43 -26.65
C PHE B 412 13.85 -3.55 -25.42
N TYR B 413 13.92 -2.57 -24.51
CA TYR B 413 13.13 -2.58 -23.29
C TYR B 413 12.26 -1.34 -23.12
N SER B 414 12.42 -0.32 -23.95
CA SER B 414 11.70 0.92 -23.76
C SER B 414 11.45 1.61 -25.11
N ASP C 14 -16.55 15.36 -34.02
CA ASP C 14 -17.19 16.58 -33.52
C ASP C 14 -16.77 16.87 -32.08
N HIS C 15 -15.85 17.82 -31.92
CA HIS C 15 -15.31 18.17 -30.61
C HIS C 15 -15.77 19.55 -30.15
N ARG C 16 -16.85 20.09 -30.74
CA ARG C 16 -17.25 21.46 -30.44
C ARG C 16 -17.60 21.62 -28.97
N ALA C 17 -18.47 20.75 -28.44
CA ALA C 17 -18.87 20.86 -27.04
C ALA C 17 -17.68 20.71 -26.11
N LEU C 18 -16.78 19.77 -26.39
CA LEU C 18 -15.61 19.59 -25.55
C LEU C 18 -14.71 20.82 -25.59
N ASP C 19 -14.57 21.44 -26.77
CA ASP C 19 -13.80 22.69 -26.85
C ASP C 19 -14.42 23.75 -25.96
N VAL C 20 -15.76 23.86 -25.96
CA VAL C 20 -16.42 24.85 -25.12
C VAL C 20 -16.14 24.58 -23.65
N ALA C 21 -16.19 23.31 -23.24
CA ALA C 21 -15.90 22.96 -21.85
C ALA C 21 -14.45 23.26 -21.49
N THR C 22 -13.52 22.96 -22.42
CA THR C 22 -12.11 23.25 -22.17
C THR C 22 -11.89 24.75 -21.97
N GLU C 23 -12.56 25.57 -22.77
CA GLU C 23 -12.40 27.02 -22.61
C GLU C 23 -12.99 27.50 -21.29
N LEU C 24 -14.17 27.00 -20.92
CA LEU C 24 -14.73 27.33 -19.61
C LEU C 24 -13.73 27.00 -18.51
N ALA C 25 -13.16 25.79 -18.58
CA ALA C 25 -12.25 25.33 -17.52
C ALA C 25 -11.04 26.24 -17.41
N LYS C 26 -10.48 26.62 -18.55
CA LYS C 26 -9.35 27.57 -18.58
C LYS C 26 -9.69 28.84 -17.82
N THR C 27 -10.88 29.42 -18.07
CA THR C 27 -11.24 30.63 -17.35
C THR C 27 -11.42 30.36 -15.86
N PHE C 28 -11.98 29.21 -15.51
CA PHE C 28 -12.19 28.88 -14.11
C PHE C 28 -10.87 28.76 -13.36
N ARG C 29 -9.83 28.23 -14.02
CA ARG C 29 -8.54 28.04 -13.35
C ARG C 29 -7.95 29.35 -12.88
N VAL C 30 -8.22 30.44 -13.61
CA VAL C 30 -7.59 31.72 -13.28
C VAL C 30 -8.02 32.18 -11.90
N THR C 31 -9.26 31.89 -11.52
CA THR C 31 -9.89 32.49 -10.35
C THR C 31 -10.24 31.52 -9.22
N VAL C 32 -10.08 30.21 -9.43
CA VAL C 32 -10.60 29.25 -8.45
C VAL C 32 -9.92 29.41 -7.10
N ARG C 33 -8.62 29.68 -7.08
CA ARG C 33 -7.92 29.77 -5.81
C ARG C 33 -8.54 30.84 -4.93
N GLU C 34 -8.78 32.02 -5.49
CA GLU C 34 -9.40 33.10 -4.72
C GLU C 34 -10.87 32.81 -4.42
N ARG C 35 -11.61 32.30 -5.41
CA ARG C 35 -13.05 32.12 -5.22
C ARG C 35 -13.37 31.10 -4.14
N GLU C 36 -12.68 29.96 -4.11
CA GLU C 36 -13.14 28.92 -3.20
C GLU C 36 -12.81 29.20 -1.74
N ARG C 37 -11.80 30.03 -1.48
CA ARG C 37 -11.55 30.45 -0.10
C ARG C 37 -12.81 31.08 0.52
N ALA C 38 -13.52 31.90 -0.25
CA ALA C 38 -14.70 32.58 0.27
C ALA C 38 -15.90 31.65 0.41
N GLY C 39 -15.93 30.55 -0.33
CA GLY C 39 -17.13 29.73 -0.28
C GLY C 39 -18.25 30.47 -0.97
N GLY C 40 -19.47 30.13 -0.61
CA GLY C 40 -20.59 30.82 -1.22
C GLY C 40 -20.81 30.39 -2.67
N THR C 41 -21.63 31.19 -3.36
CA THR C 41 -22.18 30.79 -4.64
C THR C 41 -21.37 31.38 -5.77
N PRO C 42 -20.84 30.57 -6.67
CA PRO C 42 -20.08 31.11 -7.81
C PRO C 42 -21.02 31.51 -8.94
N LYS C 43 -21.77 32.59 -8.69
CA LYS C 43 -22.84 33.00 -9.60
C LYS C 43 -22.30 33.32 -10.99
N ALA C 44 -21.23 34.12 -11.06
CA ALA C 44 -20.68 34.47 -12.36
C ALA C 44 -20.31 33.23 -13.17
N GLU C 45 -19.71 32.24 -12.52
CA GLU C 45 -19.28 31.05 -13.24
C GLU C 45 -20.47 30.17 -13.62
N ARG C 46 -21.48 30.10 -12.76
CA ARG C 46 -22.70 29.38 -13.11
C ARG C 46 -23.37 30.02 -14.32
N ASP C 47 -23.37 31.36 -14.38
CA ASP C 47 -23.94 32.05 -15.53
C ASP C 47 -23.10 31.80 -16.79
N ALA C 48 -21.78 31.71 -16.64
CA ALA C 48 -20.95 31.37 -17.79
C ALA C 48 -21.31 30.00 -18.35
N ILE C 49 -21.61 29.04 -17.46
CA ILE C 49 -22.04 27.73 -17.93
C ILE C 49 -23.38 27.82 -18.63
N ARG C 50 -24.31 28.62 -18.07
CA ARG C 50 -25.60 28.85 -18.71
C ARG C 50 -25.43 29.38 -20.14
N ARG C 51 -24.57 30.37 -20.32
CA ARG C 51 -24.36 30.94 -21.65
CA ARG C 51 -24.35 30.94 -21.65
C ARG C 51 -23.69 29.96 -22.59
N SER C 52 -22.94 28.98 -22.08
CA SER C 52 -22.23 28.05 -22.94
C SER C 52 -23.16 27.12 -23.69
N GLY C 53 -24.39 26.94 -23.23
CA GLY C 53 -25.29 25.94 -23.77
C GLY C 53 -25.05 24.52 -23.32
N LEU C 54 -23.93 24.23 -22.64
CA LEU C 54 -23.61 22.85 -22.28
C LEU C 54 -24.61 22.22 -21.33
N LEU C 55 -25.38 23.00 -20.58
CA LEU C 55 -26.40 22.41 -19.74
C LEU C 55 -27.44 21.63 -20.56
N THR C 56 -27.53 21.91 -21.87
CA THR C 56 -28.49 21.26 -22.75
C THR C 56 -27.87 20.11 -23.54
N LEU C 57 -26.73 19.58 -23.09
CA LEU C 57 -26.00 18.59 -23.85
C LEU C 57 -26.86 17.38 -24.20
N LEU C 58 -27.73 16.95 -23.30
CA LEU C 58 -28.49 15.71 -23.48
C LEU C 58 -29.91 15.96 -23.95
N ILE C 59 -30.26 17.21 -24.24
CA ILE C 59 -31.58 17.52 -24.80
C ILE C 59 -31.46 17.45 -26.32
N SER C 60 -32.42 16.79 -26.96
CA SER C 60 -32.34 16.59 -28.40
C SER C 60 -32.28 17.92 -29.14
N LYS C 61 -31.62 17.90 -30.29
CA LYS C 61 -31.63 19.08 -31.17
C LYS C 61 -33.05 19.48 -31.55
N GLU C 62 -33.95 18.50 -31.70
CA GLU C 62 -35.34 18.82 -32.00
C GLU C 62 -35.93 19.75 -30.95
N ARG C 63 -35.61 19.53 -29.68
CA ARG C 63 -36.15 20.34 -28.60
C ARG C 63 -35.26 21.52 -28.24
N GLY C 64 -34.27 21.84 -29.07
CA GLY C 64 -33.41 22.99 -28.86
C GLY C 64 -32.09 22.69 -28.17
N GLY C 65 -31.83 21.44 -27.80
CA GLY C 65 -30.60 21.08 -27.14
C GLY C 65 -29.49 20.78 -28.11
N LEU C 66 -28.39 20.21 -27.58
CA LEU C 66 -27.24 19.91 -28.41
C LEU C 66 -27.24 18.49 -28.98
N GLY C 67 -28.15 17.62 -28.54
CA GLY C 67 -28.20 16.28 -29.06
C GLY C 67 -26.90 15.51 -28.91
N GLU C 68 -26.20 15.70 -27.80
CA GLU C 68 -24.92 15.05 -27.57
C GLU C 68 -25.11 13.77 -26.75
N SER C 69 -23.99 13.14 -26.39
CA SER C 69 -23.96 11.82 -25.78
C SER C 69 -23.34 11.86 -24.38
N TRP C 70 -23.57 10.78 -23.62
CA TRP C 70 -22.98 10.69 -22.29
C TRP C 70 -21.46 10.71 -22.31
N PRO C 71 -20.75 10.07 -23.24
CA PRO C 71 -19.28 10.18 -23.23
C PRO C 71 -18.82 11.64 -23.29
N THR C 72 -19.49 12.47 -24.09
CA THR C 72 -19.16 13.89 -24.12
C THR C 72 -19.42 14.55 -22.77
N VAL C 73 -20.59 14.28 -22.16
CA VAL C 73 -20.90 14.81 -20.84
C VAL C 73 -19.80 14.45 -19.84
N TYR C 74 -19.43 13.17 -19.80
CA TYR C 74 -18.44 12.72 -18.82
C TYR C 74 -17.08 13.38 -19.05
N GLU C 75 -16.66 13.49 -20.30
CA GLU C 75 -15.39 14.15 -20.57
C GLU C 75 -15.45 15.63 -20.16
N ALA C 76 -16.58 16.29 -20.42
CA ALA C 76 -16.73 17.68 -20.00
C ALA C 76 -16.70 17.82 -18.49
N ILE C 77 -17.33 16.89 -17.77
CA ILE C 77 -17.33 16.92 -16.30
C ILE C 77 -15.90 16.83 -15.78
N ALA C 78 -15.14 15.86 -16.28
CA ALA C 78 -13.76 15.69 -15.80
C ALA C 78 -12.93 16.93 -16.11
N GLU C 79 -13.10 17.51 -17.29
CA GLU C 79 -12.31 18.69 -17.67
C GLU C 79 -12.61 19.86 -16.74
N ILE C 80 -13.89 20.15 -16.52
CA ILE C 80 -14.25 21.27 -15.65
C ILE C 80 -13.77 21.01 -14.23
N ALA C 81 -13.94 19.77 -13.76
CA ALA C 81 -13.54 19.43 -12.39
C ALA C 81 -12.04 19.58 -12.21
N SER C 82 -11.25 19.34 -13.25
CA SER C 82 -9.80 19.48 -13.13
C SER C 82 -9.41 20.93 -12.86
N ALA C 83 -10.24 21.88 -13.31
CA ALA C 83 -10.01 23.30 -13.11
C ALA C 83 -10.61 23.81 -11.80
N ASP C 84 -11.84 23.37 -11.50
CA ASP C 84 -12.56 23.85 -10.32
C ASP C 84 -13.47 22.70 -9.91
N ALA C 85 -13.17 22.03 -8.80
CA ALA C 85 -13.94 20.85 -8.42
C ALA C 85 -15.39 21.20 -8.07
N SER C 86 -15.63 22.41 -7.54
CA SER C 86 -16.99 22.78 -7.18
C SER C 86 -17.83 22.99 -8.44
N LEU C 87 -17.28 23.66 -9.43
CA LEU C 87 -18.01 23.84 -10.68
C LEU C 87 -18.17 22.51 -11.41
N GLY C 88 -17.16 21.64 -11.35
CA GLY C 88 -17.31 20.31 -11.92
C GLY C 88 -18.43 19.53 -11.26
N HIS C 89 -18.49 19.60 -9.94
CA HIS C 89 -19.54 18.96 -9.16
C HIS C 89 -20.91 19.51 -9.54
N LEU C 90 -21.07 20.83 -9.56
CA LEU C 90 -22.35 21.42 -9.91
C LEU C 90 -22.79 20.99 -11.31
N PHE C 91 -21.88 21.03 -12.26
CA PHE C 91 -22.14 20.67 -13.64
C PHE C 91 -22.52 19.19 -13.74
N GLY C 92 -21.73 18.31 -13.11
CA GLY C 92 -22.05 16.89 -13.13
C GLY C 92 -23.37 16.58 -12.44
N TYR C 93 -23.62 17.21 -11.29
CA TYR C 93 -24.88 16.96 -10.57
C TYR C 93 -26.07 17.40 -11.40
N HIS C 94 -25.92 18.51 -12.15
CA HIS C 94 -26.98 18.92 -13.07
C HIS C 94 -27.38 17.77 -13.98
N PHE C 95 -26.40 17.01 -14.50
CA PHE C 95 -26.73 15.91 -15.39
C PHE C 95 -27.26 14.69 -14.67
N SER C 96 -26.86 14.45 -13.41
CA SER C 96 -27.54 13.43 -12.63
C SER C 96 -28.99 13.79 -12.40
N ASN C 97 -29.25 15.07 -12.08
CA ASN C 97 -30.63 15.53 -11.90
C ASN C 97 -31.41 15.42 -13.19
N PHE C 98 -30.78 15.81 -14.31
CA PHE C 98 -31.45 15.71 -15.61
C PHE C 98 -31.73 14.25 -15.95
N ALA C 99 -30.78 13.36 -15.67
CA ALA C 99 -31.00 11.94 -15.94
C ALA C 99 -32.22 11.43 -15.18
N TYR C 100 -32.37 11.82 -13.92
CA TYR C 100 -33.53 11.36 -13.15
C TYR C 100 -34.82 11.86 -13.80
N VAL C 101 -34.85 13.14 -14.16
CA VAL C 101 -36.00 13.72 -14.83
C VAL C 101 -36.31 12.95 -16.11
N ASP C 102 -35.29 12.73 -16.94
CA ASP C 102 -35.53 12.10 -18.23
C ASP C 102 -36.00 10.67 -18.07
N LEU C 103 -35.55 9.98 -17.01
CA LEU C 103 -35.93 8.58 -16.81
C LEU C 103 -37.35 8.42 -16.27
N PHE C 104 -37.94 9.46 -15.65
CA PHE C 104 -39.27 9.34 -15.06
C PHE C 104 -40.31 10.26 -15.66
N ALA C 105 -39.92 11.30 -16.39
CA ALA C 105 -40.88 12.30 -16.85
C ALA C 105 -41.78 11.74 -17.95
N SER C 106 -43.03 12.20 -17.94
CA SER C 106 -43.99 11.83 -18.96
C SER C 106 -43.67 12.49 -20.30
N PRO C 107 -44.20 11.96 -21.40
CA PRO C 107 -44.05 12.63 -22.69
C PRO C 107 -44.47 14.09 -22.68
N GLU C 108 -45.55 14.45 -21.98
CA GLU C 108 -45.96 15.85 -22.00
C GLU C 108 -45.10 16.71 -21.11
N GLN C 109 -44.56 16.15 -20.02
CA GLN C 109 -43.58 16.87 -19.22
C GLN C 109 -42.33 17.19 -20.02
N LYS C 110 -41.83 16.22 -20.78
CA LYS C 110 -40.64 16.45 -21.60
C LYS C 110 -40.90 17.49 -22.68
N ALA C 111 -42.08 17.46 -23.30
CA ALA C 111 -42.40 18.40 -24.36
C ALA C 111 -42.46 19.83 -23.83
N ARG C 112 -42.89 20.01 -22.59
CA ARG C 112 -42.93 21.33 -21.98
C ARG C 112 -41.59 21.71 -21.35
N TRP C 113 -41.02 20.82 -20.52
CA TRP C 113 -39.84 21.20 -19.74
C TRP C 113 -38.61 21.42 -20.61
N TYR C 114 -38.38 20.57 -21.60
CA TYR C 114 -37.06 20.60 -22.24
C TYR C 114 -36.89 21.87 -23.07
N PRO C 115 -37.86 22.31 -23.89
CA PRO C 115 -37.70 23.62 -24.53
C PRO C 115 -37.56 24.75 -23.54
N GLN C 116 -38.27 24.68 -22.41
CA GLN C 116 -38.18 25.71 -21.39
C GLN C 116 -36.80 25.73 -20.76
N ALA C 117 -36.21 24.55 -20.55
CA ALA C 117 -34.88 24.49 -19.95
C ALA C 117 -33.86 25.12 -20.88
N VAL C 118 -34.06 24.97 -22.19
CA VAL C 118 -33.17 25.58 -23.17
C VAL C 118 -33.36 27.10 -23.17
N ARG C 119 -34.62 27.54 -23.28
CA ARG C 119 -34.91 28.98 -23.38
C ARG C 119 -34.43 29.72 -22.14
N GLU C 120 -34.71 29.18 -20.97
CA GLU C 120 -34.44 29.82 -19.70
C GLU C 120 -33.08 29.46 -19.12
N ARG C 121 -32.32 28.61 -19.81
CA ARG C 121 -30.94 28.25 -19.41
C ARG C 121 -30.91 27.65 -18.01
N TRP C 122 -31.72 26.61 -17.82
CA TRP C 122 -31.88 26.00 -16.50
C TRP C 122 -30.62 25.31 -16.05
N PHE C 123 -30.25 25.57 -14.80
CA PHE C 123 -29.19 24.89 -14.06
C PHE C 123 -29.90 24.19 -12.90
N LEU C 124 -29.93 22.86 -12.91
CA LEU C 124 -30.74 22.09 -12.00
C LEU C 124 -30.01 21.82 -10.69
N GLY C 125 -30.72 22.00 -9.58
CA GLY C 125 -30.23 21.64 -8.27
C GLY C 125 -30.99 20.47 -7.67
N ASN C 126 -30.55 20.06 -6.48
CA ASN C 126 -30.93 18.78 -5.87
C ASN C 126 -31.27 18.99 -4.40
N ALA C 127 -32.43 18.50 -3.97
CA ALA C 127 -32.85 18.60 -2.57
C ALA C 127 -33.91 17.59 -2.18
N SER C 128 -33.57 16.32 -1.99
CA SER C 128 -32.23 15.79 -2.12
C SER C 128 -32.36 14.30 -2.42
N SER C 129 -31.54 13.79 -3.35
CA SER C 129 -31.53 12.37 -3.66
C SER C 129 -30.51 11.59 -2.84
N GLU C 130 -29.98 12.19 -1.78
CA GLU C 130 -28.91 11.61 -0.98
C GLU C 130 -29.41 11.45 0.46
N ASN C 131 -30.35 10.52 0.63
CA ASN C 131 -30.94 10.23 1.93
C ASN C 131 -30.23 9.01 2.52
N ASN C 132 -29.36 9.26 3.51
CA ASN C 132 -28.62 8.16 4.13
C ASN C 132 -29.46 7.55 5.26
N ALA C 133 -30.60 6.98 4.85
CA ALA C 133 -31.54 6.46 5.83
C ALA C 133 -32.65 5.69 5.10
N HIS C 134 -33.29 4.80 5.85
CA HIS C 134 -34.45 4.08 5.33
C HIS C 134 -35.59 5.04 5.03
N VAL C 135 -36.45 4.63 4.09
CA VAL C 135 -37.46 5.53 3.53
C VAL C 135 -38.36 6.08 4.63
N LEU C 136 -38.74 5.26 5.60
CA LEU C 136 -39.64 5.73 6.64
C LEU C 136 -38.96 6.72 7.59
N ASP C 137 -37.65 6.89 7.50
CA ASP C 137 -36.94 7.85 8.33
C ASP C 137 -36.52 9.11 7.56
N TRP C 138 -36.97 9.28 6.33
CA TRP C 138 -36.58 10.44 5.54
C TRP C 138 -37.11 11.73 6.17
N ARG C 139 -36.34 12.80 6.01
CA ARG C 139 -36.62 14.04 6.72
C ARG C 139 -37.85 14.76 6.17
N VAL C 140 -38.17 14.58 4.90
CA VAL C 140 -39.15 15.40 4.21
C VAL C 140 -40.36 14.56 3.85
N THR C 141 -41.54 15.00 4.28
CA THR C 141 -42.77 14.27 4.08
C THR C 141 -43.68 14.99 3.09
N ALA C 142 -44.44 14.19 2.34
CA ALA C 142 -45.42 14.70 1.40
C ALA C 142 -46.80 14.26 1.88
N THR C 143 -47.66 15.23 2.16
CA THR C 143 -49.01 14.93 2.59
C THR C 143 -50.00 15.42 1.53
N PRO C 144 -51.11 14.71 1.30
CA PRO C 144 -51.95 15.04 0.15
C PRO C 144 -52.59 16.41 0.24
N LEU C 145 -52.77 17.04 -0.93
CA LEU C 145 -53.58 18.24 -1.09
C LEU C 145 -54.65 17.96 -2.13
N PRO C 146 -55.63 18.86 -2.29
CA PRO C 146 -56.68 18.62 -3.28
C PRO C 146 -56.16 18.53 -4.70
N ASP C 147 -56.88 17.77 -5.52
CA ASP C 147 -56.65 17.72 -6.96
C ASP C 147 -55.29 17.12 -7.29
N GLY C 148 -54.79 16.25 -6.42
CA GLY C 148 -53.58 15.50 -6.70
C GLY C 148 -52.29 16.18 -6.28
N SER C 149 -52.37 17.38 -5.72
CA SER C 149 -51.16 18.04 -5.24
C SER C 149 -50.69 17.40 -3.93
N TYR C 150 -49.43 17.71 -3.59
CA TYR C 150 -48.86 17.32 -2.33
C TYR C 150 -48.31 18.55 -1.65
N GLU C 151 -48.24 18.48 -0.32
CA GLU C 151 -47.57 19.48 0.50
C GLU C 151 -46.30 18.86 1.10
N ILE C 152 -45.17 19.54 0.89
CA ILE C 152 -43.86 19.07 1.34
C ILE C 152 -43.45 19.82 2.60
N ASN C 153 -43.04 19.07 3.64
CA ASN C 153 -42.55 19.66 4.87
C ASN C 153 -41.32 18.93 5.38
N GLY C 154 -40.33 19.69 5.83
CA GLY C 154 -39.16 19.14 6.47
C GLY C 154 -37.88 19.82 6.05
N THR C 155 -36.78 19.48 6.73
CA THR C 155 -35.47 20.02 6.41
C THR C 155 -34.54 18.87 6.02
N LYS C 156 -33.87 19.01 4.87
CA LYS C 156 -32.91 18.03 4.40
C LYS C 156 -31.55 18.67 4.20
N ALA C 157 -30.49 17.95 4.55
CA ALA C 157 -29.12 18.40 4.34
C ALA C 157 -28.57 17.88 3.00
N PHE C 158 -27.35 18.32 2.67
CA PHE C 158 -26.67 17.87 1.44
C PHE C 158 -27.56 18.06 0.22
N CYS C 159 -28.14 19.25 0.11
CA CYS C 159 -28.89 19.64 -1.08
C CYS C 159 -27.92 20.25 -2.08
N SER C 160 -27.28 19.36 -2.85
CA SER C 160 -26.21 19.80 -3.76
C SER C 160 -26.73 20.79 -4.77
N GLY C 161 -25.99 21.89 -4.94
CA GLY C 161 -26.33 22.87 -5.95
C GLY C 161 -27.67 23.53 -5.73
N SER C 162 -28.08 23.73 -4.48
CA SER C 162 -29.40 24.24 -4.16
C SER C 162 -29.50 25.76 -4.20
N ALA C 163 -28.39 26.47 -4.40
CA ALA C 163 -28.43 27.91 -4.57
C ALA C 163 -28.44 28.25 -6.04
N ASP C 164 -29.14 29.32 -6.40
CA ASP C 164 -29.15 29.78 -7.79
C ASP C 164 -29.66 28.71 -8.74
N ALA C 165 -30.53 27.83 -8.26
CA ALA C 165 -31.07 26.73 -9.07
C ALA C 165 -32.38 27.13 -9.73
N ASP C 166 -32.46 26.94 -11.04
CA ASP C 166 -33.70 27.28 -11.74
C ASP C 166 -34.83 26.33 -11.36
N ARG C 167 -34.51 25.06 -11.14
CA ARG C 167 -35.43 24.09 -10.57
C ARG C 167 -34.66 23.23 -9.58
N LEU C 168 -35.39 22.72 -8.58
CA LEU C 168 -34.86 21.76 -7.61
C LEU C 168 -35.55 20.42 -7.82
N LEU C 169 -34.74 19.37 -7.91
CA LEU C 169 -35.24 18.00 -7.88
C LEU C 169 -35.39 17.61 -6.42
N VAL C 170 -36.64 17.48 -5.96
CA VAL C 170 -36.95 17.29 -4.55
C VAL C 170 -37.53 15.89 -4.35
N PHE C 171 -37.27 15.32 -3.18
CA PHE C 171 -37.74 13.99 -2.80
C PHE C 171 -38.44 14.04 -1.46
N ALA C 172 -39.49 13.24 -1.31
CA ALA C 172 -40.24 13.19 -0.06
C ALA C 172 -40.91 11.83 0.06
N VAL C 173 -41.37 11.53 1.27
CA VAL C 173 -42.06 10.27 1.56
C VAL C 173 -43.49 10.59 1.95
N THR C 174 -44.44 9.83 1.41
CA THR C 174 -45.85 10.16 1.62
C THR C 174 -46.27 9.84 3.05
N SER C 175 -47.21 10.66 3.54
CA SER C 175 -47.77 10.52 4.87
C SER C 175 -49.22 10.98 4.80
N ARG C 176 -50.05 10.40 5.68
CA ARG C 176 -51.48 10.67 5.69
C ARG C 176 -52.08 10.59 4.30
N ASP C 177 -51.69 9.55 3.57
CA ASP C 177 -52.01 9.40 2.15
C ASP C 177 -52.96 8.22 1.95
N PRO C 178 -54.21 8.45 1.52
CA PRO C 178 -55.12 7.31 1.30
C PRO C 178 -54.65 6.34 0.23
N ASN C 179 -53.78 6.77 -0.67
CA ASN C 179 -53.26 5.91 -1.72
C ASN C 179 -51.96 5.22 -1.32
N GLY C 180 -51.55 5.33 -0.06
CA GLY C 180 -50.40 4.61 0.45
C GLY C 180 -49.36 5.50 1.11
N ASP C 181 -49.04 5.19 2.37
CA ASP C 181 -48.00 5.89 3.11
C ASP C 181 -46.63 5.30 2.81
N GLY C 182 -45.58 6.08 3.09
CA GLY C 182 -44.22 5.58 2.95
C GLY C 182 -43.72 5.46 1.53
N ARG C 183 -44.39 6.08 0.56
CA ARG C 183 -44.00 6.02 -0.84
C ARG C 183 -43.10 7.20 -1.18
N ILE C 184 -42.06 6.97 -1.98
CA ILE C 184 -41.16 8.04 -2.40
C ILE C 184 -41.80 8.83 -3.53
N VAL C 185 -41.95 10.14 -3.33
CA VAL C 185 -42.31 11.05 -4.40
C VAL C 185 -41.11 11.90 -4.79
N ALA C 186 -41.00 12.19 -6.07
CA ALA C 186 -40.00 13.08 -6.62
C ALA C 186 -40.68 14.14 -7.46
N ALA C 187 -40.13 15.33 -7.46
CA ALA C 187 -40.75 16.44 -8.18
C ALA C 187 -39.67 17.41 -8.61
N LEU C 188 -39.95 18.17 -9.65
CA LEU C 188 -39.07 19.23 -10.14
C LEU C 188 -39.80 20.54 -9.95
N ILE C 189 -39.35 21.38 -9.01
CA ILE C 189 -40.12 22.57 -8.63
C ILE C 189 -39.22 23.81 -8.70
N PRO C 190 -39.84 24.98 -8.84
CA PRO C 190 -39.06 26.21 -8.76
C PRO C 190 -38.45 26.38 -7.38
N SER C 191 -37.24 26.91 -7.34
CA SER C 191 -36.56 27.08 -6.06
C SER C 191 -37.10 28.26 -5.27
N ASP C 192 -37.88 29.13 -5.90
CA ASP C 192 -38.50 30.26 -5.21
C ASP C 192 -39.99 30.06 -4.98
N ARG C 193 -40.46 28.82 -5.09
CA ARG C 193 -41.82 28.52 -4.66
C ARG C 193 -41.98 28.87 -3.18
N ALA C 194 -43.13 29.45 -2.84
CA ALA C 194 -43.40 29.80 -1.45
C ALA C 194 -43.15 28.63 -0.52
N GLY C 195 -42.40 28.87 0.55
CA GLY C 195 -42.12 27.88 1.55
C GLY C 195 -40.80 27.15 1.36
N VAL C 196 -40.12 27.37 0.25
CA VAL C 196 -38.79 26.81 0.02
C VAL C 196 -37.76 27.79 0.59
N GLN C 197 -37.00 27.35 1.60
CA GLN C 197 -35.94 28.16 2.19
C GLN C 197 -34.62 27.44 2.05
N VAL C 198 -33.77 27.94 1.14
CA VAL C 198 -32.38 27.52 1.04
C VAL C 198 -31.64 28.21 2.17
N ASN C 199 -31.11 27.43 3.12
CA ASN C 199 -30.66 27.98 4.39
C ASN C 199 -29.28 28.62 4.32
N GLY C 200 -28.48 28.32 3.29
CA GLY C 200 -27.17 28.94 3.15
C GLY C 200 -26.19 28.60 4.26
N ASP C 201 -26.19 27.34 4.70
CA ASP C 201 -25.34 26.91 5.81
C ASP C 201 -24.21 25.97 5.37
N TRP C 202 -23.83 26.00 4.11
CA TRP C 202 -22.76 25.14 3.62
C TRP C 202 -21.41 25.81 3.87
N ASP C 203 -20.60 25.19 4.72
CA ASP C 203 -19.26 25.71 5.05
C ASP C 203 -18.38 24.48 5.29
N SER C 204 -17.73 24.03 4.22
CA SER C 204 -17.18 22.68 4.15
C SER C 204 -15.66 22.69 4.01
N LEU C 205 -15.06 21.52 4.23
CA LEU C 205 -13.61 21.39 4.04
C LEU C 205 -13.23 21.65 2.58
N GLY C 206 -13.88 20.94 1.66
CA GLY C 206 -13.71 21.11 0.22
C GLY C 206 -15.06 21.15 -0.47
N MET C 207 -15.08 21.19 -1.80
CA MET C 207 -16.31 21.42 -2.54
C MET C 207 -17.02 22.66 -2.02
N ARG C 208 -16.22 23.68 -1.71
CA ARG C 208 -16.71 24.81 -0.92
C ARG C 208 -17.72 25.69 -1.67
N GLN C 209 -17.78 25.62 -3.00
CA GLN C 209 -18.69 26.47 -3.77
C GLN C 209 -19.83 25.67 -4.41
N THR C 210 -20.17 24.53 -3.83
CA THR C 210 -21.24 23.68 -4.36
C THR C 210 -22.59 23.94 -3.70
N ASP C 211 -22.65 24.83 -2.70
CA ASP C 211 -23.90 25.17 -2.03
C ASP C 211 -24.70 23.92 -1.67
N SER C 212 -24.04 22.99 -0.98
CA SER C 212 -24.64 21.71 -0.63
C SER C 212 -25.21 21.73 0.78
N GLY C 213 -25.74 22.87 1.22
CA GLY C 213 -26.31 22.98 2.54
C GLY C 213 -27.72 22.44 2.62
N SER C 214 -28.41 22.84 3.69
CA SER C 214 -29.75 22.36 3.97
C SER C 214 -30.82 23.25 3.31
N VAL C 215 -31.97 22.65 3.07
CA VAL C 215 -33.15 23.32 2.53
C VAL C 215 -34.31 22.97 3.44
N THR C 216 -35.10 23.98 3.83
CA THR C 216 -36.25 23.78 4.68
C THR C 216 -37.52 24.01 3.87
N PHE C 217 -38.40 23.03 3.85
CA PHE C 217 -39.67 23.12 3.14
C PHE C 217 -40.77 23.35 4.16
N SER C 218 -41.50 24.45 4.01
CA SER C 218 -42.60 24.81 4.91
C SER C 218 -43.86 24.91 4.08
N GLY C 219 -44.71 23.89 4.16
CA GLY C 219 -45.98 23.91 3.43
C GLY C 219 -45.82 24.15 1.95
N VAL C 220 -44.84 23.51 1.33
CA VAL C 220 -44.54 23.76 -0.07
C VAL C 220 -45.47 22.93 -0.95
N VAL C 221 -46.14 23.58 -1.88
CA VAL C 221 -47.08 22.91 -2.77
C VAL C 221 -46.33 22.32 -3.96
N VAL C 222 -46.66 21.07 -4.28
CA VAL C 222 -46.15 20.36 -5.44
C VAL C 222 -47.35 19.93 -6.26
N TYR C 223 -47.40 20.31 -7.52
CA TYR C 223 -48.53 20.03 -8.37
C TYR C 223 -48.33 18.73 -9.15
N PRO C 224 -49.41 18.07 -9.55
CA PRO C 224 -49.25 16.82 -10.32
C PRO C 224 -48.36 16.92 -11.54
N ASP C 225 -48.39 18.02 -12.27
CA ASP C 225 -47.57 18.14 -13.47
C ASP C 225 -46.11 18.42 -13.15
N GLU C 226 -45.74 18.40 -11.88
CA GLU C 226 -44.36 18.50 -11.44
C GLU C 226 -43.85 17.18 -10.88
N LEU C 227 -44.75 16.23 -10.62
CA LEU C 227 -44.33 14.95 -10.06
C LEU C 227 -43.68 14.09 -11.13
N LEU C 228 -42.62 13.40 -10.73
CA LEU C 228 -41.83 12.56 -11.62
C LEU C 228 -42.25 11.13 -11.35
N GLY C 229 -43.28 10.68 -12.05
CA GLY C 229 -43.87 9.39 -11.81
C GLY C 229 -44.78 9.40 -10.60
N THR C 230 -45.45 8.27 -10.40
CA THR C 230 -46.35 8.18 -9.28
C THR C 230 -45.57 7.86 -8.00
N PRO C 231 -46.12 8.19 -6.84
CA PRO C 231 -45.43 7.87 -5.59
C PRO C 231 -45.10 6.40 -5.53
N GLY C 232 -43.85 6.09 -5.20
CA GLY C 232 -43.38 4.72 -5.11
C GLY C 232 -42.83 4.16 -6.41
N GLN C 233 -43.02 4.85 -7.54
CA GLN C 233 -42.57 4.31 -8.81
C GLN C 233 -41.05 4.11 -8.83
N VAL C 234 -40.28 4.98 -8.17
CA VAL C 234 -38.82 4.84 -8.23
C VAL C 234 -38.39 3.56 -7.53
N THR C 235 -39.06 3.21 -6.43
CA THR C 235 -38.75 1.97 -5.73
C THR C 235 -39.00 0.77 -6.62
N ASP C 236 -40.13 0.76 -7.32
CA ASP C 236 -40.46 -0.33 -8.23
C ASP C 236 -39.48 -0.37 -9.39
N ALA C 237 -39.17 0.78 -9.97
CA ALA C 237 -38.30 0.82 -11.13
C ALA C 237 -36.89 0.32 -10.78
N PHE C 238 -36.37 0.73 -9.62
CA PHE C 238 -35.04 0.29 -9.21
C PHE C 238 -35.03 -1.21 -8.92
N ALA C 239 -35.99 -1.68 -8.13
CA ALA C 239 -36.00 -3.10 -7.76
C ALA C 239 -36.22 -3.99 -8.97
N SER C 240 -36.98 -3.52 -9.96
CA SER C 240 -37.27 -4.33 -11.13
C SER C 240 -36.14 -4.32 -12.14
N GLY C 241 -35.24 -3.34 -12.07
CA GLY C 241 -34.28 -3.14 -13.14
C GLY C 241 -34.88 -2.61 -14.42
N SER C 242 -36.03 -1.93 -14.35
CA SER C 242 -36.49 -1.20 -15.51
C SER C 242 -35.53 -0.05 -15.78
N LYS C 243 -35.76 0.65 -16.88
CA LYS C 243 -34.78 1.61 -17.40
C LYS C 243 -34.32 2.63 -16.37
N PRO C 244 -35.17 3.15 -15.48
CA PRO C 244 -34.69 4.13 -14.51
C PRO C 244 -33.62 3.61 -13.57
N SER C 245 -33.44 2.28 -13.48
CA SER C 245 -32.37 1.72 -12.66
C SER C 245 -30.98 2.05 -13.19
N LEU C 246 -30.88 2.66 -14.37
CA LEU C 246 -29.61 3.21 -14.80
C LEU C 246 -29.19 4.47 -14.05
N TRP C 247 -30.10 5.09 -13.28
CA TRP C 247 -29.77 6.37 -12.67
C TRP C 247 -28.55 6.27 -11.78
N THR C 248 -28.47 5.22 -10.97
CA THR C 248 -27.38 5.14 -10.00
C THR C 248 -26.04 4.90 -10.68
N PRO C 249 -25.89 3.94 -11.62
CA PRO C 249 -24.57 3.83 -12.26
C PRO C 249 -24.18 5.09 -13.01
N ILE C 250 -25.14 5.75 -13.68
CA ILE C 250 -24.84 7.02 -14.33
C ILE C 250 -24.25 8.01 -13.33
N THR C 251 -24.92 8.15 -12.18
CA THR C 251 -24.55 9.16 -11.21
C THR C 251 -23.24 8.80 -10.52
N GLN C 252 -23.05 7.52 -10.22
CA GLN C 252 -21.80 7.11 -9.61
C GLN C 252 -20.63 7.26 -10.57
N LEU C 253 -20.86 7.16 -11.88
CA LEU C 253 -19.82 7.43 -12.83
C LEU C 253 -19.56 8.93 -12.99
N ILE C 254 -20.58 9.78 -12.79
CA ILE C 254 -20.34 11.21 -12.70
C ILE C 254 -19.35 11.50 -11.56
N PHE C 255 -19.60 10.93 -10.38
CA PHE C 255 -18.67 11.11 -9.26
C PHE C 255 -17.27 10.63 -9.62
N THR C 256 -17.17 9.47 -10.26
CA THR C 256 -15.87 8.94 -10.70
C THR C 256 -15.11 9.95 -11.54
N HIS C 257 -15.81 10.63 -12.47
CA HIS C 257 -15.16 11.62 -13.31
C HIS C 257 -14.78 12.88 -12.55
N LEU C 258 -15.51 13.24 -11.49
CA LEU C 258 -15.03 14.30 -10.60
C LEU C 258 -13.68 13.93 -10.01
N TYR C 259 -13.56 12.69 -9.54
CA TYR C 259 -12.33 12.29 -8.86
C TYR C 259 -11.15 12.22 -9.83
N LEU C 260 -11.39 11.70 -11.04
CA LEU C 260 -10.33 11.65 -12.05
C LEU C 260 -9.96 13.06 -12.51
N GLY C 261 -10.94 13.96 -12.63
CA GLY C 261 -10.63 15.34 -12.97
C GLY C 261 -9.76 16.01 -11.93
N ILE C 262 -10.13 15.86 -10.65
CA ILE C 262 -9.31 16.41 -9.58
C ILE C 262 -7.91 15.81 -9.62
N ALA C 263 -7.81 14.49 -9.82
CA ALA C 263 -6.52 13.82 -9.89
C ALA C 263 -5.64 14.40 -10.99
N ARG C 264 -6.20 14.59 -12.18
CA ARG C 264 -5.40 15.13 -13.30
C ARG C 264 -5.02 16.58 -13.04
N GLY C 265 -5.95 17.38 -12.52
CA GLY C 265 -5.63 18.77 -12.23
C GLY C 265 -4.54 18.89 -11.19
N ALA C 266 -4.61 18.07 -10.15
CA ALA C 266 -3.58 18.06 -9.11
C ALA C 266 -2.23 17.66 -9.67
N LEU C 267 -2.20 16.58 -10.47
CA LEU C 267 -0.94 16.10 -11.02
C LEU C 267 -0.30 17.15 -11.92
N GLU C 268 -1.10 17.82 -12.76
N GLU C 268 -1.08 17.80 -12.78
CA GLU C 268 -0.56 18.83 -13.66
CA GLU C 268 -0.55 18.84 -13.64
C GLU C 268 -0.13 20.09 -12.92
C GLU C 268 -0.06 20.04 -12.85
N GLU C 269 -0.84 20.47 -11.85
CA GLU C 269 -0.42 21.63 -11.05
C GLU C 269 0.87 21.33 -10.30
N ALA C 270 1.00 20.11 -9.75
CA ALA C 270 2.23 19.71 -9.08
C ALA C 270 3.41 19.76 -10.05
N ALA C 271 3.22 19.20 -11.25
CA ALA C 271 4.31 19.17 -12.21
C ALA C 271 4.76 20.59 -12.57
N HIS C 272 3.81 21.52 -12.72
CA HIS C 272 4.18 22.90 -12.99
C HIS C 272 5.04 23.47 -11.86
N TYR C 273 4.65 23.21 -10.62
CA TYR C 273 5.44 23.67 -9.48
C TYR C 273 6.82 23.03 -9.49
N SER C 274 6.90 21.72 -9.70
CA SER C 274 8.19 21.02 -9.69
C SER C 274 9.13 21.61 -10.73
N ARG C 275 8.62 21.94 -11.91
CA ARG C 275 9.47 22.47 -12.97
C ARG C 275 9.93 23.89 -12.68
N SER C 276 9.14 24.68 -11.98
CA SER C 276 9.47 26.08 -11.80
C SER C 276 9.95 26.44 -10.40
N HIS C 277 9.75 25.58 -9.40
CA HIS C 277 9.98 26.00 -8.01
C HIS C 277 10.73 25.01 -7.15
N SER C 278 10.74 23.73 -7.46
CA SER C 278 11.36 22.79 -6.54
C SER C 278 12.88 22.87 -6.66
N ARG C 279 13.54 22.92 -5.51
CA ARG C 279 15.00 22.86 -5.53
C ARG C 279 15.44 21.42 -5.38
N PRO C 280 16.57 21.05 -5.97
CA PRO C 280 17.06 19.68 -5.83
C PRO C 280 17.63 19.46 -4.44
N PHE C 281 17.63 18.19 -4.02
CA PHE C 281 18.32 17.79 -2.80
C PHE C 281 19.81 17.61 -3.13
N THR C 282 20.47 18.75 -3.34
CA THR C 282 21.88 18.73 -3.74
C THR C 282 22.75 17.97 -2.76
N LEU C 283 22.28 17.81 -1.51
CA LEU C 283 22.96 16.94 -0.56
C LEU C 283 23.22 15.56 -1.15
N ALA C 284 22.30 15.06 -1.97
CA ALA C 284 22.43 13.77 -2.63
C ALA C 284 22.87 13.87 -4.08
N GLY C 285 23.53 14.97 -4.46
CA GLY C 285 24.12 15.05 -5.78
C GLY C 285 23.15 15.23 -6.92
N VAL C 286 21.97 15.74 -6.64
CA VAL C 286 20.97 16.03 -7.67
C VAL C 286 21.14 17.48 -8.10
N GLU C 287 21.23 17.71 -9.42
CA GLU C 287 21.38 19.08 -9.92
C GLU C 287 20.04 19.76 -10.18
N LYS C 288 18.99 19.00 -10.49
CA LYS C 288 17.65 19.54 -10.70
C LYS C 288 16.62 18.57 -10.13
N ALA C 289 15.61 19.12 -9.44
CA ALA C 289 14.59 18.27 -8.85
C ALA C 289 13.88 17.45 -9.90
N THR C 290 13.77 17.98 -11.12
CA THR C 290 13.10 17.27 -12.20
C THR C 290 13.90 16.08 -12.69
N GLU C 291 15.15 15.94 -12.26
CA GLU C 291 15.96 14.80 -12.59
C GLU C 291 16.13 13.85 -11.41
N ASP C 292 15.50 14.15 -10.28
CA ASP C 292 15.65 13.33 -9.08
C ASP C 292 14.92 12.00 -9.27
N PRO C 293 15.57 10.85 -9.01
CA PRO C 293 14.91 9.57 -9.30
C PRO C 293 13.65 9.33 -8.50
N TYR C 294 13.57 9.88 -7.28
CA TYR C 294 12.38 9.64 -6.46
C TYR C 294 11.26 10.60 -6.80
N VAL C 295 11.58 11.85 -7.17
CA VAL C 295 10.59 12.74 -7.75
C VAL C 295 9.98 12.11 -8.99
N LEU C 296 10.84 11.63 -9.90
CA LEU C 296 10.34 11.01 -11.12
C LEU C 296 9.48 9.80 -10.82
N ALA C 297 9.85 9.00 -9.82
CA ALA C 297 9.05 7.82 -9.49
C ALA C 297 7.67 8.19 -8.99
N ILE C 298 7.55 9.26 -8.21
CA ILE C 298 6.23 9.70 -7.75
C ILE C 298 5.35 10.08 -8.94
N TYR C 299 5.88 10.93 -9.83
CA TYR C 299 5.08 11.33 -10.98
C TYR C 299 4.75 10.13 -11.84
N GLY C 300 5.70 9.21 -12.03
CA GLY C 300 5.44 8.06 -12.90
C GLY C 300 4.37 7.16 -12.34
N GLU C 301 4.43 6.87 -11.04
CA GLU C 301 3.46 5.98 -10.41
C GLU C 301 2.05 6.54 -10.56
N PHE C 302 1.88 7.83 -10.29
CA PHE C 302 0.55 8.41 -10.33
C PHE C 302 0.08 8.70 -11.74
N ALA C 303 0.97 9.16 -12.63
CA ALA C 303 0.54 9.36 -14.01
C ALA C 303 0.16 8.04 -14.65
N ALA C 304 0.90 6.97 -14.33
CA ALA C 304 0.55 5.66 -14.88
C ALA C 304 -0.82 5.21 -14.43
N GLN C 305 -1.09 5.30 -13.11
CA GLN C 305 -2.39 4.91 -12.59
C GLN C 305 -3.49 5.78 -13.19
N LEU C 306 -3.23 7.08 -13.34
CA LEU C 306 -4.22 7.97 -13.94
C LEU C 306 -4.53 7.58 -15.37
N GLN C 307 -3.49 7.28 -16.17
CA GLN C 307 -3.73 6.91 -17.57
C GLN C 307 -4.66 5.71 -17.66
N VAL C 308 -4.39 4.68 -16.85
CA VAL C 308 -5.18 3.46 -16.90
C VAL C 308 -6.60 3.70 -16.41
N ALA C 309 -6.75 4.43 -15.31
CA ALA C 309 -8.07 4.73 -14.77
C ALA C 309 -8.88 5.54 -15.77
N GLU C 310 -8.26 6.53 -16.42
CA GLU C 310 -8.98 7.35 -17.40
C GLU C 310 -9.39 6.51 -18.59
N ALA C 311 -8.46 5.68 -19.11
CA ALA C 311 -8.80 4.84 -20.25
C ALA C 311 -9.95 3.91 -19.91
N GLY C 312 -9.95 3.37 -18.69
CA GLY C 312 -11.02 2.49 -18.29
C GLY C 312 -12.33 3.22 -18.17
N ALA C 313 -12.30 4.44 -17.62
CA ALA C 313 -13.51 5.22 -17.43
C ALA C 313 -14.16 5.55 -18.76
N ARG C 314 -13.36 5.82 -19.80
CA ARG C 314 -13.91 6.03 -21.13
C ARG C 314 -14.73 4.82 -21.57
N GLU C 315 -14.22 3.60 -21.33
CA GLU C 315 -14.95 2.41 -21.74
C GLU C 315 -16.30 2.31 -21.05
N VAL C 316 -16.34 2.57 -19.75
CA VAL C 316 -17.60 2.44 -19.03
C VAL C 316 -18.56 3.52 -19.46
N ALA C 317 -18.06 4.71 -19.78
CA ALA C 317 -18.93 5.77 -20.28
C ALA C 317 -19.60 5.36 -21.59
N LEU C 318 -18.85 4.71 -22.48
CA LEU C 318 -19.44 4.21 -23.73
C LEU C 318 -20.57 3.22 -23.45
N ARG C 319 -20.40 2.37 -22.43
CA ARG C 319 -21.43 1.41 -22.08
C ARG C 319 -22.66 2.09 -21.48
N VAL C 320 -22.47 3.17 -20.72
CA VAL C 320 -23.62 3.95 -20.26
C VAL C 320 -24.44 4.40 -21.46
N GLN C 321 -23.77 4.96 -22.48
CA GLN C 321 -24.50 5.43 -23.65
C GLN C 321 -25.23 4.27 -24.33
N GLU C 322 -24.55 3.13 -24.48
CA GLU C 322 -25.15 1.99 -25.16
C GLU C 322 -26.44 1.56 -24.47
N LEU C 323 -26.42 1.42 -23.15
CA LEU C 323 -27.61 0.98 -22.42
C LEU C 323 -28.63 2.11 -22.31
N TRP C 324 -28.18 3.36 -22.28
CA TRP C 324 -29.10 4.49 -22.30
C TRP C 324 -30.01 4.47 -23.51
N GLU C 325 -29.50 4.00 -24.65
CA GLU C 325 -30.25 3.94 -25.89
C GLU C 325 -31.15 2.71 -25.98
N ARG C 326 -30.98 1.74 -25.09
CA ARG C 326 -31.80 0.53 -25.14
C ARG C 326 -33.20 0.82 -24.62
N ASN C 327 -34.17 0.06 -25.13
CA ASN C 327 -35.53 0.18 -24.62
C ASN C 327 -35.69 -0.56 -23.29
N HIS C 328 -35.04 -1.72 -23.17
CA HIS C 328 -35.04 -2.52 -21.97
C HIS C 328 -33.62 -2.95 -21.64
N VAL C 329 -33.29 -2.91 -20.35
CA VAL C 329 -31.99 -3.34 -19.84
C VAL C 329 -32.24 -4.49 -18.86
N THR C 330 -31.53 -5.60 -19.06
CA THR C 330 -31.69 -6.75 -18.19
C THR C 330 -31.02 -6.50 -16.84
N PRO C 331 -31.37 -7.28 -15.82
CA PRO C 331 -30.64 -7.18 -14.54
C PRO C 331 -29.16 -7.46 -14.68
N GLU C 332 -28.79 -8.40 -15.55
CA GLU C 332 -27.37 -8.66 -15.76
C GLU C 332 -26.69 -7.47 -16.41
N GLN C 333 -27.36 -6.83 -17.38
CA GLN C 333 -26.75 -5.68 -18.04
C GLN C 333 -26.60 -4.50 -17.08
N ARG C 334 -27.64 -4.20 -16.30
CA ARG C 334 -27.56 -3.13 -15.31
C ARG C 334 -26.55 -3.48 -14.23
N GLY C 335 -26.56 -4.73 -13.77
CA GLY C 335 -25.67 -5.13 -12.69
C GLY C 335 -24.21 -5.11 -13.11
N GLN C 336 -23.91 -5.60 -14.32
CA GLN C 336 -22.54 -5.53 -14.81
C GLN C 336 -22.10 -4.09 -14.97
N LEU C 337 -23.00 -3.22 -15.43
CA LEU C 337 -22.62 -1.81 -15.57
C LEU C 337 -22.32 -1.22 -14.20
N MET C 338 -23.17 -1.50 -13.21
CA MET C 338 -22.97 -0.95 -11.88
C MET C 338 -21.67 -1.48 -11.27
N VAL C 339 -21.33 -2.75 -11.53
CA VAL C 339 -20.06 -3.29 -11.06
C VAL C 339 -18.89 -2.57 -11.74
N GLN C 340 -18.98 -2.34 -13.05
CA GLN C 340 -17.91 -1.64 -13.74
C GLN C 340 -17.78 -0.20 -13.24
N VAL C 341 -18.91 0.46 -13.00
CA VAL C 341 -18.87 1.83 -12.46
C VAL C 341 -18.27 1.83 -11.07
N ALA C 342 -18.73 0.93 -10.21
CA ALA C 342 -18.20 0.83 -8.86
C ALA C 342 -16.70 0.58 -8.89
N SER C 343 -16.25 -0.30 -9.79
CA SER C 343 -14.81 -0.59 -9.90
C SER C 343 -14.05 0.66 -10.28
N ALA C 344 -14.54 1.39 -11.27
CA ALA C 344 -13.89 2.63 -11.68
C ALA C 344 -13.88 3.64 -10.53
N LYS C 345 -14.98 3.74 -9.79
CA LYS C 345 -15.04 4.68 -8.66
C LYS C 345 -14.05 4.31 -7.57
N ILE C 346 -13.95 3.01 -7.25
CA ILE C 346 -13.01 2.56 -6.23
C ILE C 346 -11.59 2.95 -6.61
N VAL C 347 -11.19 2.65 -7.85
CA VAL C 347 -9.83 2.94 -8.28
C VAL C 347 -9.60 4.44 -8.30
N ALA C 348 -10.59 5.21 -8.77
CA ALA C 348 -10.43 6.66 -8.83
C ALA C 348 -10.35 7.26 -7.43
N THR C 349 -11.11 6.71 -6.48
CA THR C 349 -11.10 7.21 -5.11
C THR C 349 -9.74 7.01 -4.47
N ARG C 350 -9.23 5.77 -4.55
CA ARG C 350 -7.93 5.48 -3.97
C ARG C 350 -6.85 6.34 -4.61
N LEU C 351 -6.90 6.49 -5.93
CA LEU C 351 -5.91 7.27 -6.65
C LEU C 351 -5.93 8.73 -6.23
N VAL C 352 -7.09 9.38 -6.28
CA VAL C 352 -7.11 10.82 -6.03
C VAL C 352 -6.73 11.12 -4.58
N ILE C 353 -7.17 10.29 -3.64
CA ILE C 353 -6.86 10.54 -2.24
C ILE C 353 -5.36 10.38 -1.98
N GLU C 354 -4.73 9.36 -2.56
N GLU C 354 -4.72 9.38 -2.59
CA GLU C 354 -3.28 9.22 -2.37
CA GLU C 354 -3.29 9.18 -2.38
C GLU C 354 -2.55 10.35 -3.07
C GLU C 354 -2.45 10.22 -3.12
N LEU C 355 -2.83 10.54 -4.36
CA LEU C 355 -2.09 11.50 -5.17
C LEU C 355 -2.12 12.90 -4.60
N THR C 356 -3.29 13.38 -4.17
CA THR C 356 -3.39 14.76 -3.74
C THR C 356 -2.61 15.03 -2.46
N SER C 357 -2.35 14.00 -1.66
CA SER C 357 -1.52 14.13 -0.48
C SER C 357 -0.05 13.87 -0.78
N ARG C 358 0.26 12.79 -1.51
CA ARG C 358 1.66 12.37 -1.66
C ARG C 358 2.45 13.23 -2.65
N LEU C 359 1.79 13.98 -3.53
CA LEU C 359 2.52 14.80 -4.48
C LEU C 359 3.33 15.90 -3.78
N TYR C 360 2.98 16.26 -2.55
CA TYR C 360 3.83 17.18 -1.79
C TYR C 360 5.23 16.63 -1.67
N GLU C 361 5.38 15.32 -1.57
N GLU C 361 5.38 15.31 -1.54
CA GLU C 361 6.71 14.72 -1.42
CA GLU C 361 6.70 14.71 -1.42
C GLU C 361 7.55 14.87 -2.68
C GLU C 361 7.56 15.01 -2.64
N ALA C 362 6.94 15.14 -3.82
CA ALA C 362 7.69 15.47 -5.02
C ALA C 362 8.01 16.95 -5.09
N MET C 363 7.15 17.81 -4.53
CA MET C 363 7.31 19.25 -4.67
C MET C 363 8.22 19.86 -3.61
N GLY C 364 8.21 19.32 -2.39
CA GLY C 364 9.08 19.82 -1.33
C GLY C 364 8.38 20.73 -0.34
N ALA C 365 9.17 21.12 0.66
CA ALA C 365 8.63 21.81 1.83
C ALA C 365 8.00 23.15 1.49
N ARG C 366 8.56 23.87 0.52
CA ARG C 366 8.03 25.19 0.25
C ARG C 366 6.61 25.15 -0.32
N ALA C 367 6.20 24.02 -0.88
CA ALA C 367 4.83 23.92 -1.38
C ALA C 367 3.81 23.92 -0.24
N ALA C 368 4.20 23.48 0.95
CA ALA C 368 3.34 23.54 2.12
C ALA C 368 3.63 24.75 3.01
N ALA C 369 4.86 25.27 2.97
CA ALA C 369 5.22 26.39 3.80
C ALA C 369 4.50 27.66 3.36
N SER C 370 4.19 27.74 2.09
CA SER C 370 3.46 28.86 1.50
C SER C 370 1.99 28.46 1.35
N ARG C 371 1.17 28.84 2.33
CA ARG C 371 -0.26 28.52 2.28
C ARG C 371 -0.89 29.05 0.99
N GLN C 372 -0.45 30.21 0.51
CA GLN C 372 -1.06 30.85 -0.65
C GLN C 372 -0.98 29.99 -1.92
N PHE C 373 0.00 29.08 -2.00
CA PHE C 373 0.08 28.21 -3.17
C PHE C 373 -1.22 27.44 -3.35
N GLY C 374 -1.86 27.07 -2.25
CA GLY C 374 -3.21 26.54 -2.28
C GLY C 374 -3.37 25.16 -2.86
N PHE C 375 -2.29 24.37 -2.91
CA PHE C 375 -2.38 23.06 -3.53
C PHE C 375 -3.28 22.12 -2.74
N ASP C 376 -3.46 22.36 -1.44
CA ASP C 376 -4.28 21.48 -0.62
C ASP C 376 -5.74 21.49 -1.03
N ARG C 377 -6.16 22.44 -1.86
CA ARG C 377 -7.52 22.44 -2.40
C ARG C 377 -7.88 21.11 -3.04
N PHE C 378 -6.94 20.52 -3.79
CA PHE C 378 -7.25 19.27 -4.48
C PHE C 378 -7.55 18.15 -3.47
N TRP C 379 -6.71 17.99 -2.46
CA TRP C 379 -7.01 17.01 -1.42
C TRP C 379 -8.31 17.35 -0.70
N ARG C 380 -8.52 18.63 -0.34
CA ARG C 380 -9.73 18.99 0.39
C ARG C 380 -10.98 18.65 -0.41
N ASP C 381 -10.98 18.98 -1.71
CA ASP C 381 -12.15 18.71 -2.55
C ASP C 381 -12.38 17.20 -2.69
N ALA C 382 -11.33 16.46 -2.98
CA ALA C 382 -11.47 15.02 -3.15
C ALA C 382 -11.81 14.33 -1.83
N ARG C 383 -11.15 14.72 -0.73
CA ARG C 383 -11.42 14.07 0.55
C ARG C 383 -12.86 14.29 0.97
N THR C 384 -13.44 15.45 0.64
CA THR C 384 -14.83 15.75 0.97
C THR C 384 -15.79 14.88 0.17
N HIS C 385 -15.73 14.92 -1.17
CA HIS C 385 -16.80 14.28 -1.90
C HIS C 385 -16.65 12.76 -1.99
N THR C 386 -15.43 12.22 -1.89
CA THR C 386 -15.27 10.77 -1.88
C THR C 386 -16.00 10.09 -0.73
N LEU C 387 -16.43 10.86 0.28
CA LEU C 387 -17.19 10.33 1.41
C LEU C 387 -18.69 10.30 1.15
N HIS C 388 -19.13 10.72 -0.04
CA HIS C 388 -20.55 10.73 -0.38
C HIS C 388 -21.24 9.43 0.00
N ASP C 389 -20.62 8.31 -0.33
CA ASP C 389 -21.04 7.00 0.15
C ASP C 389 -19.76 6.19 0.32
N PRO C 390 -19.73 5.26 1.29
CA PRO C 390 -18.44 4.68 1.71
C PRO C 390 -17.87 3.74 0.66
N VAL C 391 -16.62 3.96 0.30
CA VAL C 391 -16.01 3.13 -0.72
C VAL C 391 -15.87 1.71 -0.24
N ALA C 392 -15.85 1.48 1.07
CA ALA C 392 -15.81 0.11 1.58
C ALA C 392 -16.99 -0.72 1.09
N TYR C 393 -18.17 -0.11 0.94
CA TYR C 393 -19.33 -0.85 0.49
C TYR C 393 -19.38 -0.96 -1.03
N LYS C 394 -18.76 -0.05 -1.77
CA LYS C 394 -18.56 -0.29 -3.19
C LYS C 394 -17.64 -1.49 -3.38
N ILE C 395 -16.58 -1.57 -2.57
CA ILE C 395 -15.67 -2.71 -2.61
C ILE C 395 -16.42 -3.99 -2.26
N ARG C 396 -17.24 -3.96 -1.21
CA ARG C 396 -18.04 -5.14 -0.87
C ARG C 396 -18.95 -5.54 -2.01
N GLU C 397 -19.56 -4.56 -2.67
CA GLU C 397 -20.48 -4.86 -3.77
C GLU C 397 -19.74 -5.53 -4.92
N VAL C 398 -18.55 -5.04 -5.26
CA VAL C 398 -17.79 -5.69 -6.33
C VAL C 398 -17.37 -7.09 -5.92
N GLY C 399 -16.98 -7.27 -4.65
CA GLY C 399 -16.60 -8.58 -4.16
C GLY C 399 -17.75 -9.57 -4.13
N ASN C 400 -18.93 -9.12 -3.70
CA ASN C 400 -20.11 -9.98 -3.67
C ASN C 400 -20.49 -10.44 -5.08
N TRP C 401 -20.32 -9.58 -6.07
CA TRP C 401 -20.52 -9.99 -7.45
C TRP C 401 -19.47 -11.02 -7.86
N PHE C 402 -18.19 -10.70 -7.66
CA PHE C 402 -17.16 -11.57 -8.21
C PHE C 402 -17.19 -12.94 -7.54
N LEU C 403 -17.32 -12.95 -6.21
CA LEU C 403 -17.27 -14.22 -5.48
C LEU C 403 -18.60 -14.96 -5.55
N ASN C 404 -19.70 -14.28 -5.32
CA ASN C 404 -20.99 -14.94 -5.15
C ASN C 404 -21.93 -14.75 -6.32
N HIS C 405 -21.49 -14.06 -7.37
CA HIS C 405 -22.32 -13.82 -8.56
C HIS C 405 -23.56 -13.00 -8.24
N ARG C 406 -23.50 -12.16 -7.21
CA ARG C 406 -24.66 -11.38 -6.79
C ARG C 406 -24.45 -9.94 -7.23
N PHE C 407 -25.32 -9.45 -8.11
CA PHE C 407 -25.25 -8.06 -8.50
C PHE C 407 -25.75 -7.16 -7.37
N PRO C 408 -25.29 -5.91 -7.32
CA PRO C 408 -25.73 -5.01 -6.25
C PRO C 408 -27.23 -4.80 -6.31
N THR C 409 -27.83 -4.70 -5.13
CA THR C 409 -29.25 -4.40 -5.02
C THR C 409 -29.45 -2.94 -5.41
N PRO C 410 -30.23 -2.64 -6.44
CA PRO C 410 -30.39 -1.24 -6.85
C PRO C 410 -30.95 -0.38 -5.71
N SER C 411 -30.38 0.82 -5.57
CA SER C 411 -30.81 1.78 -4.56
C SER C 411 -30.34 3.16 -5.04
N PHE C 412 -30.47 4.17 -4.18
CA PHE C 412 -29.91 5.47 -4.52
C PHE C 412 -28.40 5.50 -4.40
N TYR C 413 -27.77 4.44 -3.92
CA TYR C 413 -26.33 4.37 -3.76
C TYR C 413 -25.69 3.18 -4.44
N SER C 414 -26.47 2.24 -4.98
CA SER C 414 -25.92 1.03 -5.57
C SER C 414 -26.81 0.49 -6.67
N ASP D 14 8.70 7.61 38.50
CA ASP D 14 8.60 9.07 38.54
C ASP D 14 8.00 9.61 37.25
N HIS D 15 6.69 9.82 37.24
CA HIS D 15 5.96 10.36 36.09
C HIS D 15 5.55 11.80 36.30
N ARG D 16 6.24 12.53 37.18
CA ARG D 16 5.81 13.89 37.48
C ARG D 16 5.93 14.78 36.26
N ALA D 17 7.07 14.73 35.56
CA ALA D 17 7.23 15.56 34.37
C ALA D 17 6.18 15.20 33.31
N LEU D 18 5.97 13.90 33.08
CA LEU D 18 4.98 13.49 32.08
C LEU D 18 3.59 13.94 32.47
N ASP D 19 3.25 13.91 33.78
CA ASP D 19 1.94 14.39 34.20
C ASP D 19 1.78 15.88 33.88
N VAL D 20 2.84 16.67 34.11
CA VAL D 20 2.80 18.09 33.78
C VAL D 20 2.55 18.29 32.28
N ALA D 21 3.28 17.53 31.45
CA ALA D 21 3.09 17.61 30.00
C ALA D 21 1.67 17.20 29.60
N THR D 22 1.14 16.15 30.22
CA THR D 22 -0.23 15.71 29.91
C THR D 22 -1.24 16.80 30.24
N GLU D 23 -1.06 17.48 31.38
CA GLU D 23 -2.01 18.53 31.74
C GLU D 23 -1.88 19.74 30.82
N LEU D 24 -0.66 20.11 30.44
CA LEU D 24 -0.49 21.15 29.44
C LEU D 24 -1.24 20.78 28.15
N ALA D 25 -1.06 19.54 27.68
CA ALA D 25 -1.66 19.13 26.42
C ALA D 25 -3.18 19.22 26.50
N LYS D 26 -3.74 18.79 27.64
CA LYS D 26 -5.18 18.90 27.86
C LYS D 26 -5.65 20.34 27.72
N THR D 27 -4.94 21.30 28.32
CA THR D 27 -5.34 22.70 28.16
C THR D 27 -5.23 23.14 26.70
N PHE D 28 -4.18 22.70 25.99
CA PHE D 28 -3.97 23.18 24.63
C PHE D 28 -5.08 22.68 23.70
N ARG D 29 -5.58 21.46 23.94
CA ARG D 29 -6.64 20.90 23.11
C ARG D 29 -7.87 21.77 23.12
N VAL D 30 -8.16 22.43 24.25
CA VAL D 30 -9.39 23.19 24.33
C VAL D 30 -9.41 24.30 23.30
N THR D 31 -8.25 24.89 22.99
CA THR D 31 -8.18 26.12 22.22
C THR D 31 -7.50 25.98 20.86
N VAL D 32 -6.95 24.81 20.53
CA VAL D 32 -6.08 24.74 19.35
C VAL D 32 -6.84 25.05 18.07
N ARG D 33 -8.10 24.60 17.97
CA ARG D 33 -8.84 24.78 16.72
C ARG D 33 -8.91 26.25 16.33
N GLU D 34 -9.23 27.11 17.30
CA GLU D 34 -9.39 28.52 17.01
C GLU D 34 -8.03 29.20 16.87
N ARG D 35 -7.08 28.82 17.71
CA ARG D 35 -5.76 29.45 17.68
C ARG D 35 -5.04 29.20 16.37
N GLU D 36 -5.02 27.96 15.87
CA GLU D 36 -4.18 27.71 14.69
C GLU D 36 -4.75 28.33 13.43
N ARG D 37 -6.06 28.56 13.36
CA ARG D 37 -6.61 29.30 12.22
C ARG D 37 -5.96 30.67 12.11
N ALA D 38 -5.77 31.35 13.24
CA ALA D 38 -5.20 32.68 13.23
C ALA D 38 -3.73 32.69 12.87
N GLY D 39 -3.00 31.58 13.08
CA GLY D 39 -1.58 31.63 12.89
C GLY D 39 -0.97 32.52 13.96
N GLY D 40 0.18 33.09 13.65
CA GLY D 40 0.79 33.99 14.61
C GLY D 40 1.33 33.24 15.83
N THR D 41 1.63 34.02 16.88
CA THR D 41 2.44 33.51 17.98
C THR D 41 1.57 33.10 19.15
N PRO D 42 1.64 31.84 19.61
CA PRO D 42 0.83 31.38 20.75
C PRO D 42 1.50 31.76 22.07
N LYS D 43 1.55 33.07 22.32
CA LYS D 43 2.30 33.61 23.46
C LYS D 43 1.80 33.02 24.78
N ALA D 44 0.47 33.00 24.98
CA ALA D 44 -0.05 32.51 26.26
C ALA D 44 0.37 31.07 26.51
N GLU D 45 0.37 30.24 25.46
CA GLU D 45 0.70 28.83 25.63
C GLU D 45 2.20 28.64 25.80
N ARG D 46 3.01 29.44 25.11
CA ARG D 46 4.45 29.41 25.34
C ARG D 46 4.77 29.80 26.77
N ASP D 47 4.05 30.78 27.31
CA ASP D 47 4.25 31.16 28.70
C ASP D 47 3.81 30.08 29.67
N ALA D 48 2.72 29.35 29.33
CA ALA D 48 2.35 28.19 30.13
C ALA D 48 3.47 27.16 30.16
N ILE D 49 4.11 26.92 29.00
CA ILE D 49 5.23 26.00 28.97
C ILE D 49 6.38 26.54 29.83
N ARG D 50 6.64 27.86 29.77
CA ARG D 50 7.67 28.45 30.63
C ARG D 50 7.37 28.18 32.11
N ARG D 51 6.13 28.42 32.53
CA ARG D 51 5.76 28.24 33.93
C ARG D 51 5.85 26.79 34.38
N SER D 52 5.72 25.84 33.43
CA SER D 52 5.71 24.42 33.77
C SER D 52 7.05 23.89 34.24
N GLY D 53 8.15 24.56 33.89
CA GLY D 53 9.49 24.06 34.15
C GLY D 53 10.02 23.06 33.14
N LEU D 54 9.17 22.55 32.23
CA LEU D 54 9.59 21.45 31.38
C LEU D 54 10.66 21.86 30.37
N LEU D 55 10.82 23.15 30.09
CA LEU D 55 11.92 23.57 29.23
C LEU D 55 13.28 23.23 29.83
N THR D 56 13.35 22.97 31.14
CA THR D 56 14.58 22.66 31.84
C THR D 56 14.78 21.16 32.03
N LEU D 57 14.03 20.33 31.29
CA LEU D 57 14.04 18.89 31.50
C LEU D 57 15.45 18.31 31.48
N LEU D 58 16.30 18.74 30.55
CA LEU D 58 17.59 18.09 30.39
C LEU D 58 18.70 18.76 31.16
N ILE D 59 18.43 19.92 31.76
CA ILE D 59 19.42 20.58 32.60
C ILE D 59 19.53 19.83 33.93
N SER D 60 20.76 19.57 34.36
CA SER D 60 20.97 18.84 35.61
C SER D 60 20.33 19.57 36.78
N LYS D 61 19.94 18.80 37.79
CA LYS D 61 19.46 19.40 39.03
C LYS D 61 20.50 20.32 39.65
N GLU D 62 21.78 19.96 39.50
CA GLU D 62 22.86 20.81 40.01
C GLU D 62 22.81 22.21 39.41
N ARG D 63 22.35 22.33 38.16
CA ARG D 63 22.27 23.61 37.50
C ARG D 63 20.87 24.21 37.54
N GLY D 64 19.98 23.65 38.36
CA GLY D 64 18.66 24.18 38.58
C GLY D 64 17.59 23.53 37.74
N GLY D 65 17.93 22.53 36.92
CA GLY D 65 16.99 21.89 36.05
C GLY D 65 16.33 20.67 36.69
N LEU D 66 15.60 19.93 35.86
CA LEU D 66 14.86 18.76 36.33
C LEU D 66 15.69 17.48 36.33
N GLY D 67 16.85 17.46 35.70
CA GLY D 67 17.68 16.26 35.69
C GLY D 67 17.02 15.05 35.07
N GLU D 68 16.22 15.26 34.03
CA GLU D 68 15.48 14.18 33.38
C GLU D 68 16.23 13.67 32.15
N SER D 69 15.62 12.69 31.48
CA SER D 69 16.25 11.89 30.44
C SER D 69 15.59 12.17 29.09
N TRP D 70 16.30 11.82 28.02
CA TRP D 70 15.70 11.96 26.68
C TRP D 70 14.41 11.14 26.53
N PRO D 71 14.30 9.90 27.03
CA PRO D 71 13.01 9.21 26.94
C PRO D 71 11.85 10.03 27.47
N THR D 72 12.05 10.73 28.58
CA THR D 72 10.99 11.60 29.09
C THR D 72 10.72 12.77 28.15
N VAL D 73 11.78 13.40 27.65
CA VAL D 73 11.62 14.52 26.72
C VAL D 73 10.80 14.07 25.51
N TYR D 74 11.18 12.92 24.92
CA TYR D 74 10.51 12.46 23.70
C TYR D 74 9.06 12.13 23.96
N GLU D 75 8.74 11.52 25.10
CA GLU D 75 7.34 11.25 25.41
C GLU D 75 6.57 12.54 25.64
N ALA D 76 7.20 13.53 26.26
CA ALA D 76 6.52 14.82 26.45
C ALA D 76 6.26 15.52 25.12
N ILE D 77 7.23 15.45 24.19
CA ILE D 77 7.05 16.05 22.87
C ILE D 77 5.86 15.42 22.17
N ALA D 78 5.80 14.09 22.16
CA ALA D 78 4.70 13.41 21.48
C ALA D 78 3.37 13.78 22.13
N GLU D 79 3.33 13.83 23.46
CA GLU D 79 2.09 14.14 24.15
C GLU D 79 1.60 15.53 23.79
N ILE D 80 2.48 16.52 23.84
CA ILE D 80 2.08 17.87 23.49
C ILE D 80 1.72 17.95 22.01
N ALA D 81 2.51 17.32 21.14
CA ALA D 81 2.20 17.34 19.71
C ALA D 81 0.83 16.73 19.41
N SER D 82 0.39 15.74 20.20
CA SER D 82 -0.89 15.10 19.94
C SER D 82 -2.04 16.07 20.18
N ALA D 83 -1.82 17.08 21.02
CA ALA D 83 -2.82 18.11 21.31
C ALA D 83 -2.71 19.32 20.39
N ASP D 84 -1.49 19.75 20.08
CA ASP D 84 -1.23 20.97 19.31
C ASP D 84 0.12 20.76 18.65
N ALA D 85 0.12 20.50 17.35
CA ALA D 85 1.36 20.15 16.68
C ALA D 85 2.33 21.32 16.65
N SER D 86 1.83 22.56 16.58
CA SER D 86 2.73 23.70 16.59
C SER D 86 3.45 23.82 17.92
N LEU D 87 2.71 23.67 19.01
CA LEU D 87 3.33 23.74 20.33
C LEU D 87 4.26 22.55 20.54
N GLY D 88 3.88 21.38 20.03
CA GLY D 88 4.78 20.24 20.09
C GLY D 88 6.07 20.52 19.36
N HIS D 89 5.96 21.09 18.16
CA HIS D 89 7.11 21.46 17.35
C HIS D 89 7.98 22.49 18.08
N LEU D 90 7.36 23.53 18.63
CA LEU D 90 8.13 24.56 19.32
C LEU D 90 8.89 23.97 20.50
N PHE D 91 8.19 23.14 21.27
CA PHE D 91 8.76 22.45 22.43
C PHE D 91 9.88 21.51 22.01
N GLY D 92 9.64 20.68 21.00
CA GLY D 92 10.67 19.79 20.52
C GLY D 92 11.89 20.50 19.97
N TYR D 93 11.68 21.52 19.13
N TYR D 93 11.69 21.55 19.17
CA TYR D 93 12.79 22.27 18.58
CA TYR D 93 12.88 22.19 18.60
C TYR D 93 13.62 22.89 19.68
C TYR D 93 13.62 23.04 19.63
N HIS D 94 12.96 23.40 20.73
CA HIS D 94 13.70 23.93 21.87
C HIS D 94 14.75 22.94 22.34
N PHE D 95 14.40 21.64 22.39
CA PHE D 95 15.35 20.65 22.83
C PHE D 95 16.39 20.31 21.77
N SER D 96 16.05 20.40 20.48
CA SER D 96 17.08 20.34 19.44
C SER D 96 18.10 21.46 19.61
N ASN D 97 17.61 22.68 19.81
CA ASN D 97 18.51 23.81 20.04
C ASN D 97 19.34 23.59 21.29
N PHE D 98 18.71 23.13 22.37
CA PHE D 98 19.43 22.84 23.60
C PHE D 98 20.49 21.78 23.38
N ALA D 99 20.15 20.73 22.62
CA ALA D 99 21.10 19.65 22.36
C ALA D 99 22.34 20.19 21.66
N TYR D 100 22.16 21.09 20.70
CA TYR D 100 23.29 21.68 20.01
C TYR D 100 24.19 22.44 20.98
N VAL D 101 23.59 23.29 21.81
CA VAL D 101 24.34 24.02 22.82
C VAL D 101 25.11 23.07 23.71
N ASP D 102 24.45 21.98 24.14
CA ASP D 102 25.07 21.11 25.12
C ASP D 102 26.24 20.36 24.52
N LEU D 103 26.16 20.00 23.24
CA LEU D 103 27.20 19.26 22.56
C LEU D 103 28.40 20.12 22.17
N PHE D 104 28.25 21.45 22.08
CA PHE D 104 29.34 22.30 21.62
C PHE D 104 29.81 23.35 22.64
N ALA D 105 28.97 23.75 23.59
CA ALA D 105 29.36 24.76 24.55
C ALA D 105 30.40 24.20 25.53
N SER D 106 31.24 25.09 26.06
CA SER D 106 32.20 24.69 27.07
C SER D 106 31.51 24.50 28.41
N PRO D 107 32.12 23.74 29.33
CA PRO D 107 31.54 23.62 30.68
C PRO D 107 31.37 24.96 31.34
N GLU D 108 32.31 25.89 31.14
CA GLU D 108 32.20 27.23 31.70
C GLU D 108 31.00 27.98 31.14
N GLN D 109 30.75 27.88 29.82
CA GLN D 109 29.57 28.51 29.25
C GLN D 109 28.29 27.92 29.83
N LYS D 110 28.23 26.59 29.90
CA LYS D 110 27.01 25.93 30.40
C LYS D 110 26.77 26.25 31.86
N ALA D 111 27.85 26.42 32.64
CA ALA D 111 27.69 26.74 34.05
C ALA D 111 27.00 28.08 34.24
N ARG D 112 27.22 29.01 33.31
CA ARG D 112 26.52 30.29 33.31
C ARG D 112 25.15 30.20 32.65
N TRP D 113 25.10 29.65 31.42
CA TRP D 113 23.86 29.66 30.65
C TRP D 113 22.75 28.85 31.30
N TYR D 114 23.06 27.68 31.86
CA TYR D 114 21.93 26.82 32.21
C TYR D 114 21.20 27.36 33.44
N PRO D 115 21.88 27.79 34.51
CA PRO D 115 21.11 28.43 35.59
C PRO D 115 20.35 29.66 35.14
N GLN D 116 20.92 30.41 34.19
CA GLN D 116 20.23 31.57 33.64
C GLN D 116 18.98 31.14 32.90
N ALA D 117 19.06 30.06 32.11
CA ALA D 117 17.89 29.57 31.38
C ALA D 117 16.81 29.11 32.33
N VAL D 118 17.19 28.56 33.49
CA VAL D 118 16.22 28.17 34.50
C VAL D 118 15.56 29.41 35.11
N ARG D 119 16.37 30.36 35.57
CA ARG D 119 15.86 31.57 36.23
C ARG D 119 14.96 32.38 35.30
N GLU D 120 15.41 32.61 34.08
CA GLU D 120 14.70 33.47 33.15
C GLU D 120 13.69 32.70 32.29
N ARG D 121 13.52 31.40 32.53
CA ARG D 121 12.51 30.58 31.84
C ARG D 121 12.68 30.66 30.32
N TRP D 122 13.89 30.37 29.88
CA TRP D 122 14.24 30.49 28.46
C TRP D 122 13.52 29.45 27.59
N PHE D 123 12.97 29.95 26.49
CA PHE D 123 12.40 29.17 25.40
C PHE D 123 13.26 29.48 24.18
N LEU D 124 14.01 28.49 23.70
CA LEU D 124 15.03 28.72 22.69
C LEU D 124 14.43 28.65 21.30
N GLY D 125 14.86 29.57 20.43
CA GLY D 125 14.47 29.57 19.03
C GLY D 125 15.68 29.36 18.13
N ASN D 126 15.39 29.24 16.83
CA ASN D 126 16.35 28.71 15.87
C ASN D 126 16.42 29.63 14.64
N ALA D 127 17.64 29.93 14.20
CA ALA D 127 17.83 30.72 12.99
C ALA D 127 19.22 30.50 12.36
N SER D 128 19.45 29.41 11.64
CA SER D 128 18.52 28.33 11.44
C SER D 128 19.38 27.11 11.25
N SER D 129 18.89 25.94 11.65
CA SER D 129 19.59 24.67 11.50
C SER D 129 19.43 24.07 10.10
N GLU D 130 18.73 24.74 9.21
CA GLU D 130 18.27 24.16 7.96
C GLU D 130 18.61 25.05 6.77
N LEU D 136 20.93 23.57 2.61
CA LEU D 136 21.86 23.43 1.50
C LEU D 136 23.05 24.39 1.70
N ASP D 137 23.18 25.40 0.83
CA ASP D 137 24.33 26.31 0.84
C ASP D 137 23.97 27.60 1.58
N TRP D 138 24.67 27.86 2.69
CA TRP D 138 24.34 28.97 3.57
C TRP D 138 25.08 30.24 3.16
N ARG D 139 24.36 31.38 3.14
CA ARG D 139 24.93 32.66 2.77
C ARG D 139 24.75 33.77 3.81
N VAL D 140 24.16 33.49 4.98
CA VAL D 140 24.30 34.39 6.12
C VAL D 140 25.74 34.30 6.62
N THR D 141 26.40 35.44 6.70
CA THR D 141 27.84 35.48 6.89
C THR D 141 28.21 36.01 8.28
N ALA D 142 29.40 35.61 8.73
CA ALA D 142 29.98 36.02 10.00
C ALA D 142 31.34 36.63 9.68
N THR D 143 31.46 37.94 9.85
CA THR D 143 32.70 38.64 9.57
C THR D 143 33.48 38.81 10.87
N PRO D 144 34.71 38.32 10.95
CA PRO D 144 35.45 38.41 12.20
C PRO D 144 35.86 39.85 12.49
N LEU D 145 35.68 40.25 13.73
CA LEU D 145 36.18 41.51 14.23
C LEU D 145 37.41 41.27 15.08
N PRO D 146 38.24 42.29 15.29
CA PRO D 146 39.58 42.03 15.87
C PRO D 146 39.56 41.45 17.27
N ASP D 147 38.55 41.75 18.07
CA ASP D 147 38.51 41.33 19.46
C ASP D 147 37.91 39.94 19.67
N GLY D 148 37.79 39.15 18.60
CA GLY D 148 37.18 37.85 18.70
C GLY D 148 35.69 37.81 18.43
N SER D 149 35.04 38.97 18.34
CA SER D 149 33.62 38.99 18.04
C SER D 149 33.39 38.84 16.53
N TYR D 150 32.13 38.68 16.16
CA TYR D 150 31.74 38.58 14.76
C TYR D 150 30.59 39.54 14.51
N GLU D 151 30.41 39.87 13.24
CA GLU D 151 29.23 40.58 12.77
C GLU D 151 28.48 39.67 11.81
N ILE D 152 27.19 39.48 12.08
CA ILE D 152 26.34 38.57 11.30
C ILE D 152 25.49 39.40 10.34
N ASN D 153 25.46 38.99 9.08
CA ASN D 153 24.64 39.68 8.07
C ASN D 153 23.95 38.68 7.15
N GLY D 154 22.67 38.92 6.87
CA GLY D 154 21.92 38.12 5.92
C GLY D 154 20.56 37.74 6.45
N THR D 155 19.80 37.04 5.60
CA THR D 155 18.45 36.61 5.94
C THR D 155 18.37 35.09 5.96
N LYS D 156 17.86 34.55 7.06
CA LYS D 156 17.58 33.13 7.26
C LYS D 156 16.09 32.85 7.09
N ALA D 157 15.78 31.68 6.54
CA ALA D 157 14.40 31.20 6.38
C ALA D 157 14.12 30.04 7.32
N PHE D 158 12.83 29.74 7.48
CA PHE D 158 12.39 28.58 8.27
C PHE D 158 12.95 28.65 9.70
N CYS D 159 12.96 29.84 10.28
CA CYS D 159 13.52 30.08 11.61
C CYS D 159 12.48 29.69 12.66
N SER D 160 12.37 28.39 12.91
CA SER D 160 11.35 27.89 13.83
C SER D 160 11.48 28.52 15.21
N GLY D 161 10.35 28.92 15.76
CA GLY D 161 10.30 29.46 17.10
C GLY D 161 11.09 30.73 17.27
N SER D 162 11.24 31.52 16.19
CA SER D 162 12.02 32.74 16.25
C SER D 162 11.27 33.90 16.88
N ALA D 163 9.96 33.77 17.08
CA ALA D 163 9.18 34.78 17.77
C ALA D 163 9.14 34.47 19.26
N ASP D 164 9.21 35.51 20.09
CA ASP D 164 9.12 35.34 21.53
C ASP D 164 10.21 34.41 22.06
N ALA D 165 11.37 34.40 21.41
CA ALA D 165 12.47 33.54 21.81
C ALA D 165 13.40 34.29 22.76
N ASP D 166 13.74 33.67 23.90
CA ASP D 166 14.68 34.30 24.82
C ASP D 166 16.10 34.31 24.27
N ARG D 167 16.48 33.27 23.53
CA ARG D 167 17.73 33.21 22.79
C ARG D 167 17.45 32.57 21.43
N LEU D 168 18.22 32.98 20.44
CA LEU D 168 18.23 32.33 19.14
C LEU D 168 19.55 31.58 18.98
N LEU D 169 19.46 30.33 18.53
CA LEU D 169 20.61 29.58 18.06
C LEU D 169 20.80 29.95 16.60
N VAL D 170 21.90 30.65 16.30
CA VAL D 170 22.17 31.22 14.98
CA VAL D 170 22.17 31.22 14.98
C VAL D 170 23.36 30.52 14.36
N PHE D 171 23.29 30.30 13.05
CA PHE D 171 24.37 29.71 12.28
C PHE D 171 24.75 30.65 11.16
N ALA D 172 26.06 30.77 10.89
CA ALA D 172 26.55 31.61 9.81
C ALA D 172 27.85 31.01 9.30
N VAL D 173 28.30 31.49 8.14
CA VAL D 173 29.56 31.07 7.56
C VAL D 173 30.52 32.26 7.56
N THR D 174 31.78 32.00 7.90
CA THR D 174 32.76 33.07 7.97
C THR D 174 32.95 33.71 6.60
N SER D 175 33.20 35.01 6.61
CA SER D 175 33.40 35.79 5.40
C SER D 175 34.40 36.89 5.73
N ARG D 176 35.15 37.33 4.72
CA ARG D 176 36.19 38.32 4.94
C ARG D 176 37.13 37.86 6.06
N ASP D 177 37.40 36.57 6.06
CA ASP D 177 38.10 35.93 7.16
C ASP D 177 39.50 35.51 6.73
N PRO D 178 40.55 36.12 7.24
CA PRO D 178 41.91 35.73 6.83
C PRO D 178 42.26 34.32 7.23
N ASN D 179 41.52 33.72 8.15
CA ASN D 179 41.80 32.37 8.61
C ASN D 179 40.93 31.32 7.94
N GLY D 180 40.12 31.71 6.95
CA GLY D 180 39.38 30.76 6.14
C GLY D 180 37.92 31.09 6.05
N ASP D 181 37.46 31.40 4.84
CA ASP D 181 36.06 31.69 4.59
C ASP D 181 35.25 30.39 4.51
N GLY D 182 33.93 30.53 4.72
CA GLY D 182 33.02 29.41 4.56
C GLY D 182 32.94 28.47 5.74
N ARG D 183 33.57 28.81 6.85
CA ARG D 183 33.57 27.96 8.04
C ARG D 183 32.34 28.26 8.88
N ILE D 184 31.64 27.22 9.31
CA ILE D 184 30.38 27.41 10.02
C ILE D 184 30.66 27.82 11.45
N VAL D 185 30.02 28.91 11.88
CA VAL D 185 30.03 29.30 13.28
C VAL D 185 28.59 29.28 13.77
N ALA D 186 28.45 29.00 15.06
CA ALA D 186 27.15 28.99 15.72
C ALA D 186 27.27 29.79 17.00
N ALA D 187 26.16 30.42 17.38
CA ALA D 187 26.14 31.26 18.56
C ALA D 187 24.74 31.23 19.15
N LEU D 188 24.66 31.57 20.43
CA LEU D 188 23.39 31.68 21.14
C LEU D 188 23.28 33.13 21.60
N ILE D 189 22.36 33.88 21.01
CA ILE D 189 22.29 35.33 21.21
C ILE D 189 20.88 35.74 21.58
N PRO D 190 20.73 36.89 22.24
CA PRO D 190 19.38 37.42 22.51
C PRO D 190 18.68 37.78 21.21
N SER D 191 17.37 37.55 21.17
CA SER D 191 16.61 37.80 19.96
C SER D 191 16.36 39.29 19.74
N ASP D 192 16.53 40.11 20.77
CA ASP D 192 16.33 41.54 20.64
C ASP D 192 17.64 42.29 20.54
N ARG D 193 18.74 41.59 20.26
CA ARG D 193 19.99 42.28 20.01
C ARG D 193 19.87 43.19 18.79
N ALA D 194 20.55 44.33 18.86
CA ALA D 194 20.48 45.30 17.77
C ALA D 194 20.83 44.64 16.44
N GLY D 195 19.99 44.88 15.45
CA GLY D 195 20.20 44.35 14.13
C GLY D 195 19.44 43.08 13.82
N VAL D 196 18.83 42.44 14.82
CA VAL D 196 18.04 41.23 14.60
C VAL D 196 16.61 41.65 14.29
N GLN D 197 16.11 41.25 13.12
CA GLN D 197 14.73 41.53 12.72
C GLN D 197 14.01 40.23 12.42
N VAL D 198 13.10 39.84 13.30
CA VAL D 198 12.20 38.71 13.03
C VAL D 198 11.07 39.22 12.14
N ASN D 199 10.96 38.65 10.93
CA ASN D 199 10.17 39.29 9.88
C ASN D 199 8.68 38.98 9.94
N GLY D 200 8.27 37.94 10.64
CA GLY D 200 6.85 37.65 10.81
C GLY D 200 6.11 37.26 9.54
N ASP D 201 6.77 36.55 8.63
CA ASP D 201 6.20 36.22 7.33
C ASP D 201 5.83 34.73 7.22
N TRP D 202 5.51 34.08 8.32
CA TRP D 202 5.12 32.67 8.30
C TRP D 202 3.62 32.56 8.10
N ASP D 203 3.21 31.93 7.00
CA ASP D 203 1.78 31.76 6.69
C ASP D 203 1.67 30.45 5.89
N SER D 204 1.47 29.36 6.62
CA SER D 204 1.75 28.00 6.15
C SER D 204 0.48 27.17 6.09
N LEU D 205 0.57 26.04 5.40
CA LEU D 205 -0.55 25.11 5.35
C LEU D 205 -0.86 24.57 6.73
N GLY D 206 0.17 24.05 7.40
CA GLY D 206 0.05 23.54 8.75
C GLY D 206 1.25 24.01 9.57
N MET D 207 1.36 23.52 10.80
CA MET D 207 2.35 24.04 11.74
C MET D 207 2.24 25.56 11.82
N ARG D 208 1.00 26.04 11.87
CA ARG D 208 0.74 27.45 11.59
C ARG D 208 1.17 28.37 12.73
N GLN D 209 1.36 27.85 13.95
CA GLN D 209 1.79 28.68 15.06
C GLN D 209 3.23 28.42 15.47
N THR D 210 4.08 27.96 14.55
CA THR D 210 5.48 27.73 14.87
C THR D 210 6.38 28.92 14.57
N ASP D 211 5.86 30.00 13.99
CA ASP D 211 6.65 31.20 13.72
C ASP D 211 7.96 30.83 13.01
N SER D 212 7.82 30.06 11.94
CA SER D 212 8.98 29.56 11.19
C SER D 212 9.30 30.41 9.98
N GLY D 213 9.10 31.72 10.09
CA GLY D 213 9.41 32.66 9.03
C GLY D 213 10.88 33.03 8.98
N SER D 214 11.14 34.14 8.30
CA SER D 214 12.52 34.56 8.05
C SER D 214 12.99 35.52 9.13
N VAL D 215 14.30 35.58 9.31
CA VAL D 215 14.96 36.51 10.22
C VAL D 215 16.08 37.18 9.46
N THR D 216 16.14 38.51 9.54
CA THR D 216 17.17 39.29 8.85
C THR D 216 18.15 39.85 9.86
N PHE D 217 19.43 39.61 9.63
CA PHE D 217 20.51 40.09 10.49
C PHE D 217 21.21 41.25 9.79
N SER D 218 21.26 42.40 10.44
CA SER D 218 21.93 43.59 9.93
C SER D 218 23.00 44.00 10.93
N GLY D 219 24.26 43.67 10.62
CA GLY D 219 25.37 44.06 11.47
C GLY D 219 25.26 43.58 12.89
N VAL D 220 24.77 42.37 13.10
CA VAL D 220 24.52 41.87 14.44
C VAL D 220 25.83 41.40 15.07
N VAL D 221 26.13 41.92 16.24
CA VAL D 221 27.34 41.55 16.95
C VAL D 221 27.13 40.22 17.68
N VAL D 222 28.10 39.32 17.56
CA VAL D 222 28.18 38.11 18.36
C VAL D 222 29.48 38.18 19.17
N TYR D 223 29.37 38.05 20.50
CA TYR D 223 30.54 38.14 21.36
C TYR D 223 31.20 36.78 21.52
N PRO D 224 32.50 36.77 21.82
CA PRO D 224 33.20 35.48 21.92
C PRO D 224 32.56 34.51 22.88
N ASP D 225 32.01 35.00 23.98
CA ASP D 225 31.47 34.08 24.97
C ASP D 225 30.09 33.58 24.59
N GLU D 226 29.56 33.98 23.43
CA GLU D 226 28.32 33.45 22.89
C GLU D 226 28.54 32.40 21.80
N LEU D 227 29.78 32.21 21.37
CA LEU D 227 30.07 31.28 20.29
C LEU D 227 30.05 29.86 20.80
N LEU D 228 29.63 28.95 19.94
CA LEU D 228 29.55 27.53 20.25
C LEU D 228 30.66 26.81 19.49
N GLY D 229 31.75 26.54 20.17
CA GLY D 229 32.89 25.94 19.54
C GLY D 229 33.65 26.93 18.66
N THR D 230 34.51 26.37 17.84
CA THR D 230 35.36 27.14 16.94
C THR D 230 34.81 27.08 15.52
N PRO D 231 35.24 27.99 14.64
CA PRO D 231 34.70 27.97 13.26
C PRO D 231 35.03 26.67 12.56
N GLY D 232 33.99 26.07 11.97
CA GLY D 232 34.13 24.82 11.28
C GLY D 232 34.12 23.60 12.16
N GLN D 233 34.02 23.77 13.48
CA GLN D 233 34.07 22.61 14.36
C GLN D 233 32.92 21.65 14.09
N VAL D 234 31.71 22.17 13.79
CA VAL D 234 30.59 21.27 13.54
C VAL D 234 30.87 20.42 12.30
N THR D 235 31.49 21.02 11.28
CA THR D 235 31.85 20.26 10.08
C THR D 235 32.88 19.18 10.41
N ASP D 236 33.88 19.51 11.23
CA ASP D 236 34.84 18.51 11.67
C ASP D 236 34.16 17.38 12.41
N ALA D 237 33.21 17.72 13.29
CA ALA D 237 32.52 16.68 14.06
C ALA D 237 31.67 15.79 13.17
N PHE D 238 31.00 16.37 12.17
CA PHE D 238 30.27 15.54 11.21
C PHE D 238 31.22 14.62 10.47
N ALA D 239 32.35 15.15 9.98
CA ALA D 239 33.29 14.33 9.21
C ALA D 239 33.92 13.22 10.03
N SER D 240 34.06 13.44 11.34
CA SER D 240 34.61 12.44 12.25
C SER D 240 33.56 11.49 12.79
N GLY D 241 32.27 11.81 12.64
CA GLY D 241 31.25 11.01 13.29
C GLY D 241 31.34 11.01 14.80
N SER D 242 31.86 12.08 15.39
CA SER D 242 32.07 12.15 16.82
C SER D 242 30.83 12.60 17.58
N LYS D 243 30.95 12.68 18.90
CA LYS D 243 29.77 12.88 19.75
C LYS D 243 28.93 14.08 19.34
N PRO D 244 29.48 15.23 18.98
CA PRO D 244 28.59 16.35 18.62
C PRO D 244 27.72 16.05 17.41
N SER D 245 28.14 15.13 16.54
CA SER D 245 27.30 14.72 15.41
C SER D 245 26.06 13.95 15.85
N LEU D 246 25.92 13.65 17.15
CA LEU D 246 24.66 13.11 17.67
C LEU D 246 23.52 14.10 17.51
N TRP D 247 23.80 15.38 17.27
CA TRP D 247 22.74 16.36 17.17
C TRP D 247 21.69 15.92 16.14
N THR D 248 22.15 15.36 15.01
CA THR D 248 21.21 15.03 13.94
C THR D 248 20.29 13.88 14.32
N PRO D 249 20.76 12.72 14.75
CA PRO D 249 19.81 11.68 15.16
C PRO D 249 18.90 12.12 16.29
N ILE D 250 19.43 12.90 17.25
CA ILE D 250 18.59 13.42 18.33
C ILE D 250 17.44 14.23 17.76
N THR D 251 17.75 15.10 16.80
CA THR D 251 16.76 16.01 16.23
C THR D 251 15.80 15.27 15.30
N GLN D 252 16.32 14.36 14.49
CA GLN D 252 15.46 13.57 13.62
C GLN D 252 14.50 12.68 14.43
N LEU D 253 14.91 12.25 15.62
CA LEU D 253 13.99 11.52 16.47
C LEU D 253 12.98 12.45 17.15
N ILE D 254 13.34 13.72 17.37
CA ILE D 254 12.34 14.71 17.81
C ILE D 254 11.24 14.81 16.77
N PHE D 255 11.62 14.93 15.49
CA PHE D 255 10.64 14.98 14.41
C PHE D 255 9.77 13.73 14.40
N THR D 256 10.40 12.56 14.57
CA THR D 256 9.66 11.30 14.61
C THR D 256 8.57 11.34 15.67
N HIS D 257 8.89 11.88 16.85
CA HIS D 257 7.90 11.94 17.91
C HIS D 257 6.82 12.98 17.64
N LEU D 258 7.12 14.06 16.92
CA LEU D 258 6.05 14.91 16.43
C LEU D 258 5.07 14.11 15.58
N TYR D 259 5.59 13.28 14.67
CA TYR D 259 4.70 12.57 13.75
C TYR D 259 3.90 11.51 14.49
N LEU D 260 4.52 10.82 15.44
CA LEU D 260 3.79 9.81 16.21
C LEU D 260 2.75 10.49 17.09
N GLY D 261 3.07 11.67 17.62
CA GLY D 261 2.11 12.38 18.45
C GLY D 261 0.91 12.85 17.65
N ILE D 262 1.15 13.45 16.49
CA ILE D 262 0.07 13.83 15.60
C ILE D 262 -0.77 12.62 15.25
N ALA D 263 -0.12 11.51 14.92
CA ALA D 263 -0.86 10.30 14.57
C ALA D 263 -1.78 9.87 15.70
N ARG D 264 -1.26 9.83 16.93
CA ARG D 264 -2.10 9.41 18.05
C ARG D 264 -3.22 10.41 18.29
N GLY D 265 -2.94 11.70 18.23
CA GLY D 265 -3.98 12.70 18.43
C GLY D 265 -5.08 12.58 17.40
N ALA D 266 -4.70 12.38 16.13
CA ALA D 266 -5.69 12.23 15.08
C ALA D 266 -6.54 10.97 15.27
N LEU D 267 -5.91 9.85 15.61
CA LEU D 267 -6.66 8.63 15.86
C LEU D 267 -7.66 8.80 16.99
N GLU D 268 -7.25 9.45 18.07
CA GLU D 268 -8.16 9.60 19.21
C GLU D 268 -9.30 10.54 18.87
N GLU D 269 -8.99 11.64 18.19
CA GLU D 269 -10.03 12.59 17.81
C GLU D 269 -11.03 11.93 16.87
N ALA D 270 -10.54 11.14 15.90
CA ALA D 270 -11.44 10.42 15.01
C ALA D 270 -12.32 9.45 15.79
N ALA D 271 -11.74 8.69 16.72
CA ALA D 271 -12.52 7.71 17.47
C ALA D 271 -13.62 8.39 18.28
N HIS D 272 -13.31 9.54 18.87
CA HIS D 272 -14.32 10.29 19.60
C HIS D 272 -15.46 10.70 18.67
N TYR D 273 -15.13 11.15 17.46
CA TYR D 273 -16.16 11.49 16.51
C TYR D 273 -16.98 10.27 16.12
N SER D 274 -16.30 9.15 15.82
CA SER D 274 -17.01 7.93 15.45
C SER D 274 -17.98 7.50 16.55
N ARG D 275 -17.55 7.60 17.81
CA ARG D 275 -18.42 7.16 18.90
C ARG D 275 -19.61 8.10 19.07
N SER D 276 -19.41 9.40 18.85
CA SER D 276 -20.44 10.36 19.23
C SER D 276 -21.25 10.88 18.05
N HIS D 277 -20.80 10.67 16.82
CA HIS D 277 -21.40 11.39 15.69
C HIS D 277 -21.64 10.53 14.47
N SER D 278 -20.86 9.49 14.23
CA SER D 278 -21.00 8.76 12.98
C SER D 278 -22.32 8.01 12.99
N ARG D 279 -23.03 8.07 11.87
CA ARG D 279 -24.19 7.24 11.59
C ARG D 279 -23.77 5.97 10.88
N PRO D 280 -24.48 4.86 11.06
CA PRO D 280 -24.22 3.71 10.19
C PRO D 280 -24.65 4.00 8.77
N PHE D 281 -23.86 3.55 7.79
CA PHE D 281 -24.30 3.65 6.41
C PHE D 281 -25.60 2.88 6.25
N THR D 282 -26.57 3.48 5.57
CA THR D 282 -27.92 2.92 5.55
C THR D 282 -27.94 1.53 4.95
N LEU D 283 -27.04 1.24 4.00
CA LEU D 283 -26.98 -0.09 3.40
C LEU D 283 -26.07 -1.05 4.16
N ALA D 284 -25.51 -0.65 5.30
CA ALA D 284 -24.55 -1.52 5.99
C ALA D 284 -25.23 -2.69 6.68
N GLY D 285 -26.51 -2.57 7.02
CA GLY D 285 -27.13 -3.59 7.84
C GLY D 285 -26.53 -3.67 9.23
N VAL D 286 -25.85 -2.63 9.67
CA VAL D 286 -25.36 -2.56 11.04
C VAL D 286 -26.06 -1.39 11.73
N GLU D 287 -26.24 -1.52 13.04
CA GLU D 287 -27.01 -0.54 13.78
C GLU D 287 -26.17 0.62 14.26
N LYS D 288 -24.87 0.40 14.49
CA LYS D 288 -23.97 1.43 14.97
C LYS D 288 -22.70 1.44 14.13
N ALA D 289 -22.23 2.64 13.78
CA ALA D 289 -20.98 2.77 13.04
C ALA D 289 -19.82 2.15 13.78
N THR D 290 -19.85 2.15 15.12
CA THR D 290 -18.77 1.57 15.91
C THR D 290 -18.74 0.05 15.84
N GLU D 291 -19.76 -0.59 15.27
CA GLU D 291 -19.74 -2.02 15.01
C GLU D 291 -19.55 -2.35 13.54
N ASP D 292 -19.37 -1.35 12.69
CA ASP D 292 -19.19 -1.60 11.27
C ASP D 292 -17.85 -2.28 11.03
N PRO D 293 -17.81 -3.39 10.28
CA PRO D 293 -16.55 -4.12 10.15
C PRO D 293 -15.45 -3.32 9.48
N TYR D 294 -15.80 -2.40 8.60
CA TYR D 294 -14.79 -1.67 7.86
C TYR D 294 -14.29 -0.48 8.67
N VAL D 295 -15.17 0.16 9.43
CA VAL D 295 -14.74 1.15 10.41
C VAL D 295 -13.77 0.52 11.39
N LEU D 296 -14.12 -0.66 11.92
CA LEU D 296 -13.24 -1.31 12.90
C LEU D 296 -11.90 -1.67 12.26
N ALA D 297 -11.90 -2.08 11.00
CA ALA D 297 -10.64 -2.43 10.33
C ALA D 297 -9.74 -1.21 10.15
N ILE D 298 -10.31 -0.04 9.85
CA ILE D 298 -9.49 1.16 9.72
C ILE D 298 -8.81 1.50 11.04
N TYR D 299 -9.59 1.60 12.12
CA TYR D 299 -8.99 1.87 13.42
C TYR D 299 -7.97 0.80 13.79
N GLY D 300 -8.27 -0.46 13.51
CA GLY D 300 -7.36 -1.52 13.91
C GLY D 300 -6.04 -1.47 13.17
N GLU D 301 -6.12 -1.25 11.86
CA GLU D 301 -4.90 -1.23 11.05
C GLU D 301 -3.98 -0.07 11.50
N PHE D 302 -4.55 1.11 11.72
CA PHE D 302 -3.72 2.24 12.10
C PHE D 302 -3.30 2.19 13.57
N ALA D 303 -4.20 1.75 14.47
CA ALA D 303 -3.81 1.62 15.87
C ALA D 303 -2.69 0.61 16.03
N ALA D 304 -2.74 -0.48 15.28
CA ALA D 304 -1.71 -1.52 15.38
C ALA D 304 -0.36 -0.97 14.96
N GLN D 305 -0.32 -0.29 13.81
CA GLN D 305 0.93 0.30 13.35
C GLN D 305 1.46 1.32 14.34
N LEU D 306 0.56 2.13 14.92
CA LEU D 306 0.98 3.10 15.93
C LEU D 306 1.61 2.40 17.12
N GLN D 307 0.99 1.31 17.61
CA GLN D 307 1.53 0.63 18.78
C GLN D 307 2.95 0.15 18.52
N VAL D 308 3.18 -0.45 17.34
CA VAL D 308 4.52 -0.97 17.04
C VAL D 308 5.51 0.16 16.89
N ALA D 309 5.13 1.23 16.17
CA ALA D 309 6.01 2.37 15.98
C ALA D 309 6.37 3.02 17.32
N GLU D 310 5.38 3.21 18.19
CA GLU D 310 5.67 3.83 19.49
C GLU D 310 6.58 2.95 20.33
N ALA D 311 6.34 1.63 20.34
CA ALA D 311 7.19 0.71 21.08
C ALA D 311 8.63 0.75 20.57
N GLY D 312 8.80 0.70 19.25
CA GLY D 312 10.13 0.79 18.70
C GLY D 312 10.81 2.12 19.02
N ALA D 313 10.04 3.20 19.02
CA ALA D 313 10.61 4.52 19.26
C ALA D 313 11.15 4.63 20.67
N ARG D 314 10.49 3.97 21.64
CA ARG D 314 10.96 4.00 23.01
C ARG D 314 12.35 3.38 23.14
N GLU D 315 12.61 2.29 22.40
CA GLU D 315 13.93 1.68 22.44
C GLU D 315 14.99 2.62 21.90
N VAL D 316 14.69 3.30 20.79
CA VAL D 316 15.68 4.19 20.20
C VAL D 316 15.93 5.38 21.11
N ALA D 317 14.89 5.85 21.82
CA ALA D 317 15.07 6.97 22.73
C ALA D 317 16.01 6.59 23.89
N LEU D 318 15.92 5.35 24.35
CA LEU D 318 16.84 4.87 25.38
C LEU D 318 18.27 4.90 24.87
N ARG D 319 18.48 4.55 23.61
CA ARG D 319 19.84 4.54 23.08
C ARG D 319 20.36 5.97 22.93
N VAL D 320 19.49 6.92 22.59
CA VAL D 320 19.92 8.32 22.57
C VAL D 320 20.49 8.70 23.93
N GLN D 321 19.78 8.34 25.01
CA GLN D 321 20.22 8.71 26.35
C GLN D 321 21.55 8.04 26.69
N GLU D 322 21.67 6.77 26.35
CA GLU D 322 22.91 6.04 26.61
C GLU D 322 24.11 6.75 25.98
N LEU D 323 24.00 7.15 24.71
CA LEU D 323 25.12 7.81 24.05
C LEU D 323 25.29 9.25 24.50
N TRP D 324 24.19 9.92 24.87
CA TRP D 324 24.24 11.26 25.42
C TRP D 324 25.11 11.33 26.67
N GLU D 325 25.11 10.26 27.45
CA GLU D 325 25.87 10.20 28.69
C GLU D 325 27.33 9.84 28.47
N ARG D 326 27.70 9.31 27.30
CA ARG D 326 29.08 8.91 27.04
C ARG D 326 29.99 10.11 26.85
N ASN D 327 31.24 9.98 27.32
CA ASN D 327 32.23 11.02 27.06
C ASN D 327 32.66 11.02 25.60
N HIS D 328 32.70 9.86 24.98
CA HIS D 328 33.10 9.76 23.58
C HIS D 328 32.16 8.83 22.84
N VAL D 329 31.91 9.15 21.59
CA VAL D 329 31.03 8.35 20.73
C VAL D 329 31.77 8.07 19.42
N THR D 330 31.72 6.81 18.99
CA THR D 330 32.38 6.40 17.76
C THR D 330 31.46 6.62 16.56
N PRO D 331 32.03 6.73 15.35
CA PRO D 331 31.17 6.83 14.17
C PRO D 331 30.29 5.61 13.98
N GLU D 332 30.71 4.45 14.49
N GLU D 332 30.74 4.44 14.44
CA GLU D 332 29.87 3.26 14.39
CA GLU D 332 29.89 3.26 14.40
C GLU D 332 28.67 3.36 15.32
C GLU D 332 28.66 3.45 15.29
N GLN D 333 28.88 3.87 16.54
CA GLN D 333 27.77 4.09 17.46
C GLN D 333 26.83 5.15 16.91
N ARG D 334 27.39 6.24 16.37
CA ARG D 334 26.55 7.32 15.84
C ARG D 334 25.80 6.85 14.61
N GLY D 335 26.46 6.11 13.73
CA GLY D 335 25.82 5.65 12.51
C GLY D 335 24.73 4.63 12.77
N GLN D 336 24.97 3.70 13.69
CA GLN D 336 23.92 2.74 14.03
C GLN D 336 22.70 3.45 14.60
N LEU D 337 22.92 4.44 15.47
CA LEU D 337 21.79 5.18 16.02
C LEU D 337 21.05 5.92 14.91
N MET D 338 21.79 6.57 14.02
CA MET D 338 21.15 7.35 12.95
C MET D 338 20.31 6.43 12.07
N VAL D 339 20.80 5.23 11.77
CA VAL D 339 20.00 4.29 10.99
C VAL D 339 18.70 3.95 11.72
N GLN D 340 18.79 3.71 13.03
CA GLN D 340 17.59 3.37 13.78
C GLN D 340 16.62 4.55 13.83
N VAL D 341 17.14 5.77 13.99
CA VAL D 341 16.29 6.96 13.97
C VAL D 341 15.65 7.14 12.59
N ALA D 342 16.43 7.01 11.53
CA ALA D 342 15.89 7.15 10.18
C ALA D 342 14.77 6.16 9.94
N SER D 343 14.97 4.91 10.37
CA SER D 343 13.95 3.89 10.20
C SER D 343 12.66 4.29 10.91
N ALA D 344 12.77 4.74 12.17
CA ALA D 344 11.60 5.18 12.90
C ALA D 344 10.93 6.35 12.18
N LYS D 345 11.73 7.28 11.65
CA LYS D 345 11.15 8.45 11.02
C LYS D 345 10.41 8.07 9.75
N ILE D 346 10.97 7.14 8.97
CA ILE D 346 10.32 6.66 7.76
C ILE D 346 8.96 6.07 8.09
N VAL D 347 8.92 5.16 9.06
CA VAL D 347 7.68 4.48 9.42
C VAL D 347 6.67 5.49 9.95
N ALA D 348 7.11 6.42 10.79
CA ALA D 348 6.19 7.40 11.36
C ALA D 348 5.66 8.36 10.29
N THR D 349 6.51 8.71 9.33
CA THR D 349 6.09 9.58 8.25
C THR D 349 4.99 8.92 7.43
N ARG D 350 5.22 7.69 6.98
CA ARG D 350 4.20 7.00 6.20
C ARG D 350 2.90 6.84 6.99
N LEU D 351 3.04 6.45 8.26
CA LEU D 351 1.86 6.22 9.11
C LEU D 351 1.03 7.50 9.26
N VAL D 352 1.67 8.60 9.66
CA VAL D 352 0.89 9.79 9.96
C VAL D 352 0.26 10.37 8.70
N ILE D 353 0.97 10.31 7.56
CA ILE D 353 0.42 10.87 6.33
C ILE D 353 -0.78 10.06 5.87
N GLU D 354 -0.73 8.73 6.00
N GLU D 354 -0.72 8.74 5.98
CA GLU D 354 -1.84 7.90 5.55
CA GLU D 354 -1.86 7.92 5.56
C GLU D 354 -3.02 8.02 6.52
C GLU D 354 -3.03 8.07 6.53
N LEU D 355 -2.75 7.99 7.82
CA LEU D 355 -3.79 7.97 8.83
C LEU D 355 -4.59 9.27 8.85
N THR D 356 -3.92 10.41 8.77
CA THR D 356 -4.62 11.68 8.90
C THR D 356 -5.54 11.95 7.72
N SER D 357 -5.29 11.32 6.57
CA SER D 357 -6.19 11.40 5.44
C SER D 357 -7.27 10.31 5.46
N ARG D 358 -6.88 9.05 5.71
CA ARG D 358 -7.80 7.93 5.57
C ARG D 358 -8.82 7.83 6.69
N LEU D 359 -8.55 8.41 7.86
CA LEU D 359 -9.50 8.26 8.95
C LEU D 359 -10.84 8.90 8.63
N TYR D 360 -10.89 9.86 7.70
CA TYR D 360 -12.19 10.37 7.26
C TYR D 360 -13.09 9.24 6.80
N GLU D 361 -12.52 8.19 6.22
N GLU D 361 -12.53 8.17 6.24
CA GLU D 361 -13.33 7.07 5.73
CA GLU D 361 -13.36 7.09 5.72
C GLU D 361 -14.08 6.39 6.86
C GLU D 361 -14.01 6.29 6.85
N ALA D 362 -13.50 6.40 8.07
CA ALA D 362 -14.15 5.83 9.24
C ALA D 362 -15.17 6.77 9.88
N MET D 363 -15.09 8.07 9.61
CA MET D 363 -15.96 9.05 10.26
C MET D 363 -17.19 9.40 9.44
N GLY D 364 -17.05 9.52 8.13
CA GLY D 364 -18.16 9.79 7.25
C GLY D 364 -18.14 11.21 6.69
N ALA D 365 -19.10 11.44 5.78
CA ALA D 365 -19.11 12.69 5.02
C ALA D 365 -19.25 13.92 5.90
N ARG D 366 -20.02 13.83 6.99
CA ARG D 366 -20.26 15.02 7.80
C ARG D 366 -18.99 15.53 8.47
N ALA D 367 -17.98 14.68 8.66
CA ALA D 367 -16.73 15.14 9.23
C ALA D 367 -15.97 16.07 8.30
N ALA D 368 -16.20 15.98 6.98
CA ALA D 368 -15.66 16.92 6.01
C ALA D 368 -16.65 18.01 5.62
N ALA D 369 -17.94 17.72 5.68
CA ALA D 369 -18.94 18.70 5.29
C ALA D 369 -18.95 19.89 6.24
N SER D 370 -18.57 19.68 7.48
CA SER D 370 -18.52 20.72 8.50
C SER D 370 -17.07 21.15 8.68
N ARG D 371 -16.69 22.24 8.01
N ARG D 371 -16.68 22.22 7.99
CA ARG D 371 -15.31 22.72 8.10
CA ARG D 371 -15.31 22.71 8.11
C ARG D 371 -14.92 23.00 9.54
C ARG D 371 -14.93 22.93 9.57
N GLN D 372 -15.88 23.42 10.38
CA GLN D 372 -15.58 23.79 11.76
C GLN D 372 -15.04 22.63 12.59
N PHE D 373 -15.40 21.39 12.25
CA PHE D 373 -14.87 20.25 12.98
C PHE D 373 -13.34 20.32 13.01
N GLY D 374 -12.73 20.73 11.91
CA GLY D 374 -11.32 21.05 11.89
C GLY D 374 -10.37 19.86 11.93
N PHE D 375 -10.84 18.66 11.59
CA PHE D 375 -9.99 17.49 11.67
C PHE D 375 -8.84 17.54 10.67
N ASP D 376 -8.97 18.33 9.60
CA ASP D 376 -7.92 18.42 8.59
C ASP D 376 -6.65 19.03 9.15
N ARG D 377 -6.71 19.68 10.31
CA ARG D 377 -5.52 20.21 10.96
C ARG D 377 -4.44 19.14 11.09
N PHE D 378 -4.82 17.91 11.43
CA PHE D 378 -3.83 16.87 11.65
C PHE D 378 -3.07 16.59 10.37
N TRP D 379 -3.78 16.41 9.26
CA TRP D 379 -3.12 16.19 7.98
C TRP D 379 -2.28 17.40 7.58
N ARG D 380 -2.85 18.60 7.71
CA ARG D 380 -2.11 19.81 7.34
C ARG D 380 -0.80 19.90 8.12
N ASP D 381 -0.85 19.70 9.43
CA ASP D 381 0.36 19.80 10.25
C ASP D 381 1.39 18.75 9.84
N ALA D 382 0.96 17.49 9.74
CA ALA D 382 1.89 16.42 9.39
C ALA D 382 2.38 16.59 7.97
N ARG D 383 1.48 16.95 7.05
CA ARG D 383 1.89 17.07 5.65
C ARG D 383 2.95 18.15 5.50
N THR D 384 2.84 19.23 6.30
CA THR D 384 3.82 20.30 6.24
C THR D 384 5.16 19.85 6.79
N HIS D 385 5.20 19.35 8.02
CA HIS D 385 6.52 19.17 8.62
C HIS D 385 7.23 17.94 8.09
N THR D 386 6.52 16.90 7.64
CA THR D 386 7.19 15.72 7.09
C THR D 386 8.03 16.03 5.87
N LEU D 387 7.86 17.20 5.26
CA LEU D 387 8.69 17.64 4.13
C LEU D 387 9.98 18.31 4.56
N HIS D 388 10.24 18.41 5.87
CA HIS D 388 11.43 19.08 6.36
C HIS D 388 12.68 18.63 5.61
N ASP D 389 12.84 17.32 5.48
CA ASP D 389 13.82 16.75 4.58
C ASP D 389 13.20 15.51 3.96
N PRO D 390 13.62 15.14 2.75
CA PRO D 390 12.85 14.16 1.96
C PRO D 390 12.98 12.75 2.53
N VAL D 391 11.83 12.13 2.82
CA VAL D 391 11.85 10.78 3.35
C VAL D 391 12.48 9.82 2.34
N ALA D 392 12.44 10.16 1.06
CA ALA D 392 13.05 9.29 0.05
C ALA D 392 14.53 9.11 0.31
N TYR D 393 15.20 10.15 0.82
CA TYR D 393 16.62 10.03 1.10
C TYR D 393 16.89 9.40 2.45
N LYS D 394 15.97 9.47 3.40
CA LYS D 394 16.09 8.64 4.58
C LYS D 394 15.98 7.16 4.21
N ILE D 395 15.07 6.84 3.31
CA ILE D 395 14.94 5.47 2.81
C ILE D 395 16.23 5.02 2.12
N ARG D 396 16.79 5.88 1.25
CA ARG D 396 18.03 5.51 0.57
C ARG D 396 19.15 5.30 1.57
N GLU D 397 19.19 6.13 2.60
CA GLU D 397 20.24 6.01 3.61
C GLU D 397 20.13 4.67 4.34
N VAL D 398 18.93 4.27 4.74
CA VAL D 398 18.77 2.97 5.38
C VAL D 398 19.12 1.86 4.40
N GLY D 399 18.76 2.01 3.12
CA GLY D 399 19.07 1.00 2.14
C GLY D 399 20.57 0.85 1.90
N ASN D 400 21.27 1.99 1.83
CA ASN D 400 22.72 2.00 1.61
C ASN D 400 23.43 1.38 2.81
N TRP D 401 22.91 1.57 4.02
CA TRP D 401 23.45 0.88 5.19
C TRP D 401 23.22 -0.62 5.09
N PHE D 402 21.97 -1.04 4.84
CA PHE D 402 21.66 -2.46 4.90
C PHE D 402 22.35 -3.21 3.78
N LEU D 403 22.34 -2.66 2.57
CA LEU D 403 22.89 -3.37 1.43
C LEU D 403 24.41 -3.22 1.34
N ASN D 404 24.94 -2.02 1.56
CA ASN D 404 26.35 -1.73 1.31
C ASN D 404 27.17 -1.50 2.57
N HIS D 405 26.57 -1.62 3.75
CA HIS D 405 27.24 -1.42 5.04
C HIS D 405 27.85 -0.04 5.16
N ARG D 406 27.22 0.96 4.55
CA ARG D 406 27.68 2.34 4.59
C ARG D 406 26.74 3.13 5.51
N PHE D 407 27.29 3.72 6.58
CA PHE D 407 26.47 4.57 7.44
C PHE D 407 26.19 5.90 6.74
N PRO D 408 25.08 6.55 7.11
CA PRO D 408 24.78 7.85 6.52
C PRO D 408 25.93 8.83 6.73
N THR D 409 26.18 9.65 5.72
CA THR D 409 27.17 10.72 5.89
C THR D 409 26.62 11.75 6.86
N PRO D 410 27.28 12.00 8.00
CA PRO D 410 26.71 12.96 8.95
C PRO D 410 26.62 14.36 8.35
N SER D 411 25.48 15.01 8.62
CA SER D 411 25.19 16.36 8.14
C SER D 411 24.11 16.93 9.03
N PHE D 412 23.64 18.14 8.71
CA PHE D 412 22.48 18.67 9.41
C PHE D 412 21.20 17.89 9.12
N TYR D 413 21.22 16.95 8.15
CA TYR D 413 20.03 16.19 7.78
C TYR D 413 20.18 14.67 7.91
N SER D 414 21.40 14.16 8.10
CA SER D 414 21.63 12.73 8.09
C SER D 414 22.76 12.38 9.02
#